data_7ROE
# 
_entry.id   7ROE 
# 
_audit_conform.dict_name       mmcif_pdbx.dic 
_audit_conform.dict_version    5.403 
_audit_conform.dict_location   http://mmcif.pdb.org/dictionaries/ascii/mmcif_pdbx.dic 
# 
loop_
_database_2.database_id 
_database_2.database_code 
_database_2.pdbx_database_accession 
_database_2.pdbx_DOI 
PDB   7ROE         pdb_00007roe 10.2210/pdb7roe/pdb 
WWPDB D_1000258675 ?            ?                   
EMDB  EMD-24593    ?            ?                   
# 
loop_
_pdbx_audit_revision_history.ordinal 
_pdbx_audit_revision_history.data_content_type 
_pdbx_audit_revision_history.major_revision 
_pdbx_audit_revision_history.minor_revision 
_pdbx_audit_revision_history.revision_date 
_pdbx_audit_revision_history.part_number 
1  'Structure model' 1 0 2022-03-30 ? 
2  'EM metadata'     1 0 2022-03-30 ? 
3  Image             1 0 2022-03-30 ? 
4  'Primary map'     1 0 2022-03-30 ? 
5  'Structure model' 1 1 2022-04-06 ? 
6  Image             1 0 2022-03-30 ? 
7  'Primary map'     1 0 2022-03-30 ? 
8  'Structure model' 1 2 2022-04-27 ? 
9  Image             1 0 2022-03-30 ? 
10 'Primary map'     1 0 2022-03-30 ? 
11 'Structure model' 1 3 2024-06-05 ? 
12 Image             1 0 2022-03-30 ? 
13 'Primary map'     1 0 2022-03-30 ? 
14 'Structure model' 1 4 2025-05-14 ? 
15 'EM metadata'     1 1 2025-05-14 ? 
# 
loop_
_pdbx_audit_revision_details.ordinal 
_pdbx_audit_revision_details.revision_ordinal 
_pdbx_audit_revision_details.data_content_type 
_pdbx_audit_revision_details.provider 
_pdbx_audit_revision_details.type 
_pdbx_audit_revision_details.description 
_pdbx_audit_revision_details.details 
1  1  'Structure model' repository 'Initial release' ? ? 
2  2  'EM metadata'     repository 'Initial release' ? ? 
3  3  Image             repository 'Initial release' ? ? 
4  4  'Primary map'     repository 'Initial release' ? ? 
5  6  Image             repository 'Initial release' ? ? 
6  7  'Primary map'     repository 'Initial release' ? ? 
7  9  Image             repository 'Initial release' ? ? 
8  10 'Primary map'     repository 'Initial release' ? ? 
9  12 Image             repository 'Initial release' ? ? 
10 13 'Primary map'     repository 'Initial release' ? ? 
# 
loop_
_pdbx_audit_revision_group.ordinal 
_pdbx_audit_revision_group.revision_ordinal 
_pdbx_audit_revision_group.data_content_type 
_pdbx_audit_revision_group.group 
1 5  'Structure model' 'Database references'  
2 8  'Structure model' 'Database references'  
3 11 'Structure model' 'Data collection'      
4 14 'Structure model' 'Data collection'      
5 14 'Structure model' 'Structure summary'    
6 15 'EM metadata'     'Data processing'      
7 15 'EM metadata'     'Experimental summary' 
# 
loop_
_pdbx_audit_revision_category.ordinal 
_pdbx_audit_revision_category.revision_ordinal 
_pdbx_audit_revision_category.data_content_type 
_pdbx_audit_revision_category.category 
1  5  'Structure model' citation           
2  5  'Structure model' citation_author    
3  8  'Structure model' citation           
4  11 'Structure model' chem_comp_atom     
5  11 'Structure model' chem_comp_bond     
6  14 'Structure model' em_admin           
7  14 'Structure model' em_software        
8  14 'Structure model' pdbx_entry_details 
9  15 'EM metadata'     em_admin           
10 15 'EM metadata'     em_software        
# 
loop_
_pdbx_audit_revision_item.ordinal 
_pdbx_audit_revision_item.revision_ordinal 
_pdbx_audit_revision_item.data_content_type 
_pdbx_audit_revision_item.item 
1  5  'Structure model' '_citation.country'                 
2  5  'Structure model' '_citation.journal_abbrev'          
3  5  'Structure model' '_citation.journal_id_ASTM'         
4  5  'Structure model' '_citation.journal_id_CSD'          
5  5  'Structure model' '_citation.journal_id_ISSN'         
6  5  'Structure model' '_citation.pdbx_database_id_PubMed' 
7  5  'Structure model' '_citation.title'                   
8  5  'Structure model' '_citation_author.name'             
9  8  'Structure model' '_citation.journal_volume'          
10 8  'Structure model' '_citation.page_first'              
11 8  'Structure model' '_citation.page_last'               
12 14 'Structure model' '_em_admin.last_update'             
13 14 'Structure model' '_em_software.name'                 
14 15 'EM metadata'     '_em_admin.last_update'             
15 15 'EM metadata'     '_em_software.name'                 
# 
_pdbx_database_status.status_code                     REL 
_pdbx_database_status.status_code_sf                  ? 
_pdbx_database_status.status_code_mr                  ? 
_pdbx_database_status.entry_id                        7ROE 
_pdbx_database_status.recvd_initial_deposition_date   2021-07-30 
_pdbx_database_status.SG_entry                        N 
_pdbx_database_status.deposit_site                    RCSB 
_pdbx_database_status.process_site                    RCSB 
_pdbx_database_status.status_code_cs                  ? 
_pdbx_database_status.status_code_nmr_data            ? 
_pdbx_database_status.methods_development_category    ? 
_pdbx_database_status.pdb_format_compatible           Y 
# 
_pdbx_database_related.db_name        EMDB 
_pdbx_database_related.details        'Cryo-EM reconstruction of Sulfolobus monocaudavirus SMV1, symmetry 9' 
_pdbx_database_related.db_id          EMD-24593 
_pdbx_database_related.content_type   'associated EM volume' 
# 
loop_
_audit_author.name 
_audit_author.pdbx_ordinal 
_audit_author.identifier_ORCID 
'Wang, F.'               1 0000-0003-1008-663X 
'Cvirkaite-Krupovic, V.' 2 ?                   
'Krupovic, M.'           3 ?                   
'Egelman, E.H.'          4 ?                   
# 
_citation.abstract                  ? 
_citation.abstract_id_CAS           ? 
_citation.book_id_ISBN              ? 
_citation.book_publisher            ? 
_citation.book_publisher_city       ? 
_citation.book_title                ? 
_citation.coordinate_linkage        ? 
_citation.country                   ? 
_citation.database_id_Medline       ? 
_citation.details                   ? 
_citation.id                        primary 
_citation.journal_abbrev            Cell 
_citation.journal_id_ASTM           ? 
_citation.journal_id_CSD            ? 
_citation.journal_id_ISSN           1097-4172 
_citation.journal_full              ? 
_citation.journal_issue             ? 
_citation.journal_volume            185 
_citation.language                  ? 
_citation.page_first                1297 
_citation.page_last                 1307.e11 
_citation.title                     'Spindle-shaped archaeal viruses evolved from rod-shaped ancestors to package a larger genome.' 
_citation.year                      2022 
_citation.database_id_CSD           ? 
_citation.pdbx_database_id_DOI      10.1016/j.cell.2022.02.019 
_citation.pdbx_database_id_PubMed   35325592 
_citation.pdbx_database_id_patent   ? 
_citation.unpublished_flag          ? 
# 
loop_
_citation_author.citation_id 
_citation_author.name 
_citation_author.ordinal 
_citation_author.identifier_ORCID 
primary 'Wang, F.'               1  ? 
primary 'Cvirkaite-Krupovic, V.' 2  ? 
primary 'Vos, M.'                3  ? 
primary 'Beltran, L.C.'          4  ? 
primary 'Kreutzberger, M.A.B.'   5  ? 
primary 'Winter, J.M.'           6  ? 
primary 'Su, Z.'                 7  ? 
primary 'Liu, J.'                8  ? 
primary 'Schouten, S.'           9  ? 
primary 'Krupovic, M.'           10 ? 
primary 'Egelman, E.H.'          11 ? 
# 
_entity.id                         1 
_entity.type                       polymer 
_entity.src_method                 nat 
_entity.pdbx_description           'major capsid protein' 
_entity.formula_weight             16179.297 
_entity.pdbx_number_of_molecules   1 
_entity.pdbx_ec                    ? 
_entity.pdbx_mutation              ? 
_entity.pdbx_fragment              ? 
_entity.details                    ? 
# 
_entity_poly.entity_id                      1 
_entity_poly.type                           'polypeptide(L)' 
_entity_poly.nstd_linkage                   no 
_entity_poly.nstd_monomer                   no 
_entity_poly.pdbx_seq_one_letter_code       
;MSVSVVVPSAKATGAGGKKAKTFKVIKVSTPKVNNVHVPKIKKATRIHDPGAISGSLAKVTFGTNGFDIPTIAIALLIVG
VIIGLSGLILSIFATATASAISNPSPGTLAYNLTHPLINGMVSFFSFFPTLYVLLGVTGIVLIAAGIISIIMEKFKT
;
_entity_poly.pdbx_seq_one_letter_code_can   
;MSVSVVVPSAKATGAGGKKAKTFKVIKVSTPKVNNVHVPKIKKATRIHDPGAISGSLAKVTFGTNGFDIPTIAIALLIVG
VIIGLSGLILSIFATATASAISNPSPGTLAYNLTHPLINGMVSFFSFFPTLYVLLGVTGIVLIAAGIISIIMEKFKT
;
_entity_poly.pdbx_strand_id                 A 
_entity_poly.pdbx_target_identifier         ? 
# 
loop_
_entity_poly_seq.entity_id 
_entity_poly_seq.num 
_entity_poly_seq.mon_id 
_entity_poly_seq.hetero 
1 1   MET n 
1 2   SER n 
1 3   VAL n 
1 4   SER n 
1 5   VAL n 
1 6   VAL n 
1 7   VAL n 
1 8   PRO n 
1 9   SER n 
1 10  ALA n 
1 11  LYS n 
1 12  ALA n 
1 13  THR n 
1 14  GLY n 
1 15  ALA n 
1 16  GLY n 
1 17  GLY n 
1 18  LYS n 
1 19  LYS n 
1 20  ALA n 
1 21  LYS n 
1 22  THR n 
1 23  PHE n 
1 24  LYS n 
1 25  VAL n 
1 26  ILE n 
1 27  LYS n 
1 28  VAL n 
1 29  SER n 
1 30  THR n 
1 31  PRO n 
1 32  LYS n 
1 33  VAL n 
1 34  ASN n 
1 35  ASN n 
1 36  VAL n 
1 37  HIS n 
1 38  VAL n 
1 39  PRO n 
1 40  LYS n 
1 41  ILE n 
1 42  LYS n 
1 43  LYS n 
1 44  ALA n 
1 45  THR n 
1 46  ARG n 
1 47  ILE n 
1 48  HIS n 
1 49  ASP n 
1 50  PRO n 
1 51  GLY n 
1 52  ALA n 
1 53  ILE n 
1 54  SER n 
1 55  GLY n 
1 56  SER n 
1 57  LEU n 
1 58  ALA n 
1 59  LYS n 
1 60  VAL n 
1 61  THR n 
1 62  PHE n 
1 63  GLY n 
1 64  THR n 
1 65  ASN n 
1 66  GLY n 
1 67  PHE n 
1 68  ASP n 
1 69  ILE n 
1 70  PRO n 
1 71  THR n 
1 72  ILE n 
1 73  ALA n 
1 74  ILE n 
1 75  ALA n 
1 76  LEU n 
1 77  LEU n 
1 78  ILE n 
1 79  VAL n 
1 80  GLY n 
1 81  VAL n 
1 82  ILE n 
1 83  ILE n 
1 84  GLY n 
1 85  LEU n 
1 86  SER n 
1 87  GLY n 
1 88  LEU n 
1 89  ILE n 
1 90  LEU n 
1 91  SER n 
1 92  ILE n 
1 93  PHE n 
1 94  ALA n 
1 95  THR n 
1 96  ALA n 
1 97  THR n 
1 98  ALA n 
1 99  SER n 
1 100 ALA n 
1 101 ILE n 
1 102 SER n 
1 103 ASN n 
1 104 PRO n 
1 105 SER n 
1 106 PRO n 
1 107 GLY n 
1 108 THR n 
1 109 LEU n 
1 110 ALA n 
1 111 TYR n 
1 112 ASN n 
1 113 LEU n 
1 114 THR n 
1 115 HIS n 
1 116 PRO n 
1 117 LEU n 
1 118 ILE n 
1 119 ASN n 
1 120 GLY n 
1 121 MET n 
1 122 VAL n 
1 123 SER n 
1 124 PHE n 
1 125 PHE n 
1 126 SER n 
1 127 PHE n 
1 128 PHE n 
1 129 PRO n 
1 130 THR n 
1 131 LEU n 
1 132 TYR n 
1 133 VAL n 
1 134 LEU n 
1 135 LEU n 
1 136 GLY n 
1 137 VAL n 
1 138 THR n 
1 139 GLY n 
1 140 ILE n 
1 141 VAL n 
1 142 LEU n 
1 143 ILE n 
1 144 ALA n 
1 145 ALA n 
1 146 GLY n 
1 147 ILE n 
1 148 ILE n 
1 149 SER n 
1 150 ILE n 
1 151 ILE n 
1 152 MET n 
1 153 GLU n 
1 154 LYS n 
1 155 PHE n 
1 156 LYS n 
1 157 THR n 
# 
_entity_src_nat.entity_id                  1 
_entity_src_nat.pdbx_src_id                1 
_entity_src_nat.pdbx_alt_source_flag       sample 
_entity_src_nat.pdbx_beg_seq_num           1 
_entity_src_nat.pdbx_end_seq_num           157 
_entity_src_nat.common_name                ? 
_entity_src_nat.pdbx_organism_scientific   'Sulfolobus monocaudavirus SMV1' 
_entity_src_nat.pdbx_ncbi_taxonomy_id      1351702 
_entity_src_nat.genus                      ? 
_entity_src_nat.species                    ? 
_entity_src_nat.strain                     ? 
_entity_src_nat.tissue                     ? 
_entity_src_nat.tissue_fraction            ? 
_entity_src_nat.pdbx_secretion             ? 
_entity_src_nat.pdbx_fragment              ? 
_entity_src_nat.pdbx_variant               ? 
_entity_src_nat.pdbx_cell_line             ? 
_entity_src_nat.pdbx_atcc                  ? 
_entity_src_nat.pdbx_cellular_location     ? 
_entity_src_nat.pdbx_organ                 ? 
_entity_src_nat.pdbx_organelle             ? 
_entity_src_nat.pdbx_cell                  ? 
_entity_src_nat.pdbx_plasmid_name          ? 
_entity_src_nat.pdbx_plasmid_details       ? 
_entity_src_nat.details                    ? 
# 
loop_
_chem_comp.id 
_chem_comp.type 
_chem_comp.mon_nstd_flag 
_chem_comp.name 
_chem_comp.pdbx_synonyms 
_chem_comp.formula 
_chem_comp.formula_weight 
ALA 'L-peptide linking' y ALANINE         ? 'C3 H7 N O2'     89.093  
ARG 'L-peptide linking' y ARGININE        ? 'C6 H15 N4 O2 1' 175.209 
ASN 'L-peptide linking' y ASPARAGINE      ? 'C4 H8 N2 O3'    132.118 
ASP 'L-peptide linking' y 'ASPARTIC ACID' ? 'C4 H7 N O4'     133.103 
GLU 'L-peptide linking' y 'GLUTAMIC ACID' ? 'C5 H9 N O4'     147.129 
GLY 'peptide linking'   y GLYCINE         ? 'C2 H5 N O2'     75.067  
HIS 'L-peptide linking' y HISTIDINE       ? 'C6 H10 N3 O2 1' 156.162 
ILE 'L-peptide linking' y ISOLEUCINE      ? 'C6 H13 N O2'    131.173 
LEU 'L-peptide linking' y LEUCINE         ? 'C6 H13 N O2'    131.173 
LYS 'L-peptide linking' y LYSINE          ? 'C6 H15 N2 O2 1' 147.195 
MET 'L-peptide linking' y METHIONINE      ? 'C5 H11 N O2 S'  149.211 
PHE 'L-peptide linking' y PHENYLALANINE   ? 'C9 H11 N O2'    165.189 
PRO 'L-peptide linking' y PROLINE         ? 'C5 H9 N O2'     115.130 
SER 'L-peptide linking' y SERINE          ? 'C3 H7 N O3'     105.093 
THR 'L-peptide linking' y THREONINE       ? 'C4 H9 N O3'     119.119 
TYR 'L-peptide linking' y TYROSINE        ? 'C9 H11 N O3'    181.189 
VAL 'L-peptide linking' y VALINE          ? 'C5 H11 N O2'    117.146 
# 
loop_
_pdbx_poly_seq_scheme.asym_id 
_pdbx_poly_seq_scheme.entity_id 
_pdbx_poly_seq_scheme.seq_id 
_pdbx_poly_seq_scheme.mon_id 
_pdbx_poly_seq_scheme.ndb_seq_num 
_pdbx_poly_seq_scheme.pdb_seq_num 
_pdbx_poly_seq_scheme.auth_seq_num 
_pdbx_poly_seq_scheme.pdb_mon_id 
_pdbx_poly_seq_scheme.auth_mon_id 
_pdbx_poly_seq_scheme.pdb_strand_id 
_pdbx_poly_seq_scheme.pdb_ins_code 
_pdbx_poly_seq_scheme.hetero 
A 1 1   MET 1   -58 ?  ?   ?   A . n 
A 1 2   SER 2   -57 ?  ?   ?   A . n 
A 1 3   VAL 3   -56 ?  ?   ?   A . n 
A 1 4   SER 4   -55 ?  ?   ?   A . n 
A 1 5   VAL 5   -54 ?  ?   ?   A . n 
A 1 6   VAL 6   -53 ?  ?   ?   A . n 
A 1 7   VAL 7   -52 ?  ?   ?   A . n 
A 1 8   PRO 8   -51 ?  ?   ?   A . n 
A 1 9   SER 9   -50 ?  ?   ?   A . n 
A 1 10  ALA 10  -49 ?  ?   ?   A . n 
A 1 11  LYS 11  -48 ?  ?   ?   A . n 
A 1 12  ALA 12  -47 ?  ?   ?   A . n 
A 1 13  THR 13  -46 ?  ?   ?   A . n 
A 1 14  GLY 14  -45 ?  ?   ?   A . n 
A 1 15  ALA 15  -44 ?  ?   ?   A . n 
A 1 16  GLY 16  -43 ?  ?   ?   A . n 
A 1 17  GLY 17  -42 ?  ?   ?   A . n 
A 1 18  LYS 18  -41 ?  ?   ?   A . n 
A 1 19  LYS 19  -40 ?  ?   ?   A . n 
A 1 20  ALA 20  -39 ?  ?   ?   A . n 
A 1 21  LYS 21  -38 ?  ?   ?   A . n 
A 1 22  THR 22  -37 ?  ?   ?   A . n 
A 1 23  PHE 23  -36 ?  ?   ?   A . n 
A 1 24  LYS 24  -35 ?  ?   ?   A . n 
A 1 25  VAL 25  -34 ?  ?   ?   A . n 
A 1 26  ILE 26  -33 ?  ?   ?   A . n 
A 1 27  LYS 27  -32 ?  ?   ?   A . n 
A 1 28  VAL 28  -31 ?  ?   ?   A . n 
A 1 29  SER 29  -30 ?  ?   ?   A . n 
A 1 30  THR 30  -29 ?  ?   ?   A . n 
A 1 31  PRO 31  -28 ?  ?   ?   A . n 
A 1 32  LYS 32  -27 ?  ?   ?   A . n 
A 1 33  VAL 33  -26 ?  ?   ?   A . n 
A 1 34  ASN 34  -25 ?  ?   ?   A . n 
A 1 35  ASN 35  -24 ?  ?   ?   A . n 
A 1 36  VAL 36  -23 ?  ?   ?   A . n 
A 1 37  HIS 37  -22 ?  ?   ?   A . n 
A 1 38  VAL 38  -21 ?  ?   ?   A . n 
A 1 39  PRO 39  -20 ?  ?   ?   A . n 
A 1 40  LYS 40  -19 ?  ?   ?   A . n 
A 1 41  ILE 41  -18 ?  ?   ?   A . n 
A 1 42  LYS 42  -17 ?  ?   ?   A . n 
A 1 43  LYS 43  -16 ?  ?   ?   A . n 
A 1 44  ALA 44  -15 ?  ?   ?   A . n 
A 1 45  THR 45  -14 ?  ?   ?   A . n 
A 1 46  ARG 46  -13 ?  ?   ?   A . n 
A 1 47  ILE 47  -12 ?  ?   ?   A . n 
A 1 48  HIS 48  -11 ?  ?   ?   A . n 
A 1 49  ASP 49  -10 ?  ?   ?   A . n 
A 1 50  PRO 50  -9  ?  ?   ?   A . n 
A 1 51  GLY 51  -8  ?  ?   ?   A . n 
A 1 52  ALA 52  -7  ?  ?   ?   A . n 
A 1 53  ILE 53  -6  ?  ?   ?   A . n 
A 1 54  SER 54  -5  ?  ?   ?   A . n 
A 1 55  GLY 55  -4  ?  ?   ?   A . n 
A 1 56  SER 56  -3  ?  ?   ?   A . n 
A 1 57  LEU 57  -2  ?  ?   ?   A . n 
A 1 58  ALA 58  -1  ?  ?   ?   A . n 
A 1 59  LYS 59  0   ?  ?   ?   A . n 
A 1 60  VAL 60  1   ?  ?   ?   A . n 
A 1 61  THR 61  2   ?  ?   ?   A . n 
A 1 62  PHE 62  3   3  PHE PHE A . n 
A 1 63  GLY 63  4   4  GLY GLY A . n 
A 1 64  THR 64  5   5  THR THR A . n 
A 1 65  ASN 65  6   6  ASN ASN A . n 
A 1 66  GLY 66  7   7  GLY GLY A . n 
A 1 67  PHE 67  8   8  PHE PHE A . n 
A 1 68  ASP 68  9   9  ASP ASP A . n 
A 1 69  ILE 69  10  10 ILE ILE A . n 
A 1 70  PRO 70  11  11 PRO PRO A . n 
A 1 71  THR 71  12  12 THR THR A . n 
A 1 72  ILE 72  13  13 ILE ILE A . n 
A 1 73  ALA 73  14  14 ALA ALA A . n 
A 1 74  ILE 74  15  15 ILE ILE A . n 
A 1 75  ALA 75  16  16 ALA ALA A . n 
A 1 76  LEU 76  17  17 LEU LEU A . n 
A 1 77  LEU 77  18  18 LEU LEU A . n 
A 1 78  ILE 78  19  19 ILE ILE A . n 
A 1 79  VAL 79  20  20 VAL VAL A . n 
A 1 80  GLY 80  21  21 GLY GLY A . n 
A 1 81  VAL 81  22  22 VAL VAL A . n 
A 1 82  ILE 82  23  23 ILE ILE A . n 
A 1 83  ILE 83  24  24 ILE ILE A . n 
A 1 84  GLY 84  25  25 GLY GLY A . n 
A 1 85  LEU 85  26  26 LEU LEU A . n 
A 1 86  SER 86  27  27 SER SER A . n 
A 1 87  GLY 87  28  28 GLY GLY A . n 
A 1 88  LEU 88  29  29 LEU LEU A . n 
A 1 89  ILE 89  30  30 ILE ILE A . n 
A 1 90  LEU 90  31  31 LEU LEU A . n 
A 1 91  SER 91  32  32 SER SER A . n 
A 1 92  ILE 92  33  33 ILE ILE A . n 
A 1 93  PHE 93  34  34 PHE PHE A . n 
A 1 94  ALA 94  35  35 ALA ALA A . n 
A 1 95  THR 95  36  36 THR THR A . n 
A 1 96  ALA 96  37  37 ALA ALA A . n 
A 1 97  THR 97  38  38 THR THR A . n 
A 1 98  ALA 98  39  39 ALA ALA A . n 
A 1 99  SER 99  40  40 SER SER A . n 
A 1 100 ALA 100 41  41 ALA ALA A . n 
A 1 101 ILE 101 42  42 ILE ILE A . n 
A 1 102 SER 102 43  43 SER SER A . n 
A 1 103 ASN 103 44  44 ASN ASN A . n 
A 1 104 PRO 104 45  45 PRO PRO A . n 
A 1 105 SER 105 46  46 SER SER A . n 
A 1 106 PRO 106 47  47 PRO PRO A . n 
A 1 107 GLY 107 48  48 GLY GLY A . n 
A 1 108 THR 108 49  49 THR THR A . n 
A 1 109 LEU 109 50  50 LEU LEU A . n 
A 1 110 ALA 110 51  51 ALA ALA A . n 
A 1 111 TYR 111 52  52 TYR TYR A . n 
A 1 112 ASN 112 53  53 ASN ASN A . n 
A 1 113 LEU 113 54  54 LEU LEU A . n 
A 1 114 THR 114 55  55 THR THR A . n 
A 1 115 HIS 115 56  56 HIS HIS A . n 
A 1 116 PRO 116 57  57 PRO PRO A . n 
A 1 117 LEU 117 58  58 LEU LEU A . n 
A 1 118 ILE 118 59  59 ILE ILE A . n 
A 1 119 ASN 119 60  60 ASN ASN A . n 
A 1 120 GLY 120 61  61 GLY GLY A . n 
A 1 121 MET 121 62  62 MET MET A . n 
A 1 122 VAL 122 63  63 VAL VAL A . n 
A 1 123 SER 123 64  64 SER SER A . n 
A 1 124 PHE 124 65  65 PHE PHE A . n 
A 1 125 PHE 125 66  66 PHE PHE A . n 
A 1 126 SER 126 67  67 SER SER A . n 
A 1 127 PHE 127 68  68 PHE PHE A . n 
A 1 128 PHE 128 69  69 PHE PHE A . n 
A 1 129 PRO 129 70  70 PRO PRO A . n 
A 1 130 THR 130 71  71 THR THR A . n 
A 1 131 LEU 131 72  72 LEU LEU A . n 
A 1 132 TYR 132 73  73 TYR TYR A . n 
A 1 133 VAL 133 74  74 VAL VAL A . n 
A 1 134 LEU 134 75  75 LEU LEU A . n 
A 1 135 LEU 135 76  76 LEU LEU A . n 
A 1 136 GLY 136 77  77 GLY GLY A . n 
A 1 137 VAL 137 78  78 VAL VAL A . n 
A 1 138 THR 138 79  79 THR THR A . n 
A 1 139 GLY 139 80  80 GLY GLY A . n 
A 1 140 ILE 140 81  81 ILE ILE A . n 
A 1 141 VAL 141 82  82 VAL VAL A . n 
A 1 142 LEU 142 83  83 LEU LEU A . n 
A 1 143 ILE 143 84  84 ILE ILE A . n 
A 1 144 ALA 144 85  85 ALA ALA A . n 
A 1 145 ALA 145 86  86 ALA ALA A . n 
A 1 146 GLY 146 87  87 GLY GLY A . n 
A 1 147 ILE 147 88  88 ILE ILE A . n 
A 1 148 ILE 148 89  89 ILE ILE A . n 
A 1 149 SER 149 90  90 SER SER A . n 
A 1 150 ILE 150 91  91 ILE ILE A . n 
A 1 151 ILE 151 92  92 ILE ILE A . n 
A 1 152 MET 152 93  93 MET MET A . n 
A 1 153 GLU 153 94  94 GLU GLU A . n 
A 1 154 LYS 154 95  95 LYS LYS A . n 
A 1 155 PHE 155 96  96 PHE PHE A . n 
A 1 156 LYS 156 97  ?  ?   ?   A . n 
A 1 157 THR 157 98  ?  ?   ?   A . n 
# 
_software.citation_id            ? 
_software.classification         refinement 
_software.compiler_name          ? 
_software.compiler_version       ? 
_software.contact_author         ? 
_software.contact_author_email   ? 
_software.date                   ? 
_software.description            ? 
_software.dependencies           ? 
_software.hardware               ? 
_software.language               ? 
_software.location               ? 
_software.mods                   ? 
_software.name                   PHENIX 
_software.os                     ? 
_software.os_version             ? 
_software.type                   ? 
_software.version                1.15.2_3472: 
_software.pdbx_ordinal           1 
# 
_exptl.absorpt_coefficient_mu     ? 
_exptl.absorpt_correction_T_max   ? 
_exptl.absorpt_correction_T_min   ? 
_exptl.absorpt_correction_type    ? 
_exptl.absorpt_process_details    ? 
_exptl.entry_id                   7ROE 
_exptl.crystals_number            ? 
_exptl.details                    ? 
_exptl.method                     'ELECTRON MICROSCOPY' 
_exptl.method_details             ? 
# 
_refine.pdbx_refine_id                           'ELECTRON MICROSCOPY' 
_refine.entry_id                                 7ROE 
_refine.pdbx_diffrn_id                           ? 
_refine.pdbx_TLS_residual_ADP_flag               ? 
_refine.ls_number_reflns_obs                     ? 
_refine.ls_number_reflns_all                     ? 
_refine.pdbx_ls_sigma_I                          ? 
_refine.pdbx_ls_sigma_F                          ? 
_refine.pdbx_data_cutoff_high_absF               ? 
_refine.pdbx_data_cutoff_low_absF                ? 
_refine.pdbx_data_cutoff_high_rms_absF           ? 
_refine.ls_d_res_low                             ? 
_refine.ls_d_res_high                            . 
_refine.ls_percent_reflns_obs                    ? 
_refine.ls_R_factor_obs                          ? 
_refine.ls_R_factor_all                          ? 
_refine.ls_R_factor_R_work                       ? 
_refine.ls_R_factor_R_free                       ? 
_refine.ls_R_factor_R_free_error                 ? 
_refine.ls_R_factor_R_free_error_details         ? 
_refine.ls_percent_reflns_R_free                 ? 
_refine.ls_number_reflns_R_free                  ? 
_refine.ls_number_parameters                     ? 
_refine.ls_number_restraints                     ? 
_refine.occupancy_min                            ? 
_refine.occupancy_max                            ? 
_refine.correlation_coeff_Fo_to_Fc               ? 
_refine.correlation_coeff_Fo_to_Fc_free          ? 
_refine.B_iso_mean                               ? 
_refine.aniso_B[1][1]                            ? 
_refine.aniso_B[2][2]                            ? 
_refine.aniso_B[3][3]                            ? 
_refine.aniso_B[1][2]                            ? 
_refine.aniso_B[1][3]                            ? 
_refine.aniso_B[2][3]                            ? 
_refine.solvent_model_details                    ? 
_refine.solvent_model_param_ksol                 ? 
_refine.solvent_model_param_bsol                 ? 
_refine.pdbx_solvent_vdw_probe_radii             ? 
_refine.pdbx_solvent_ion_probe_radii             ? 
_refine.pdbx_solvent_shrinkage_radii             ? 
_refine.pdbx_ls_cross_valid_method               ? 
_refine.details                                  ? 
_refine.pdbx_starting_model                      ? 
_refine.pdbx_method_to_determine_struct          ? 
_refine.pdbx_isotropic_thermal_model             ? 
_refine.pdbx_stereochemistry_target_values       ? 
_refine.pdbx_stereochem_target_val_spec_case     ? 
_refine.pdbx_R_Free_selection_details            ? 
_refine.pdbx_overall_ESU_R                       ? 
_refine.pdbx_overall_ESU_R_Free                  ? 
_refine.overall_SU_ML                            ? 
_refine.pdbx_overall_phase_error                 ? 
_refine.overall_SU_B                             ? 
_refine.overall_SU_R_Cruickshank_DPI             ? 
_refine.pdbx_overall_SU_R_free_Cruickshank_DPI   ? 
_refine.pdbx_overall_SU_R_Blow_DPI               ? 
_refine.pdbx_overall_SU_R_free_Blow_DPI          ? 
# 
loop_
_refine_ls_restr.pdbx_refine_id 
_refine_ls_restr.criterion 
_refine_ls_restr.dev_ideal 
_refine_ls_restr.dev_ideal_target 
_refine_ls_restr.number 
_refine_ls_restr.rejects 
_refine_ls_restr.type 
_refine_ls_restr.weight 
_refine_ls_restr.pdbx_restraint_function 
'ELECTRON MICROSCOPY' ? 0.006 ? 70100 ? f_bond_d           ? ? 
'ELECTRON MICROSCOPY' ? 0.681 ? 95900 ? f_angle_d          ? ? 
'ELECTRON MICROSCOPY' ? 6.319 ? 40100 ? f_dihedral_angle_d ? ? 
'ELECTRON MICROSCOPY' ? 0.043 ? 12600 ? f_chiral_restr     ? ? 
'ELECTRON MICROSCOPY' ? 0.006 ? 11500 ? f_plane_restr      ? ? 
# 
_struct.entry_id                     7ROE 
_struct.title                        'Cryo-EM reconstruction of Sulfolobus monocaudavirus SMV1, symmetry 9' 
_struct.pdbx_model_details           ? 
_struct.pdbx_formula_weight          ? 
_struct.pdbx_formula_weight_method   ? 
_struct.pdbx_model_type_details      ? 
_struct.pdbx_CASP_flag               N 
# 
_struct_keywords.entry_id        7ROE 
_struct_keywords.text            'helical symmetry, archaeal virus, lemon-shaped virus, spindle-shaped virus, VIRUS' 
_struct_keywords.pdbx_keywords   VIRUS 
# 
_struct_asym.id                            A 
_struct_asym.pdbx_blank_PDB_chainid_flag   N 
_struct_asym.pdbx_modified                 N 
_struct_asym.entity_id                     1 
_struct_asym.details                       ? 
# 
_struct_ref.id                         1 
_struct_ref.db_name                    UNP 
_struct_ref.db_code                    W0UUV5_9VIRU 
_struct_ref.pdbx_db_accession          W0UUV5 
_struct_ref.pdbx_db_isoform            ? 
_struct_ref.entity_id                  1 
_struct_ref.pdbx_seq_one_letter_code   
;MSVSVVVPSAKATGAGGKKAKTFKVIKVSTPKVNNVHVPKIKKATRIHDPGAISGSLAKVTFGTNGFDIPTIAIALLIVG
VIIGLSGLILSIFATATASAISNPSPGTLAYNLTHPLINGMVSFFSFFPTLYVLLGVTGIVLIAAGIISIIMEKFKT
;
_struct_ref.pdbx_align_begin           1 
# 
_struct_ref_seq.align_id                      1 
_struct_ref_seq.ref_id                        1 
_struct_ref_seq.pdbx_PDB_id_code              7ROE 
_struct_ref_seq.pdbx_strand_id                A 
_struct_ref_seq.seq_align_beg                 1 
_struct_ref_seq.pdbx_seq_align_beg_ins_code   ? 
_struct_ref_seq.seq_align_end                 157 
_struct_ref_seq.pdbx_seq_align_end_ins_code   ? 
_struct_ref_seq.pdbx_db_accession             W0UUV5 
_struct_ref_seq.db_align_beg                  1 
_struct_ref_seq.pdbx_db_align_beg_ins_code    ? 
_struct_ref_seq.db_align_end                  157 
_struct_ref_seq.pdbx_db_align_end_ins_code    ? 
_struct_ref_seq.pdbx_auth_seq_align_beg       -58 
_struct_ref_seq.pdbx_auth_seq_align_end       98 
# 
loop_
_pdbx_struct_assembly.id 
_pdbx_struct_assembly.details 
_pdbx_struct_assembly.method_details 
_pdbx_struct_assembly.oligomeric_details 
_pdbx_struct_assembly.oligomeric_count 
1 'representative helical assembly'            ? 200-meric 200 
2 'helical asymmetric unit'                    ? monomeric 1   
3 'helical asymmetric unit, std helical frame' ? monomeric 1   
# 
loop_
_pdbx_struct_assembly_gen.assembly_id 
_pdbx_struct_assembly_gen.oper_expression 
_pdbx_struct_assembly_gen.asym_id_list 
1 '(1-200)' A 
2 101       A 
3 H         A 
# 
_pdbx_struct_assembly_auth_evidence.id                     1 
_pdbx_struct_assembly_auth_evidence.assembly_id            1 
_pdbx_struct_assembly_auth_evidence.experimental_support   microscopy 
_pdbx_struct_assembly_auth_evidence.details                ? 
# 
loop_
_pdbx_struct_oper_list.id 
_pdbx_struct_oper_list.type 
_pdbx_struct_oper_list.name 
_pdbx_struct_oper_list.symmetry_operation 
_pdbx_struct_oper_list.matrix[1][1] 
_pdbx_struct_oper_list.matrix[1][2] 
_pdbx_struct_oper_list.matrix[1][3] 
_pdbx_struct_oper_list.vector[1] 
_pdbx_struct_oper_list.matrix[2][1] 
_pdbx_struct_oper_list.matrix[2][2] 
_pdbx_struct_oper_list.matrix[2][3] 
_pdbx_struct_oper_list.vector[2] 
_pdbx_struct_oper_list.matrix[3][1] 
_pdbx_struct_oper_list.matrix[3][2] 
_pdbx_struct_oper_list.matrix[3][3] 
_pdbx_struct_oper_list.vector[3] 
H   'identity operation'         1_555 x,y,z 1.00000000 0.00000000  0.00000000  0.00000   0.00000000  1.00000000  0.00000000  0.00000    0.00000000  0.00000000  1.00000000  0.00000    
1   'helical symmetry operation' ?     ?     0.99883654 -0.04724977 -0.00964496 -50.39390 0.04642405  0.99625922  -0.07288605 -3.07868   0.01305273  0.07235349  0.99729364  -36.30816  
2   'helical symmetry operation' ?     ?     0.86808904 -0.48889091 0.08606452  -16.52229 0.39527212  0.57587711  -0.71562945 -84.09541  0.30030214  0.65524899  0.69315755  -107.31930 
3   'helical symmetry operation' ?     ?     0.61151760 -0.65519942 0.44357632  45.91703  0.37948880  -0.24905675 -0.89104377 -76.24899  0.69428703  0.71322119  0.09633825  -201.09211 
4   'helical symmetry operation' ?     ?     0.41483061 -0.42579991 0.80412063  92.09850  0.01049818  -0.88144887 -0.47216276 14.72368   0.90983809  0.20430937  -0.36118185 -249.51547 
5   'helical symmetry operation' ?     ?     0.42039163 0.03326647  0.90673272  88.96409  -0.44462148 -0.86356897 0.23782426  122.91831  0.79093781  -0.50313217 -0.34824618 -217.30250 
6   'helical symmetry operation' ?     ?     0.62417555 0.38972394  0.67714115  39.15101  -0.65645106 -0.20835865 0.72502322  169.96519  0.42364712  -0.89705180 0.12578232  -127.53155 
7   'helical symmetry operation' ?     ?     0.87868199 0.38556585  0.28152608  -20.91716 -0.47166669 0.60993581  0.63679577  121.75385  0.07381386  -0.69232745 0.71779818  -44.94185  
8   'helical symmetry operation' ?     ?     0.99969724 0.02380184  0.00623674  -47.39414 -0.02401671 0.99902657  0.03700160  13.12244   -0.00534996 -0.03714018 0.99929575  -29.07482  
9   'helical symmetry operation' ?     ?     0.89962952 -0.43372050 0.05052968  -20.74719 0.36248637  0.67728674  -0.64022364 -77.35838  0.24345503  0.59428041  0.76652492  -91.17746  
10  'helical symmetry operation' ?     ?     0.65090862 -0.65584298 0.38234533  40.10491  0.40808864  -0.12240591 -0.90469909 -84.25547  0.64014188  0.74490723  0.18796701  -186.06175 
11  'helical symmetry operation' ?     ?     0.43356065 -0.48179163 0.76151296  91.48543  0.07978283  -0.82122767 -0.56499540 -2.63426   0.89758557  0.30571543  -0.31761330 -244.81205 
12  'helical symmetry operation' ?     ?     0.40490373 -0.03754617 0.91358812  96.57323  -0.38480079 -0.91336598 0.13300729  108.36960  0.82944639  -0.40540458 -0.38427309 -224.66677 
13  'helical symmetry operation' ?     ?     0.58567998 0.35534512  0.72849764  52.05422  -0.64939301 -0.33213041 0.68408926  168.35309  0.48504400  -0.87373866 0.03623651  -139.96957 
14  'helical symmetry operation' ?     ?     0.84504214 0.41250450  0.34021143  -9.47991  -0.52247995 0.50177625  0.68937312  133.84210  0.11365950  -0.76030298 0.63954741  -51.78727  
15  'helical symmetry operation' ?     ?     0.99526189 0.09255956  0.02977405  -43.12180 -0.09592225 0.98476594  0.14503438  29.75836   -0.01589615 -0.14720319 0.98897853  -23.70924  
16  'helical symmetry operation' ?     ?     0.92760901 -0.37291108 0.02188246  -24.15270 0.32153433  0.76724699  -0.55493039 -68.61909  0.19015044  0.52179439  0.83160894  -75.82091  
17  'helical symmetry operation' ?     ?     0.69105119 -0.64699619 0.32224865  34.06590  0.42773151  0.00666130  -0.90388129 -90.14149  0.58266115  0.76246414  0.28134395  -170.16580 
18  'helical symmetry operation' ?     ?     0.45681078 -0.53131085 0.71346527  89.76341  0.14580294  -0.74647335 -0.64924498 -19.28834  0.87753371  0.40060744  -0.26353039 -238.21868 
19  'helical symmetry operation' ?     ?     0.39443281 -0.10958900 0.91236671  102.99404 -0.32018929 -0.94703230 0.02467083  92.59871   0.86133708  -0.30186103 -0.40862984 -230.48470 
20  'helical symmetry operation' ?     ?     0.54906694 0.31292383  0.77498656  64.54984  -0.63295643 -0.44984942 0.63008067  164.47737  0.54579452  -0.83648920 -0.04893030 -152.32411 
21  'helical symmetry operation' ?     ?     0.80878778 0.43040960  0.40076165  2.62551   -0.56611520 0.38521046  0.72878424  144.26372  0.15929815  -0.81630905 0.55521494  -60.07249  
22  'helical symmetry operation' ?     ?     0.98560740 0.15783120  0.06055885  -37.58916 -0.16804581 0.95372460  0.24933913  46.53098   -0.01840297 -0.25592715 0.96652089  -20.26461  
23  'helical symmetry operation' ?     ?     0.95154238 -0.30751701 0.00061956  -26.61799 0.27312606  0.84419805  -0.46122859 -58.03874  0.14131261  0.43904776  0.88728113  -61.47606  
24  'helical symmetry operation' ?     ?     0.73124926 -0.62881242 0.26432831  27.96649  0.43807680  0.13590699  -0.88860452 -93.81465  0.52284150  0.76558750  0.37485002  -153.64002 
25  'helical symmetry operation' ?     ?     0.48417789 -0.57349894 0.66081067  87.02410  0.20741380  -0.65848205 -0.72345069 -34.95946  0.85003017  0.48734008  -0.19987086 -229.80984 
26  'helical symmetry operation' ?     ?     0.38916043 -0.18161288 0.90308965  108.17697 -0.25190729 -0.96398417 -0.08530669 75.86941   0.88605692  -0.19429688 -0.42089410 -234.61556 
27  'helical symmetry operation' ?     ?     0.51497125 0.26319560  0.81580187  76.48299  -0.60742632 -0.55947458 0.56393392  158.39557  0.60484533  -0.78594928 -0.12824139 -164.34110 
28  'helical symmetry operation' ?     ?     0.77054752 0.43897070  0.46212688  15.25098  -0.60181588 0.26225957  0.75434579  152.82838  0.20993850  -0.85937457 0.46626300  -69.61400  
29  'helical symmetry operation' ?     ?     0.97090115 0.21848504  0.09805737  -30.83036 -0.23913685 0.90644076  0.34810733  63.13981   -0.01282695 -0.36142694 0.93231220  -18.76080  
30  'helical symmetry operation' ?     ?     0.97101465 -0.23867215 -0.01289033 -28.03852 0.21810090  0.90680568  -0.36074292 -45.81043  0.09778832  0.34747526  0.93257621  -48.35178  
31  'helical symmetry operation' ?     ?     0.77080586 -0.60160698 0.20958856  21.97424  0.43894515  0.26309020  -0.85913369 -95.22092  0.46172013  0.75422317  0.46686394  -136.73110 
32  'helical symmetry operation' ?     ?     0.51518745 -0.60762442 0.60446212  83.37678  0.26354714  -0.55877945 -0.78632591 -49.38554  0.81555183  0.56440951  -0.12773848 -219.69147 
33  'helical symmetry operation' ?     ?     0.38917800 -0.25236900 0.88591781  112.09396 -0.18113870 -0.96392769 -0.19501840 58.46212   0.90317731  -0.08457713 -0.42085324 -236.94787 
34  'helical symmetry operation' ?     ?     0.48398411 0.20702267  0.85023585  87.70855  -0.57324534 -0.65910511 0.48679591  150.20350  0.66117257  -0.72299522 -0.20032162 -175.77232 
35  'helical symmetry operation' ?     ?     0.73098439 0.43803935  0.52324310  28.23939  -0.62896296 0.13505538  0.76561455  159.37790  0.26470251  -0.88875281 0.37423390  -80.20651  
36  'helical symmetry operation' ?     ?     0.95139814 0.27346940  0.14161944  -22.90080 -0.30796272 0.84373428  0.43962646  79.28724   0.00073521  -0.46187331 0.88694560  -19.18403  
37  'helical symmetry operation' ?     ?     0.98568818 -0.16757019 -0.01841298 -28.32787 0.15741292  0.95398435  -0.25521568 -32.15584  0.06033223  0.24866464  0.96670881  -36.63577  
38  'helical symmetry operation' ?     ?     0.80903512 -0.56585157 0.15897853  16.25483  0.43032151  0.38600573  -0.81597977 -94.34556  0.40035681  0.72856818  0.55579029  -119.69237 
39  'helical symmetry operation' ?     ?     0.54930181 -0.63309560 0.54539664  78.94648  0.31322968  -0.44909427 -0.83678044 -62.32611  0.77469651  0.63047942  -0.04838396 -207.99915 
40  'helical symmetry operation' ?     ?     0.39448521 -0.32063054 0.86114893  114.73887 -0.10911057 -0.94686383 -0.30256201 40.66900   0.91240139  0.02539579  -0.40850796 -237.40133 
41  'helical symmetry operation' ?     ?     0.45664278 0.14537900  0.87769147  98.09368  -0.53100614 -0.74701351 0.40000411  140.03353  0.71379959  -0.64871855 -0.26392118 -186.37973 
42  'helical symmetry operation' ?     ?     0.69078438 0.42763172  0.58305064  41.42731  -0.64708575 0.00580348  0.76239514  163.78908  0.32264062  -0.90393442 0.28072334  -91.62650  
43  'helical symmetry operation' ?     ?     0.92743653 0.32183092  0.19048974  -13.87619 -0.37333008 0.76669241  0.52230967  94.68361   0.02204836  -0.55552462 0.83120772  -21.48712  
44  'helical symmetry operation' ?     ?     0.99530857 -0.09544396 -0.01585262 -27.41923 0.09211439  0.98491601  -0.14647660 -17.32139  0.02959381  0.14432916  0.98908710  -26.49134  
45  'helical symmetry operation' ?     ?     0.84527420 -0.52216614 0.11337574  10.96922  0.41235538  0.50252235  -0.75989100 -91.21343  0.33981550  0.68906735  0.64008719  -102.77941 
46  'helical symmetry operation' ?     ?     0.58592944 -0.64947083 0.48463835  73.87181  0.35559999  -0.33132832 -0.87393947 -73.56646  0.72817260  0.68440426  0.03681680  -194.89578 
47  'helical symmetry operation' ?     ?     0.40499005 -0.38521390 0.82921246  116.12764 -0.03707179 -0.91308846 -0.40607284 22.78891   0.91356923  0.13371507  -0.38407231 -235.92825 
48  'helical symmetry operation' ?     ?     0.43342133 0.07933343  0.89769269  107.52010 -0.48144111 -0.82167559 0.30506341  128.05234  0.76181389  -0.56440715 -0.31793736 -195.93954 
49  'helical symmetry operation' ?     ?     0.65064452 0.40792824  0.64051250  54.64789  -0.65587001 -0.12325505 0.74474339  165.97576  0.38274826  -0.90465614 0.18735267  -103.63613 
50  'helical symmetry operation' ?     ?     0.89943179 0.36273106  0.24382091  -3.85120  -0.43410553 0.67665098  0.59472333  109.05232  0.05074297  -0.64075708 0.76606496  -25.59027  
51  'helical symmetry operation' ?     ?     0.99970900 -0.02354403 -0.00525365 -25.26658 0.02333750  0.99906436  -0.03641108 -1.57394   0.00610600  0.03627788  0.99932309  -18.05450  
52  'helical symmetry operation' ?     ?     0.87889473 -0.47130816 0.07357090  6.27085   0.38535829  0.61061980  -0.69183990 -85.88847  0.28114594  0.63640560  0.71829303  -86.24561  
53  'helical symmetry operation' ?     ?     0.62443529 -0.65646618 0.42324074  68.30254  0.38992340  -0.20752353 -0.89715869 -82.92135  0.67678676  0.72524901  0.12638651  -180.56868 
54  'helical symmetry operation' ?     ?     0.42051037 -0.44499931 0.79066215  116.29797 0.03372857  -0.86318719 -0.50375614 5.12221    0.90666058  0.23850259  -0.34796998 -232.51429 
55  'helical symmetry operation' ?     ?     0.41472241 0.01003112  0.90989269  115.88616 -0.42540964 -0.88179678 0.20361997  114.45802  0.80438297  -0.47152289 -0.36143355 -204.24615 
56  'helical symmetry operation' ?     ?     0.61126077 0.37927056  0.69463236  67.73367  -0.65516346 -0.24988251 0.71296535  165.89039  0.44398324  -0.89090548 0.09574084  -115.98729 
57  'helical symmetry operation' ?     ?     0.86786948 0.39546067  0.30068825  7.06214   -0.48923529 0.57517119  0.65561189  122.13458  0.08632150  -0.71609285 0.69264683  -31.38250  
58  'helical symmetry operation' ?     ?     0.99881317 0.04688292  0.01320015  -21.84544 -0.04772523 0.99618408  0.07307246  14.80381   -0.00972393 -0.07361572 0.99723927  -11.43171  
59  'helical symmetry operation' ?     ?     0.90931379 -0.41415943 0.04025416  2.30297   0.34979834  0.70842380  -0.61300639 -78.47268  0.22536537  0.57149600  0.78905181  -70.33781  
60  'helical symmetry operation' ?     ?     0.66415168 -0.65396037 0.36226837  62.39703  0.41560479  -0.07982654 -0.90603553 -90.23822  0.62142996  0.75230549  0.21877213  -165.22643 
61  'helical symmetry operation' ?     ?     0.44077707 -0.49895013 0.74616643  115.30870 0.10206291  -0.79802527 -0.59391819 -12.03442  0.89179523  0.33794144  -0.30082694 -227.17881 
62  'helical symmetry operation' ?     ?     0.40087022 -0.06132633 0.91407995  123.10859 -0.36388327 -0.92633463 0.09743268  99.47662   0.84076872  -0.37167626 -0.39365559 -211.11568 
63  'helical symmetry operation' ?     ?     0.57331601 0.34215557  0.74447184  80.51956  -0.64497831 -0.37188329 0.66761200  163.52477  0.50528380  -0.86292084 0.00747628  -128.42598 
64  'helical symmetry operation' ?     ?     0.83329686 0.41945225  0.36010575  18.73638  -0.53776347 0.46401258  0.70391958  133.69390  0.12816706  -0.78022570 0.61222632  -38.72351  
65  'helical symmetry operation' ?     ?     0.99263662 0.11461578  0.03918883  -17.15333 -0.11984166 0.97632510  0.18007572  31.51823   -0.01762151 -0.18344621 0.98287180  -6.69794   
66  'helical symmetry operation' ?     ?     0.93600394 -0.35171086 0.01400321  -0.80383  0.30629209  0.79423854  -0.52475737 -69.10429  0.17344098  0.49546404  0.85113666  -55.29197  
67  'helical symmetry operation' ?     ?     0.70439000 -0.64199684 0.30277843  56.31947  0.43219888  0.04954854  -0.90041606 -95.39988  0.56306203  0.76510457  0.31237182  -149.09520 
68  'helical symmetry operation' ?     ?     0.46543875 -0.54613094 0.69649678  113.23878 0.16674641  -0.71873253 -0.67499568 -28.39319  0.86923093  0.43030748  -0.24346059 -219.97447 
69  'helical symmetry operation' ?     ?     0.39210494 -0.13350164 0.91018186  129.12395 -0.29792877 -0.95451692 -0.01165726 83.35825   0.87034026  -0.26659850 -0.41404478 -216.38916 
70  'helical symmetry operation' ?     ?     0.53746816 0.29722680  0.78916678  92.84565  -0.62549120 -0.48714206 0.60946975  158.91029  0.56558708  -0.82118746 -0.07591060 -140.69669 
71  'helical symmetry operation' ?     ?     0.79631338 0.43428981  0.42104318  31.03089  -0.57884865 0.34510252  0.73880883  143.52020  0.17555409  -0.83204363 0.52619782  -47.44618  
72  'helical symmetry operation' ?     ?     0.98128644 0.17848013  0.07226176  -11.20984 -0.19176137 0.93983177  0.28274337  48.26986   -0.01744982 -0.29130925 0.95646977  -3.89542   
73  'helical symmetry operation' ?     ?     0.95850241 -0.28504522 -0.00472680 -2.93390  0.25559389  0.86657609  -0.42862296 -57.95539  0.12627306  0.40962800  0.90347109  -41.32912  
74  'helical symmetry operation' ?     ?     0.74445255 -0.62078303 0.24580241  50.23703  0.43941794  0.17835850  -0.88039771 -98.32648  0.50269500  0.76342431  0.40556264  -132.41482 
75  'helical symmetry operation' ?     ?     0.49406780 -0.58572367 0.64251442  110.18589 0.22665752  -0.62668381 -0.74558284 -43.68009  0.83935891  0.51399920  -0.17686561 -210.98633 
76  'helical symmetry operation' ?     ?     0.38857856 -0.20524339 0.89826603  133.88973 -0.22868974 -0.96585501 -0.12175839 66.37272   0.89258485  -0.15811152 -0.42224761 -219.93532 
77  'helical symmetry operation' ?     ?     0.50433877 0.24526326  0.82794223  104.56002 -0.59703998 -0.59366037 0.53954669  152.11728  0.62384747  -0.76642893 -0.15297396 -152.54679 
78  'helical symmetry operation' ?     ?     0.75756029 0.43971610  0.48244395  43.79431  -0.61177847 0.22050277  0.75967470  151.43344  0.22766096  -0.87064820 0.43605298  -57.35941  
79  'helical symmetry operation' ?     ?     0.96495943 0.23736865  0.11184549  -4.05622  -0.26223736 0.88733684  0.37929528  64.75858   -0.00921182 -0.39533462 0.91849098  -3.03288   
80  'helical symmetry operation' ?     ?     0.97641910 -0.21531843 -0.01561111 -3.98850  0.19858279  0.92418220  -0.32627002 -45.22896  0.08467946  0.31547618  0.94514769  -28.65150  
81  'helical symmetry operation' ?     ?     0.78364470 -0.59068676 0.19232821  44.31694  0.43713681  0.30436991  -0.84632758 -98.97693  0.44137557  0.74729386  0.49672879  -115.43466 
82  'helical symmetry operation' ?     ?     0.52616783 -0.61704183 0.58515536  106.26474 0.28075745  -0.52347513 -0.80445574 -57.63973  0.80269712  0.58756546  -0.10219668 -200.33037 
83  'helical symmetry operation' ?     ?     0.39035222 -0.27530765 0.87853904  137.38509 -0.15736669 -0.96015230 -0.23096167 48.80488   0.90711679  -0.04809638 -0.41812184 -221.65281 
84  'helical symmetry operation' ?     ?     0.47450227 0.18716595  0.86012586  115.52133 -0.56011798 -0.68959129 0.45905522  143.25387  0.67905481  -0.69959471 -0.22237762 -163.73097 
85  'helical symmetry operation' ?     ?     0.71770952 0.43563701  0.54324344  56.86711  -0.63598195 0.09237375  0.76615537  157.28676  0.28358421  -0.89537003 0.34335479  -68.25146  
86  'helical symmetry operation' ?     ?     0.94393869 0.29026027  0.15725371  4.24529   -0.33004766 0.81975050  0.46805734  80.68884   0.00694964  -0.49371865 0.86959393  -4.08543   
87  'helical symmetry operation' ?     ?     0.98944336 -0.14373947 -0.01846099 -3.88756  0.13624729  0.96605806  -0.21947323 -31.15530  0.04938136  0.21464107  0.97544384  -17.43909  
88  'helical symmetry operation' ?     ?     0.82128690 -0.55222986 0.14328299  38.72367  0.42539503  0.42539790  -0.79879641 -97.34961  0.38016694  0.71699290  0.58428956  -98.40929  
89  'helical symmetry operation' ?     ?     0.56118226 -0.63954239 0.52541412  101.60512 0.32810818  -0.41089600 -0.85059362 -70.03971  0.75988124  0.64973071  -0.02074845 -188.15152 
90  'helical symmetry operation' ?     ?     0.39739517 -0.34247960 0.85134294  139.61122 -0.08519627 -0.93750767 -0.33737363 30.94969   0.91368412  0.06153941  -0.40173900 -221.47200 
91  'helical symmetry operation' ?     ?     0.44847600 0.12394219  0.88515965  125.60133 -0.51536539 -0.77327152 0.36939096  132.46410  0.73025187  -0.62184363 -0.28291820 -174.01545 
92  'helical symmetry operation' ?     ?     0.67745204 0.42212329  0.60238747  70.08441  -0.65103944 -0.03706294 0.75813850  160.96902  0.34235417  -0.90578048 0.24971054  -79.89363  
93  'helical symmetry operation' ?     ?     0.91858868 0.33623791  0.20769907  13.61253  -0.39401651 0.73824461  0.54749053  95.77478   0.03075436  -0.58475546 0.81062643  -6.99497   
94  'helical symmetry operation' ?     ?     0.99734935 -0.07154943 -0.01322704 -2.57105  0.06966823  0.99147757  -0.11008433 -15.98810  0.02099078  0.10887103  0.99383424  -7.84643   
95  'helical symmetry operation' ?     ?     0.85672648 -0.50607912 0.09951717  33.61596  0.40439618  0.53934396  -0.73862833 -93.48239  0.32013040  0.67304681  0.66672672  -81.59405  
96  'helical symmetry operation' ?     ?     0.59850398 -0.65283523 0.46432656  96.34962  0.36788869  -0.29089843 -0.88319648 -80.67471  0.71165364  0.69941710  0.06606683  -174.62108 
97  'helical symmetry operation' ?     ?     0.40958529 -0.40559454 0.81714929  140.59130 -0.01342986 -0.89831375 -0.43914923 13.10707   0.91217297  0.16889486  -0.37338317 -219.35617 
98  'helical symmetry operation' ?     ?     0.42671121 0.05668822  0.90260954  134.68702 -0.46355815 -0.84325012 0.27210859  119.92537  0.77655095  -0.53452380 -0.33354599 -183.18207 
99  'helical symmetry operation' ?     ?     0.63748587 0.39940923  0.65885054  83.27884  -0.65668986 -0.16556302 0.73576309  162.40671  0.40295185  -0.90169904 0.15674391  -92.04420  
100 'helical symmetry operation' ?     ?     0.88934895 0.37450439  0.26230691  23.94488  -0.45303477 0.64423242  0.61621757  109.74517  0.06178957  -0.66686659 0.74261093  -11.67120  
101 'identity operation'         1_555 x,y,z 1.00000000 0.00000000  0.00000000  0.00000   0.00000000  1.00000000  0.00000000  0.00000    0.00000000  0.00000000  1.00000000  0.00000    
102 'helical symmetry operation' ?     ?     0.88934895 -0.45303477 0.06178957  29.14418  0.37450439  0.64423242  -0.66686659 -87.45199  0.26230691  0.61621757  0.74261093  -65.24065  
103 'helical symmetry operation' ?     ?     0.63748587 -0.65668986 0.40295185  90.65113  0.39940923  -0.16556302 -0.90169904 -89.36996  0.65885054  0.73576309  0.15674391  -159.93380 
104 'helical symmetry operation' ?     ?     0.42671121 -0.46355815 0.77655095  140.37013 0.05668822  -0.84325012 -0.53452380 -4.42326   0.90260954  0.27210859  -0.33354599 -215.30216 
105 'helical symmetry operation' ?     ?     0.40958529 -0.01342986 0.91217297  142.68267 -0.40559454 -0.89831375 0.16889486  105.84546  0.81714929  -0.43914923 -0.37338317 -191.03202 
106 'helical symmetry operation' ?     ?     0.59850398 0.36788869  0.71165364  96.28341  -0.65283523 -0.29089843 0.69941710  161.56525  0.46432656  -0.88319648 0.06606683  -104.45264 
107 'helical symmetry operation' ?     ?     0.85672648 0.40439618  0.32013040  35.12497  -0.50607912 0.53934396  0.67304681  122.34812  0.09951717  -0.73862833 0.66672672  -17.99318  
108 'helical symmetry operation' ?     ?     0.99734935 0.06966823  0.02099078  3.84280   -0.07154943 0.99147757  0.10887103  16.52214   -0.01322704 -0.11008433 0.99383424  6.00400    
109 'helical symmetry operation' ?     ?     0.91858868 -0.39401651 0.03075436  25.44766  0.33623791  0.73824461  -0.58475546 -79.37261  0.20769907  0.54749053  0.81062643  -49.59279  
110 'helical symmetry operation' ?     ?     0.67745204 -0.65103944 0.34235417  84.67027  0.42212329  -0.03706294 -0.90578048 -95.98437  0.60238747  0.75813850  0.24971054  -144.30450 
111 'helical symmetry operation' ?     ?     0.44847600 -0.51536539 0.73025187  139.01334 0.12394219  -0.77327152 -0.62184363 -21.34699  0.88515965  0.36939096  -0.28291820 -209.34041 
112 'helical symmetry operation' ?     ?     0.39739517 -0.08519627 0.91368412  149.51142 -0.34247960 -0.93750767 0.06153941  90.45882   0.85134294  -0.33737363 -0.40173900 -197.38936 
113 'helical symmetry operation' ?     ?     0.56118226 0.32810818  0.75988124  108.93442 -0.63954239 -0.41089600 0.64973071  158.44957  0.52541412  -0.85059362 -0.02074845 -116.86395 
114 'helical symmetry operation' ?     ?     0.82128690 0.42539503  0.38016694  47.02076  -0.55222986 0.42539790  0.71699290  133.35544  0.14328299  -0.79879641 0.58428956  -25.81144  
115 'helical symmetry operation' ?     ?     0.98944336 0.13624729  0.04938136  8.95251   -0.14373947 0.96605806  0.21464107  33.28218   -0.01846099 -0.21947323 0.97544384  10.10133   
116 'helical symmetry operation' ?     ?     0.94393869 -0.33004766 0.00694964  22.65226  0.29026027  0.81975050  -0.49371865 -69.39401  0.15725371  0.46805734  0.86959393  -34.88192  
117 'helical symmetry operation' ?     ?     0.71770952 -0.63598195 0.28358421  78.57251  0.43563701  0.09237375  -0.89537003 -100.41290 0.54324344  0.76615537  0.34335479  -127.96431 
118 'helical symmetry operation' ?     ?     0.47450227 -0.56011798 0.67905481  136.60624 0.18716595  -0.68959129 -0.69959471 -37.38036  0.86012586  0.45905522  -0.22237762 -201.53443 
119 'helical symmetry operation' ?     ?     0.39035222 -0.15736669 0.90711679  155.11667 -0.27530765 -0.96015230 -0.04809638 74.02259   0.87853904  -0.23096167 -0.41812184 -202.10399 
120 'helical symmetry operation' ?     ?     0.52616783 0.28075745  0.80269712  121.07431 -0.61704183 -0.52347513 0.58756546  153.10404  0.58515536  -0.80445574 -0.10219668 -129.02309 
121 'helical symmetry operation' ?     ?     0.78364470 0.43713681  0.44137557  59.48776  -0.59068676 0.30436991  0.74729386  142.56664  0.19232821  -0.84632758 0.49672879  -34.95058  
122 'helical symmetry operation' ?     ?     0.97641910 0.19858279  0.08467946  15.30233  -0.21531843 0.92418220  0.31547618  49.97987   -0.01561111 -0.32627002 0.94514769  12.26078   
123 'helical symmetry operation' ?     ?     0.96495943 -0.26223736 -0.00921182 20.86827  0.23736865  0.88733684  -0.39533462 -57.69886  0.11184549  0.37929528  0.91849098  -21.32328  
124 'helical symmetry operation' ?     ?     0.75756029 -0.61177847 0.22766096  72.52538  0.43971610  0.22050277  -0.87064820 -102.58842 0.48244395  0.75967470  0.43605298  -111.15671 
125 'helical symmetry operation' ?     ?     0.50433877 -0.59703998 0.62384747  133.25235 0.24526326  -0.59366037 -0.76642893 -52.25501  0.82794223  0.53954669  -0.15297396 -191.97972 
126 'helical symmetry operation' ?     ?     0.38857856 -0.22868974 0.89258485  159.46302 -0.20524339 -0.96585501 -0.15811152 56.81209   0.89826603  -0.12175839 -0.42224761 -205.05433 
127 'helical symmetry operation' ?     ?     0.49406780 0.22665752  0.83935891  132.55438 -0.58572367 -0.62668381 0.51399920  145.61168  0.64251442  -0.74558284 -0.17686561 -140.67937 
128 'helical symmetry operation' ?     ?     0.74445255 0.43941794  0.50269500  72.37161  -0.62078303 0.17835850  0.76342431  149.81235  0.24580241  -0.88039771 0.40556264  -45.21228  
129 'helical symmetry operation' ?     ?     0.95850241 0.25559389  0.12627306  22.84394  -0.28504522 0.86657609  0.40962800  66.31603   -0.00472680 -0.42862296 0.90347109  12.48478   
130 'helical symmetry operation' ?     ?     0.98128644 -0.19176137 -0.01744982 20.18838  0.17848013  0.93983177  -0.29130925 -44.49958  0.07226176  0.28274337  0.95646977  -9.11209   
131 'helical symmetry operation' ?     ?     0.79631338 -0.57884865 0.17555409  66.69553  0.43428981  0.34510252  -0.83204363 -102.48288 0.42104318  0.73880883  0.52619782  -94.13326  
132 'helical symmetry operation' ?     ?     0.53746816 -0.62549120 0.56558708  129.07163 0.29722680  -0.48714206 -0.82118746 -65.72269  0.78916678  0.60946975  -0.07591060 -180.80209 
133 'helical symmetry operation' ?     ?     0.39210494 -0.29792877 0.87034026  162.53688 -0.13350164 -0.95451692 -0.26659850 39.11609   0.91018186  -0.01165726 -0.41404478 -206.14935 
134 'helical symmetry operation' ?     ?     0.46543875 0.16674641  0.86923093  143.23736 -0.54613094 -0.71873253 0.43030748  136.09276  0.69649678  -0.67499568 -0.24346059 -151.59084 
135 'helical symmetry operation' ?     ?     0.70439000 0.43219888  0.56306203  85.51069  -0.64199684 0.04954854  0.76510457  154.95727  0.30277843  -0.90041606 0.31237182  -56.37877  
136 'helical symmetry operation' ?     ?     0.93600394 0.30629209  0.17344098  31.50838  -0.35171086 0.79423854  0.49546404  81.99775   0.01400321  -0.52475737 0.85113666  10.80929   
137 'helical symmetry operation' ?     ?     0.99263662 -0.11984166 -0.01762151 20.68620  0.11461578  0.97632510  -0.18344621 -30.03471  0.03918883  0.18007572  0.98287180  1.57977    
138 'helical symmetry operation' ?     ?     0.83329686 -0.53776347 0.12816706  61.24581  0.41945225  0.46401258  -0.78022570 -100.10775 0.36010575  0.70391958  0.61222632  -77.14928  
139 'helical symmetry operation' ?     ?     0.57331601 -0.64497831 0.50528380  124.19835 0.34215557  -0.37188329 -0.86292084 -77.55954  0.74447184  0.66761200  0.00747628  -168.15550 
140 'helical symmetry operation' ?     ?     0.40087022 -0.36388327 0.84076872  164.34677 -0.06132633 -0.92633463 -0.37167626 21.23175   0.91407995  0.09743268  -0.39365559 -205.33023 
141 'helical symmetry operation' ?     ?     0.44077707 0.10206291  0.89179523  152.99982 -0.49895013 -0.79802527 0.33794144  124.70265  0.74616643  -0.59391819 -0.30082694 -161.52845 
142 'helical symmetry operation' ?     ?     0.66415168 0.41560479  0.62142996  98.73900  -0.65396037 -0.07982654 0.75230549  157.90254  0.36226837  -0.90603553 0.21877213  -68.21657  
143 'helical symmetry operation' ?     ?     0.90931379 0.34979834  0.22536537  41.20720  -0.41415943 0.70842380  0.57149600  96.74348   0.04025416  -0.61300639 0.78905181  7.30322    
144 'helical symmetry operation' ?     ?     0.99881317 -0.04772523 -0.00972393 22.41486  0.04688292  0.99618408  -0.07361572 -14.56469  0.01320015  0.07307246  0.99723927  10.60677   
145 'helical symmetry operation' ?     ?     0.86786948 -0.48923529 0.08632150  56.33252  0.39546067  0.57517119  -0.71609285 -95.51387  0.30068825  0.65561189  0.69264683  -60.45940  
146 'helical symmetry operation' ?     ?     0.61126077 -0.65516346 0.44398324  118.77879 0.37927056  -0.24988251 -0.89090548 -87.56999  0.69463236  0.71296535  0.09574084  -154.21938 
147 'helical symmetry operation' ?     ?     0.41472241 -0.42540964 0.80438297  164.92308 0.01003112  -0.88179678 -0.47152289 3.45951    0.90989269  0.20361997  -0.36143355 -202.57132 
148 'helical symmetry operation' ?     ?     0.42051037 0.03372857  0.90666058  161.73428 -0.44499931 -0.86318719 0.23850259  111.62920  0.79066215  -0.50375614 -0.34796998 -170.28005 
149 'helical symmetry operation' ?     ?     0.62443529 0.38992340  0.67678676  111.88895 -0.65646618 -0.20752353 0.72524901  158.58743  0.42324074  -0.89715869 0.12638651  -80.48058  
150 'helical symmetry operation' ?     ?     0.87889473 0.38535829  0.28114594  51.83402  -0.47130816 0.61061980  0.63640560  110.28789  0.07357090  -0.69183990 0.71829303  2.06720    
151 'helical symmetry operation' ?     ?     0.99970900 0.02333750  0.00610600  25.40620  -0.02354403 0.99906436  0.03627788  1.63257    -0.00525365 -0.03641108 0.99932309  17.85223   
152 'helical symmetry operation' ?     ?     0.89943179 -0.43410553 0.05074297  52.10263  0.36273106  0.67665098  -0.64075708 -88.79056  0.24382091  0.59472333  0.76606496  -44.31315  
153 'helical symmetry operation' ?     ?     0.65064452 -0.65587001 0.38274826  112.96872 0.40792824  -0.12325505 -0.90465614 -95.59012  0.64051250  0.74474339  0.18735267  -139.19550 
154 'helical symmetry operation' ?     ?     0.43342133 -0.48144111 0.76181389  164.31762 0.07933343  -0.82167559 -0.56440715 -13.90213  0.89769269  0.30506341  -0.31793736 -197.88059 
155 'helical symmetry operation' ?     ?     0.40499005 -0.03707179 0.91356923  169.35108 -0.38521390 -0.91308846 0.13371507  97.08943   0.82921246  -0.40607284 -0.38407231 -177.65403 
156 'helical symmetry operation' ?     ?     0.58592944 0.35559999  0.72817260  124.79433 -0.64947083 -0.33132832 0.68440426  156.99043  0.48463835  -0.87393947 0.03681680  -92.91831  
157 'helical symmetry operation' ?     ?     0.84527420 0.41235538  0.33981550  63.26638  -0.52216614 0.50252235  0.68906735  122.38647  0.11337574  -0.75989100 0.64008719  -4.76812   
158 'helical symmetry operation' ?     ?     0.99530857 0.09211439  0.02959381  29.67013  -0.09544396 0.98491601  0.14432916  18.26659   -0.01585262 -0.14647660 0.98908710  23.23039   
159 'helical symmetry operation' ?     ?     0.92743653 -0.37333008 0.02204836  48.69128  0.32183092  0.76669241  -0.55552462 -80.06404  0.19048974  0.52230967  0.83120772  -28.95064  
160 'helical symmetry operation' ?     ?     0.69078438 -0.64708575 0.32264062  106.93067 0.42763172  0.00580348  -0.90393442 -101.49053 0.58305064  0.76239514  0.28072334  -123.30452 
161 'helical symmetry operation' ?     ?     0.45664278 -0.53100614 0.71379959  162.60266 0.14537900  -0.74701351 -0.64871855 -30.56181  0.87769147  0.40000411  -0.26392118 -191.29953 
162 'helical symmetry operation' ?     ?     0.39448521 -0.10911057 0.91240139  175.77994 -0.32063054 -0.94686383 0.02539579  81.32578   0.86114893  -0.30256201 -0.40850796 -183.48269 
163 'helical symmetry operation' ?     ?     0.54930181 0.31322968  0.77469651  137.29316 -0.63309560 -0.44909427 0.63047942  153.12955  0.54539664  -0.83678044 -0.04838396 -105.27424 
164 'helical symmetry operation' ?     ?     0.80903512 0.43032151  0.40035681  75.36785  -0.56585157 0.38600573  0.72856818  132.81980  0.15897853  -0.81597977 0.55579029  -13.04438  
165 'helical symmetry operation' ?     ?     0.98568818 0.15741292  0.06033223  35.19451  -0.16757019 0.95398435  0.24866464  35.03929   -0.01841298 -0.25521568 0.96670881  26.68785   
166 'helical symmetry operation' ?     ?     0.95139814 -0.30796272 0.00073521  46.21940  0.27346940  0.84373428  -0.46187331 -69.49528  0.14161944  0.43962646  0.88694560  -14.59838  
167 'helical symmetry operation' ?     ?     0.73098439 -0.62896296 0.26470251  100.83111 0.43803935  0.13505538  -0.88875281 -105.17856 0.52324310  0.76561455  0.37423390  -106.78211 
168 'helical symmetry operation' ?     ?     0.48398411 -0.57324534 0.66117257  159.86975 0.20702267  -0.65910511 -0.72299522 -46.24031  0.85023585  0.48679591  -0.20032162 -182.90240 
169 'helical symmetry operation' ?     ?     0.38917800 -0.18113870 0.90317731  180.97119 -0.25236900 -0.96392769 -0.08457713 64.60192   0.88591781  -0.19501840 -0.42085324 -187.62512 
170 'helical symmetry operation' ?     ?     0.51518745 0.26354714  0.81555183  149.23052 -0.60762442 -0.55877945 0.56440951  147.06210  0.60446212  -0.78632591 -0.12773848 -117.29429 
171 'helical symmetry operation' ?     ?     0.77080586 0.43894515  0.46172013  87.99039  -0.60160698 0.26309020  0.75422317  141.39731  0.20958856  -0.85913369 0.46686394  -22.57823  
172 'helical symmetry operation' ?     ?     0.97101465 0.21810090  0.09778832  41.94535  -0.23867215 0.90680568  0.34747526  51.65019   -0.01289033 -0.36074292 0.93257621  28.20450   
173 'helical symmetry operation' ?     ?     0.97090115 -0.23913685 -0.01282695 44.79165  0.21848504  0.90644076  -0.36142694 -57.27719  0.09805737  0.34810733  0.93231220  -1.46537   
174 'helical symmetry operation' ?     ?     0.77054752 -0.60181588 0.20993850  94.83760  0.43897070  0.26225957  -0.85937457 -106.59994 0.46212688  0.75434579  0.46626300  -89.87490  
175 'helical symmetry operation' ?     ?     0.51497125 -0.60742632 0.60484533  156.22805 0.26319560  -0.55947458 -0.78594928 -60.67546  0.81580187  0.56393392  -0.12824139 -172.79493 
176 'helical symmetry operation' ?     ?     0.38916043 -0.25190729 0.88605692  184.89660 -0.18161288 -0.96398417 -0.19429688 47.19817   0.90308965  -0.08530669 -0.42089410 -189.96964 
177 'helical symmetry operation' ?     ?     0.48417789 0.20741380  0.85003017  160.46122 -0.57349894 -0.65848205 0.48734008  138.88360  0.66081067  -0.72345069 -0.19987086 -128.73019 
178 'helical symmetry operation' ?     ?     0.73124926 0.43807680  0.52284150  100.97692 -0.62881242 0.13590699  0.76558750  147.96062  0.26432831  -0.88860452 0.37485002  -33.16449  
179 'helical symmetry operation' ?     ?     0.95154238 0.27312606  0.14131261  49.86738  -0.30751701 0.84419805  0.43904776  67.80163   0.00061956  -0.46122859 0.88728113  27.79391   
180 'helical symmetry operation' ?     ?     0.98560740 -0.16804581 -0.01840297 44.49456  0.15783120  0.95372460  -0.25592715 -43.63126  0.06055885  0.24933913  0.96652089  10.26053   
181 'helical symmetry operation' ?     ?     0.80878778 -0.56611520 0.15929815  89.11585  0.43040960  0.38521046  -0.81630905 -105.73966 0.40076165  0.72878424  0.55521494  -72.83619  
182 'helical symmetry operation' ?     ?     0.54906694 -0.63295643 0.54579452  151.80249 0.31292383  -0.44984942 -0.83648920 -73.62661  0.77498656  0.63008067  -0.04893030 -161.11253 
183 'helical symmetry operation' ?     ?     0.39443281 -0.32018929 0.86133708  187.54991 -0.10958900 -0.94703230 -0.30186103 29.40663   0.91236671  0.02467083  -0.40862984 -190.43575 
184 'helical symmetry operation' ?     ?     0.45681078 0.14580294  0.87753371  170.85233 -0.53131085 -0.74647335 0.40060744  128.72622  0.71346527  -0.64924498 -0.26353039 -139.34380 
185 'helical symmetry operation' ?     ?     0.69105119 0.42773151  0.58266115  114.16408 -0.64699619 0.00666130  0.76246414  152.38628  0.32224865  -0.90388129 0.28134395  -44.57978  
186 'helical symmetry operation' ?     ?     0.92760901 0.32153433  0.19015044  58.88503  -0.37291108 0.76724699  0.52179439  83.20391   0.02188246  -0.55493039 0.83160894  25.50305   
187 'helical symmetry operation' ?     ?     0.99526189 -0.09592225 -0.01589615 45.39509  0.09255956  0.98476594  -0.14720319 -28.80376  0.02977405  0.14503438  0.98897853  20.41585   
188 'helical symmetry operation' ?     ?     0.84504214 -0.52247995 0.11365950  83.82685  0.41250450  0.50177625  -0.76030298 -102.62230 0.34021143  0.68937312  0.63954741  -55.92155  
189 'helical symmetry operation' ?     ?     0.58567998 -0.64939301 0.48504400  146.73160 0.35534512  -0.33213041 -0.87373866 -84.87886  0.72849764  0.68408926  0.03623651  -148.01791 
190 'helical symmetry operation' ?     ?     0.40490373 -0.38480079 0.82944639  188.94689 -0.03754617 -0.91336598 -0.40540458 11.52613   0.91358812  0.13300729  -0.38427309 -188.97550 
191 'helical symmetry operation' ?     ?     0.43356065 0.07978283  0.89758557  180.28545 -0.48179163 -0.82122767 0.30571543  116.75640  0.76151296  -0.56499540 -0.31761330 -148.91125 
192 'helical symmetry operation' ?     ?     0.65090862 0.40808864  0.64014188  127.38499 -0.65584298 -0.12240591 0.74490723  154.58790  0.38234533  -0.90469909 0.18796701  -56.58630  
193 'helical symmetry operation' ?     ?     0.89962952 0.36248637  0.24345503  68.90375  -0.43372050 0.67728674  0.59428041  97.58030   0.05052968  -0.64022364 0.76652492  21.41148   
194 'helical symmetry operation' ?     ?     0.99969724 -0.02401671 -0.00534996 47.53940  0.02380184  0.99902657  -0.03714018 -13.06144  0.00623674  0.03700160  0.99929575  28.86438   
195 'helical symmetry operation' ?     ?     0.87868199 -0.47166669 0.07381386  79.12410  0.38556585  0.60993581  -0.69232745 -97.31157  0.28152608  0.63679577  0.71779818  -39.38443  
196 'helical symmetry operation' ?     ?     0.62417555 -0.65645106 0.42364712  141.16510 0.38972394  -0.20835865 -0.89705180 -94.24677  0.67714115  0.72502322  0.12578232  -133.69826 
197 'helical symmetry operation' ?     ?     0.42039163 -0.44462148 0.79093781  189.12512 0.03326647  -0.86356897 -0.50313217 -6.14296   0.90673272  0.23782426  -0.34824618 -185.57437 
198 'helical symmetry operation' ?     ?     0.41483061 0.01049818  0.90983809  188.65883 -0.42579991 -0.88144887 0.20430937  103.17205  0.80412063  -0.47216276 -0.36118185 -157.22679 
199 'helical symmetry operation' ?     ?     0.61151760 0.37948880  0.69428703  140.47221 -0.65519942 -0.24905675 0.71322119  154.51764  0.44357632  -0.89104377 0.09633825  -68.93604  
200 'helical symmetry operation' ?     ?     0.86808904 0.39527212  0.30030214  79.81160  -0.48889091 0.57587711  0.65524899  110.67188  0.08606452  -0.71562945 0.69315755  15.63001  
# 
loop_
_struct_conf.conf_type_id 
_struct_conf.id 
_struct_conf.pdbx_PDB_helix_id 
_struct_conf.beg_label_comp_id 
_struct_conf.beg_label_asym_id 
_struct_conf.beg_label_seq_id 
_struct_conf.pdbx_beg_PDB_ins_code 
_struct_conf.end_label_comp_id 
_struct_conf.end_label_asym_id 
_struct_conf.end_label_seq_id 
_struct_conf.pdbx_end_PDB_ins_code 
_struct_conf.beg_auth_comp_id 
_struct_conf.beg_auth_asym_id 
_struct_conf.beg_auth_seq_id 
_struct_conf.end_auth_comp_id 
_struct_conf.end_auth_asym_id 
_struct_conf.end_auth_seq_id 
_struct_conf.pdbx_PDB_helix_class 
_struct_conf.details 
_struct_conf.pdbx_PDB_helix_length 
HELX_P HELX_P1 AA1 ASP A 68  ? ILE A 101 ? ASP A 9  ILE A 42 1 ? 34 
HELX_P HELX_P2 AA2 THR A 108 ? PHE A 155 ? THR A 49 PHE A 96 1 ? 48 
# 
_struct_conf_type.id          HELX_P 
_struct_conf_type.criteria    ? 
_struct_conf_type.reference   ? 
# 
_pdbx_entry_details.entry_id                   7ROE 
_pdbx_entry_details.compound_details           ? 
_pdbx_entry_details.source_details             ? 
_pdbx_entry_details.nonpolymer_details         ? 
_pdbx_entry_details.sequence_details           ? 
_pdbx_entry_details.has_ligand_of_interest     ? 
_pdbx_entry_details.has_protein_modification   N 
# 
_pdbx_validate_torsion.id              1 
_pdbx_validate_torsion.PDB_model_num   1 
_pdbx_validate_torsion.auth_comp_id    ASN 
_pdbx_validate_torsion.auth_asym_id    A 
_pdbx_validate_torsion.auth_seq_id     6 
_pdbx_validate_torsion.PDB_ins_code    ? 
_pdbx_validate_torsion.label_alt_id    ? 
_pdbx_validate_torsion.phi             -121.37 
_pdbx_validate_torsion.psi             -55.10 
# 
_pdbx_helical_symmetry.entry_id                  7ROE 
_pdbx_helical_symmetry.number_of_operations      200 
_pdbx_helical_symmetry.rotation_per_n_subunits   50.350000 
_pdbx_helical_symmetry.rise_per_n_subunits       0.611000 
_pdbx_helical_symmetry.n_subunits_divisor        1 
_pdbx_helical_symmetry.dyad_axis                 no 
_pdbx_helical_symmetry.circular_symmetry         1 
# 
_em_3d_fitting.entry_id          7ROE 
_em_3d_fitting.id                1 
_em_3d_fitting.details           ? 
_em_3d_fitting.overall_b_value   ? 
_em_3d_fitting.ref_protocol      ? 
_em_3d_fitting.ref_space         ? 
_em_3d_fitting.target_criteria   ? 
_em_3d_fitting.method            ? 
# 
_em_3d_reconstruction.entry_id                    7ROE 
_em_3d_reconstruction.id                          1 
_em_3d_reconstruction.algorithm                   ? 
_em_3d_reconstruction.details                     ? 
_em_3d_reconstruction.refinement_type             ? 
_em_3d_reconstruction.image_processing_id         1 
_em_3d_reconstruction.num_class_averages          ? 
_em_3d_reconstruction.num_particles               524037 
_em_3d_reconstruction.resolution                  3.7 
_em_3d_reconstruction.resolution_method           'FSC 0.5 CUT-OFF' 
_em_3d_reconstruction.symmetry_type               HELICAL 
_em_3d_reconstruction.method                      ? 
_em_3d_reconstruction.nominal_pixel_size          ? 
_em_3d_reconstruction.actual_pixel_size           ? 
_em_3d_reconstruction.magnification_calibration   ? 
# 
_em_buffer.id            1 
_em_buffer.details       ? 
_em_buffer.pH            6 
_em_buffer.specimen_id   1 
_em_buffer.name          ? 
# 
_em_entity_assembly.id                   1 
_em_entity_assembly.parent_id            0 
_em_entity_assembly.details              ? 
_em_entity_assembly.name                 'Sulfolobus monocaudavirus SMV1' 
_em_entity_assembly.source               NATURAL 
_em_entity_assembly.type                 VIRUS 
_em_entity_assembly.entity_id_list       1 
_em_entity_assembly.synonym              ? 
_em_entity_assembly.oligomeric_details   ? 
# 
_em_imaging.id                              1 
_em_imaging.entry_id                        7ROE 
_em_imaging.accelerating_voltage            300 
_em_imaging.alignment_procedure             ? 
_em_imaging.c2_aperture_diameter            ? 
_em_imaging.calibrated_defocus_max          ? 
_em_imaging.calibrated_defocus_min          ? 
_em_imaging.calibrated_magnification        ? 
_em_imaging.cryogen                         ? 
_em_imaging.details                         ? 
_em_imaging.electron_source                 'FIELD EMISSION GUN' 
_em_imaging.illumination_mode               'FLOOD BEAM' 
_em_imaging.microscope_model                'FEI TITAN KRIOS' 
_em_imaging.mode                            'BRIGHT FIELD' 
_em_imaging.nominal_cs                      ? 
_em_imaging.nominal_defocus_max             ? 
_em_imaging.nominal_defocus_min             ? 
_em_imaging.nominal_magnification           ? 
_em_imaging.recording_temperature_maximum   ? 
_em_imaging.recording_temperature_minimum   ? 
_em_imaging.residual_tilt                   ? 
_em_imaging.specimen_holder_model           ? 
_em_imaging.specimen_id                     1 
_em_imaging.citation_id                     ? 
_em_imaging.date                            ? 
_em_imaging.temperature                     ? 
_em_imaging.tilt_angle_min                  ? 
_em_imaging.tilt_angle_max                  ? 
_em_imaging.astigmatism                     ? 
_em_imaging.detector_distance               ? 
_em_imaging.electron_beam_tilt_params       ? 
_em_imaging.specimen_holder_type            ? 
# 
_em_virus_entity.entity_assembly_id    1 
_em_virus_entity.empty                 NO 
_em_virus_entity.enveloped             NO 
_em_virus_entity.virus_isolate         STRAIN 
_em_virus_entity.virus_type            VIRION 
_em_virus_entity.id                    1 
_em_virus_entity.virus_host_category   ? 
_em_virus_entity.details               ? 
# 
_em_vitrification.id                    1 
_em_vitrification.specimen_id           1 
_em_vitrification.chamber_temperature   ? 
_em_vitrification.cryogen_name          ETHANE 
_em_vitrification.details               ? 
_em_vitrification.humidity              ? 
_em_vitrification.instrument            ? 
_em_vitrification.entry_id              7ROE 
_em_vitrification.citation_id           ? 
_em_vitrification.method                ? 
_em_vitrification.temp                  ? 
_em_vitrification.time_resolved_state   ? 
# 
_em_experiment.entry_id                7ROE 
_em_experiment.id                      1 
_em_experiment.aggregation_state       FILAMENT 
_em_experiment.reconstruction_method   HELICAL 
_em_experiment.entity_assembly_id      1 
# 
loop_
_pdbx_unobs_or_zero_occ_residues.id 
_pdbx_unobs_or_zero_occ_residues.PDB_model_num 
_pdbx_unobs_or_zero_occ_residues.polymer_flag 
_pdbx_unobs_or_zero_occ_residues.occupancy_flag 
_pdbx_unobs_or_zero_occ_residues.auth_asym_id 
_pdbx_unobs_or_zero_occ_residues.auth_comp_id 
_pdbx_unobs_or_zero_occ_residues.auth_seq_id 
_pdbx_unobs_or_zero_occ_residues.PDB_ins_code 
_pdbx_unobs_or_zero_occ_residues.label_asym_id 
_pdbx_unobs_or_zero_occ_residues.label_comp_id 
_pdbx_unobs_or_zero_occ_residues.label_seq_id 
1  1 Y 1 A MET -58 ? A MET 1   
2  1 Y 1 A SER -57 ? A SER 2   
3  1 Y 1 A VAL -56 ? A VAL 3   
4  1 Y 1 A SER -55 ? A SER 4   
5  1 Y 1 A VAL -54 ? A VAL 5   
6  1 Y 1 A VAL -53 ? A VAL 6   
7  1 Y 1 A VAL -52 ? A VAL 7   
8  1 Y 1 A PRO -51 ? A PRO 8   
9  1 Y 1 A SER -50 ? A SER 9   
10 1 Y 1 A ALA -49 ? A ALA 10  
11 1 Y 1 A LYS -48 ? A LYS 11  
12 1 Y 1 A ALA -47 ? A ALA 12  
13 1 Y 1 A THR -46 ? A THR 13  
14 1 Y 1 A GLY -45 ? A GLY 14  
15 1 Y 1 A ALA -44 ? A ALA 15  
16 1 Y 1 A GLY -43 ? A GLY 16  
17 1 Y 1 A GLY -42 ? A GLY 17  
18 1 Y 1 A LYS -41 ? A LYS 18  
19 1 Y 1 A LYS -40 ? A LYS 19  
20 1 Y 1 A ALA -39 ? A ALA 20  
21 1 Y 1 A LYS -38 ? A LYS 21  
22 1 Y 1 A THR -37 ? A THR 22  
23 1 Y 1 A PHE -36 ? A PHE 23  
24 1 Y 1 A LYS -35 ? A LYS 24  
25 1 Y 1 A VAL -34 ? A VAL 25  
26 1 Y 1 A ILE -33 ? A ILE 26  
27 1 Y 1 A LYS -32 ? A LYS 27  
28 1 Y 1 A VAL -31 ? A VAL 28  
29 1 Y 1 A SER -30 ? A SER 29  
30 1 Y 1 A THR -29 ? A THR 30  
31 1 Y 1 A PRO -28 ? A PRO 31  
32 1 Y 1 A LYS -27 ? A LYS 32  
33 1 Y 1 A VAL -26 ? A VAL 33  
34 1 Y 1 A ASN -25 ? A ASN 34  
35 1 Y 1 A ASN -24 ? A ASN 35  
36 1 Y 1 A VAL -23 ? A VAL 36  
37 1 Y 1 A HIS -22 ? A HIS 37  
38 1 Y 1 A VAL -21 ? A VAL 38  
39 1 Y 1 A PRO -20 ? A PRO 39  
40 1 Y 1 A LYS -19 ? A LYS 40  
41 1 Y 1 A ILE -18 ? A ILE 41  
42 1 Y 1 A LYS -17 ? A LYS 42  
43 1 Y 1 A LYS -16 ? A LYS 43  
44 1 Y 1 A ALA -15 ? A ALA 44  
45 1 Y 1 A THR -14 ? A THR 45  
46 1 Y 1 A ARG -13 ? A ARG 46  
47 1 Y 1 A ILE -12 ? A ILE 47  
48 1 Y 1 A HIS -11 ? A HIS 48  
49 1 Y 1 A ASP -10 ? A ASP 49  
50 1 Y 1 A PRO -9  ? A PRO 50  
51 1 Y 1 A GLY -8  ? A GLY 51  
52 1 Y 1 A ALA -7  ? A ALA 52  
53 1 Y 1 A ILE -6  ? A ILE 53  
54 1 Y 1 A SER -5  ? A SER 54  
55 1 Y 1 A GLY -4  ? A GLY 55  
56 1 Y 1 A SER -3  ? A SER 56  
57 1 Y 1 A LEU -2  ? A LEU 57  
58 1 Y 1 A ALA -1  ? A ALA 58  
59 1 Y 1 A LYS 0   ? A LYS 59  
60 1 Y 1 A VAL 1   ? A VAL 60  
61 1 Y 1 A THR 2   ? A THR 61  
62 1 Y 1 A LYS 97  ? A LYS 156 
63 1 Y 1 A THR 98  ? A THR 157 
# 
loop_
_chem_comp_atom.comp_id 
_chem_comp_atom.atom_id 
_chem_comp_atom.type_symbol 
_chem_comp_atom.pdbx_aromatic_flag 
_chem_comp_atom.pdbx_stereo_config 
_chem_comp_atom.pdbx_ordinal 
ALA N    N N N 1   
ALA CA   C N S 2   
ALA C    C N N 3   
ALA O    O N N 4   
ALA CB   C N N 5   
ALA OXT  O N N 6   
ALA H    H N N 7   
ALA H2   H N N 8   
ALA HA   H N N 9   
ALA HB1  H N N 10  
ALA HB2  H N N 11  
ALA HB3  H N N 12  
ALA HXT  H N N 13  
ARG N    N N N 14  
ARG CA   C N S 15  
ARG C    C N N 16  
ARG O    O N N 17  
ARG CB   C N N 18  
ARG CG   C N N 19  
ARG CD   C N N 20  
ARG NE   N N N 21  
ARG CZ   C N N 22  
ARG NH1  N N N 23  
ARG NH2  N N N 24  
ARG OXT  O N N 25  
ARG H    H N N 26  
ARG H2   H N N 27  
ARG HA   H N N 28  
ARG HB2  H N N 29  
ARG HB3  H N N 30  
ARG HG2  H N N 31  
ARG HG3  H N N 32  
ARG HD2  H N N 33  
ARG HD3  H N N 34  
ARG HE   H N N 35  
ARG HH11 H N N 36  
ARG HH12 H N N 37  
ARG HH21 H N N 38  
ARG HH22 H N N 39  
ARG HXT  H N N 40  
ASN N    N N N 41  
ASN CA   C N S 42  
ASN C    C N N 43  
ASN O    O N N 44  
ASN CB   C N N 45  
ASN CG   C N N 46  
ASN OD1  O N N 47  
ASN ND2  N N N 48  
ASN OXT  O N N 49  
ASN H    H N N 50  
ASN H2   H N N 51  
ASN HA   H N N 52  
ASN HB2  H N N 53  
ASN HB3  H N N 54  
ASN HD21 H N N 55  
ASN HD22 H N N 56  
ASN HXT  H N N 57  
ASP N    N N N 58  
ASP CA   C N S 59  
ASP C    C N N 60  
ASP O    O N N 61  
ASP CB   C N N 62  
ASP CG   C N N 63  
ASP OD1  O N N 64  
ASP OD2  O N N 65  
ASP OXT  O N N 66  
ASP H    H N N 67  
ASP H2   H N N 68  
ASP HA   H N N 69  
ASP HB2  H N N 70  
ASP HB3  H N N 71  
ASP HD2  H N N 72  
ASP HXT  H N N 73  
GLU N    N N N 74  
GLU CA   C N S 75  
GLU C    C N N 76  
GLU O    O N N 77  
GLU CB   C N N 78  
GLU CG   C N N 79  
GLU CD   C N N 80  
GLU OE1  O N N 81  
GLU OE2  O N N 82  
GLU OXT  O N N 83  
GLU H    H N N 84  
GLU H2   H N N 85  
GLU HA   H N N 86  
GLU HB2  H N N 87  
GLU HB3  H N N 88  
GLU HG2  H N N 89  
GLU HG3  H N N 90  
GLU HE2  H N N 91  
GLU HXT  H N N 92  
GLY N    N N N 93  
GLY CA   C N N 94  
GLY C    C N N 95  
GLY O    O N N 96  
GLY OXT  O N N 97  
GLY H    H N N 98  
GLY H2   H N N 99  
GLY HA2  H N N 100 
GLY HA3  H N N 101 
GLY HXT  H N N 102 
HIS N    N N N 103 
HIS CA   C N S 104 
HIS C    C N N 105 
HIS O    O N N 106 
HIS CB   C N N 107 
HIS CG   C Y N 108 
HIS ND1  N Y N 109 
HIS CD2  C Y N 110 
HIS CE1  C Y N 111 
HIS NE2  N Y N 112 
HIS OXT  O N N 113 
HIS H    H N N 114 
HIS H2   H N N 115 
HIS HA   H N N 116 
HIS HB2  H N N 117 
HIS HB3  H N N 118 
HIS HD1  H N N 119 
HIS HD2  H N N 120 
HIS HE1  H N N 121 
HIS HE2  H N N 122 
HIS HXT  H N N 123 
ILE N    N N N 124 
ILE CA   C N S 125 
ILE C    C N N 126 
ILE O    O N N 127 
ILE CB   C N S 128 
ILE CG1  C N N 129 
ILE CG2  C N N 130 
ILE CD1  C N N 131 
ILE OXT  O N N 132 
ILE H    H N N 133 
ILE H2   H N N 134 
ILE HA   H N N 135 
ILE HB   H N N 136 
ILE HG12 H N N 137 
ILE HG13 H N N 138 
ILE HG21 H N N 139 
ILE HG22 H N N 140 
ILE HG23 H N N 141 
ILE HD11 H N N 142 
ILE HD12 H N N 143 
ILE HD13 H N N 144 
ILE HXT  H N N 145 
LEU N    N N N 146 
LEU CA   C N S 147 
LEU C    C N N 148 
LEU O    O N N 149 
LEU CB   C N N 150 
LEU CG   C N N 151 
LEU CD1  C N N 152 
LEU CD2  C N N 153 
LEU OXT  O N N 154 
LEU H    H N N 155 
LEU H2   H N N 156 
LEU HA   H N N 157 
LEU HB2  H N N 158 
LEU HB3  H N N 159 
LEU HG   H N N 160 
LEU HD11 H N N 161 
LEU HD12 H N N 162 
LEU HD13 H N N 163 
LEU HD21 H N N 164 
LEU HD22 H N N 165 
LEU HD23 H N N 166 
LEU HXT  H N N 167 
LYS N    N N N 168 
LYS CA   C N S 169 
LYS C    C N N 170 
LYS O    O N N 171 
LYS CB   C N N 172 
LYS CG   C N N 173 
LYS CD   C N N 174 
LYS CE   C N N 175 
LYS NZ   N N N 176 
LYS OXT  O N N 177 
LYS H    H N N 178 
LYS H2   H N N 179 
LYS HA   H N N 180 
LYS HB2  H N N 181 
LYS HB3  H N N 182 
LYS HG2  H N N 183 
LYS HG3  H N N 184 
LYS HD2  H N N 185 
LYS HD3  H N N 186 
LYS HE2  H N N 187 
LYS HE3  H N N 188 
LYS HZ1  H N N 189 
LYS HZ2  H N N 190 
LYS HZ3  H N N 191 
LYS HXT  H N N 192 
MET N    N N N 193 
MET CA   C N S 194 
MET C    C N N 195 
MET O    O N N 196 
MET CB   C N N 197 
MET CG   C N N 198 
MET SD   S N N 199 
MET CE   C N N 200 
MET OXT  O N N 201 
MET H    H N N 202 
MET H2   H N N 203 
MET HA   H N N 204 
MET HB2  H N N 205 
MET HB3  H N N 206 
MET HG2  H N N 207 
MET HG3  H N N 208 
MET HE1  H N N 209 
MET HE2  H N N 210 
MET HE3  H N N 211 
MET HXT  H N N 212 
PHE N    N N N 213 
PHE CA   C N S 214 
PHE C    C N N 215 
PHE O    O N N 216 
PHE CB   C N N 217 
PHE CG   C Y N 218 
PHE CD1  C Y N 219 
PHE CD2  C Y N 220 
PHE CE1  C Y N 221 
PHE CE2  C Y N 222 
PHE CZ   C Y N 223 
PHE OXT  O N N 224 
PHE H    H N N 225 
PHE H2   H N N 226 
PHE HA   H N N 227 
PHE HB2  H N N 228 
PHE HB3  H N N 229 
PHE HD1  H N N 230 
PHE HD2  H N N 231 
PHE HE1  H N N 232 
PHE HE2  H N N 233 
PHE HZ   H N N 234 
PHE HXT  H N N 235 
PRO N    N N N 236 
PRO CA   C N S 237 
PRO C    C N N 238 
PRO O    O N N 239 
PRO CB   C N N 240 
PRO CG   C N N 241 
PRO CD   C N N 242 
PRO OXT  O N N 243 
PRO H    H N N 244 
PRO HA   H N N 245 
PRO HB2  H N N 246 
PRO HB3  H N N 247 
PRO HG2  H N N 248 
PRO HG3  H N N 249 
PRO HD2  H N N 250 
PRO HD3  H N N 251 
PRO HXT  H N N 252 
SER N    N N N 253 
SER CA   C N S 254 
SER C    C N N 255 
SER O    O N N 256 
SER CB   C N N 257 
SER OG   O N N 258 
SER OXT  O N N 259 
SER H    H N N 260 
SER H2   H N N 261 
SER HA   H N N 262 
SER HB2  H N N 263 
SER HB3  H N N 264 
SER HG   H N N 265 
SER HXT  H N N 266 
THR N    N N N 267 
THR CA   C N S 268 
THR C    C N N 269 
THR O    O N N 270 
THR CB   C N R 271 
THR OG1  O N N 272 
THR CG2  C N N 273 
THR OXT  O N N 274 
THR H    H N N 275 
THR H2   H N N 276 
THR HA   H N N 277 
THR HB   H N N 278 
THR HG1  H N N 279 
THR HG21 H N N 280 
THR HG22 H N N 281 
THR HG23 H N N 282 
THR HXT  H N N 283 
TYR N    N N N 284 
TYR CA   C N S 285 
TYR C    C N N 286 
TYR O    O N N 287 
TYR CB   C N N 288 
TYR CG   C Y N 289 
TYR CD1  C Y N 290 
TYR CD2  C Y N 291 
TYR CE1  C Y N 292 
TYR CE2  C Y N 293 
TYR CZ   C Y N 294 
TYR OH   O N N 295 
TYR OXT  O N N 296 
TYR H    H N N 297 
TYR H2   H N N 298 
TYR HA   H N N 299 
TYR HB2  H N N 300 
TYR HB3  H N N 301 
TYR HD1  H N N 302 
TYR HD2  H N N 303 
TYR HE1  H N N 304 
TYR HE2  H N N 305 
TYR HH   H N N 306 
TYR HXT  H N N 307 
VAL N    N N N 308 
VAL CA   C N S 309 
VAL C    C N N 310 
VAL O    O N N 311 
VAL CB   C N N 312 
VAL CG1  C N N 313 
VAL CG2  C N N 314 
VAL OXT  O N N 315 
VAL H    H N N 316 
VAL H2   H N N 317 
VAL HA   H N N 318 
VAL HB   H N N 319 
VAL HG11 H N N 320 
VAL HG12 H N N 321 
VAL HG13 H N N 322 
VAL HG21 H N N 323 
VAL HG22 H N N 324 
VAL HG23 H N N 325 
VAL HXT  H N N 326 
# 
loop_
_chem_comp_bond.comp_id 
_chem_comp_bond.atom_id_1 
_chem_comp_bond.atom_id_2 
_chem_comp_bond.value_order 
_chem_comp_bond.pdbx_aromatic_flag 
_chem_comp_bond.pdbx_stereo_config 
_chem_comp_bond.pdbx_ordinal 
ALA N   CA   sing N N 1   
ALA N   H    sing N N 2   
ALA N   H2   sing N N 3   
ALA CA  C    sing N N 4   
ALA CA  CB   sing N N 5   
ALA CA  HA   sing N N 6   
ALA C   O    doub N N 7   
ALA C   OXT  sing N N 8   
ALA CB  HB1  sing N N 9   
ALA CB  HB2  sing N N 10  
ALA CB  HB3  sing N N 11  
ALA OXT HXT  sing N N 12  
ARG N   CA   sing N N 13  
ARG N   H    sing N N 14  
ARG N   H2   sing N N 15  
ARG CA  C    sing N N 16  
ARG CA  CB   sing N N 17  
ARG CA  HA   sing N N 18  
ARG C   O    doub N N 19  
ARG C   OXT  sing N N 20  
ARG CB  CG   sing N N 21  
ARG CB  HB2  sing N N 22  
ARG CB  HB3  sing N N 23  
ARG CG  CD   sing N N 24  
ARG CG  HG2  sing N N 25  
ARG CG  HG3  sing N N 26  
ARG CD  NE   sing N N 27  
ARG CD  HD2  sing N N 28  
ARG CD  HD3  sing N N 29  
ARG NE  CZ   sing N N 30  
ARG NE  HE   sing N N 31  
ARG CZ  NH1  sing N N 32  
ARG CZ  NH2  doub N N 33  
ARG NH1 HH11 sing N N 34  
ARG NH1 HH12 sing N N 35  
ARG NH2 HH21 sing N N 36  
ARG NH2 HH22 sing N N 37  
ARG OXT HXT  sing N N 38  
ASN N   CA   sing N N 39  
ASN N   H    sing N N 40  
ASN N   H2   sing N N 41  
ASN CA  C    sing N N 42  
ASN CA  CB   sing N N 43  
ASN CA  HA   sing N N 44  
ASN C   O    doub N N 45  
ASN C   OXT  sing N N 46  
ASN CB  CG   sing N N 47  
ASN CB  HB2  sing N N 48  
ASN CB  HB3  sing N N 49  
ASN CG  OD1  doub N N 50  
ASN CG  ND2  sing N N 51  
ASN ND2 HD21 sing N N 52  
ASN ND2 HD22 sing N N 53  
ASN OXT HXT  sing N N 54  
ASP N   CA   sing N N 55  
ASP N   H    sing N N 56  
ASP N   H2   sing N N 57  
ASP CA  C    sing N N 58  
ASP CA  CB   sing N N 59  
ASP CA  HA   sing N N 60  
ASP C   O    doub N N 61  
ASP C   OXT  sing N N 62  
ASP CB  CG   sing N N 63  
ASP CB  HB2  sing N N 64  
ASP CB  HB3  sing N N 65  
ASP CG  OD1  doub N N 66  
ASP CG  OD2  sing N N 67  
ASP OD2 HD2  sing N N 68  
ASP OXT HXT  sing N N 69  
GLU N   CA   sing N N 70  
GLU N   H    sing N N 71  
GLU N   H2   sing N N 72  
GLU CA  C    sing N N 73  
GLU CA  CB   sing N N 74  
GLU CA  HA   sing N N 75  
GLU C   O    doub N N 76  
GLU C   OXT  sing N N 77  
GLU CB  CG   sing N N 78  
GLU CB  HB2  sing N N 79  
GLU CB  HB3  sing N N 80  
GLU CG  CD   sing N N 81  
GLU CG  HG2  sing N N 82  
GLU CG  HG3  sing N N 83  
GLU CD  OE1  doub N N 84  
GLU CD  OE2  sing N N 85  
GLU OE2 HE2  sing N N 86  
GLU OXT HXT  sing N N 87  
GLY N   CA   sing N N 88  
GLY N   H    sing N N 89  
GLY N   H2   sing N N 90  
GLY CA  C    sing N N 91  
GLY CA  HA2  sing N N 92  
GLY CA  HA3  sing N N 93  
GLY C   O    doub N N 94  
GLY C   OXT  sing N N 95  
GLY OXT HXT  sing N N 96  
HIS N   CA   sing N N 97  
HIS N   H    sing N N 98  
HIS N   H2   sing N N 99  
HIS CA  C    sing N N 100 
HIS CA  CB   sing N N 101 
HIS CA  HA   sing N N 102 
HIS C   O    doub N N 103 
HIS C   OXT  sing N N 104 
HIS CB  CG   sing N N 105 
HIS CB  HB2  sing N N 106 
HIS CB  HB3  sing N N 107 
HIS CG  ND1  sing Y N 108 
HIS CG  CD2  doub Y N 109 
HIS ND1 CE1  doub Y N 110 
HIS ND1 HD1  sing N N 111 
HIS CD2 NE2  sing Y N 112 
HIS CD2 HD2  sing N N 113 
HIS CE1 NE2  sing Y N 114 
HIS CE1 HE1  sing N N 115 
HIS NE2 HE2  sing N N 116 
HIS OXT HXT  sing N N 117 
ILE N   CA   sing N N 118 
ILE N   H    sing N N 119 
ILE N   H2   sing N N 120 
ILE CA  C    sing N N 121 
ILE CA  CB   sing N N 122 
ILE CA  HA   sing N N 123 
ILE C   O    doub N N 124 
ILE C   OXT  sing N N 125 
ILE CB  CG1  sing N N 126 
ILE CB  CG2  sing N N 127 
ILE CB  HB   sing N N 128 
ILE CG1 CD1  sing N N 129 
ILE CG1 HG12 sing N N 130 
ILE CG1 HG13 sing N N 131 
ILE CG2 HG21 sing N N 132 
ILE CG2 HG22 sing N N 133 
ILE CG2 HG23 sing N N 134 
ILE CD1 HD11 sing N N 135 
ILE CD1 HD12 sing N N 136 
ILE CD1 HD13 sing N N 137 
ILE OXT HXT  sing N N 138 
LEU N   CA   sing N N 139 
LEU N   H    sing N N 140 
LEU N   H2   sing N N 141 
LEU CA  C    sing N N 142 
LEU CA  CB   sing N N 143 
LEU CA  HA   sing N N 144 
LEU C   O    doub N N 145 
LEU C   OXT  sing N N 146 
LEU CB  CG   sing N N 147 
LEU CB  HB2  sing N N 148 
LEU CB  HB3  sing N N 149 
LEU CG  CD1  sing N N 150 
LEU CG  CD2  sing N N 151 
LEU CG  HG   sing N N 152 
LEU CD1 HD11 sing N N 153 
LEU CD1 HD12 sing N N 154 
LEU CD1 HD13 sing N N 155 
LEU CD2 HD21 sing N N 156 
LEU CD2 HD22 sing N N 157 
LEU CD2 HD23 sing N N 158 
LEU OXT HXT  sing N N 159 
LYS N   CA   sing N N 160 
LYS N   H    sing N N 161 
LYS N   H2   sing N N 162 
LYS CA  C    sing N N 163 
LYS CA  CB   sing N N 164 
LYS CA  HA   sing N N 165 
LYS C   O    doub N N 166 
LYS C   OXT  sing N N 167 
LYS CB  CG   sing N N 168 
LYS CB  HB2  sing N N 169 
LYS CB  HB3  sing N N 170 
LYS CG  CD   sing N N 171 
LYS CG  HG2  sing N N 172 
LYS CG  HG3  sing N N 173 
LYS CD  CE   sing N N 174 
LYS CD  HD2  sing N N 175 
LYS CD  HD3  sing N N 176 
LYS CE  NZ   sing N N 177 
LYS CE  HE2  sing N N 178 
LYS CE  HE3  sing N N 179 
LYS NZ  HZ1  sing N N 180 
LYS NZ  HZ2  sing N N 181 
LYS NZ  HZ3  sing N N 182 
LYS OXT HXT  sing N N 183 
MET N   CA   sing N N 184 
MET N   H    sing N N 185 
MET N   H2   sing N N 186 
MET CA  C    sing N N 187 
MET CA  CB   sing N N 188 
MET CA  HA   sing N N 189 
MET C   O    doub N N 190 
MET C   OXT  sing N N 191 
MET CB  CG   sing N N 192 
MET CB  HB2  sing N N 193 
MET CB  HB3  sing N N 194 
MET CG  SD   sing N N 195 
MET CG  HG2  sing N N 196 
MET CG  HG3  sing N N 197 
MET SD  CE   sing N N 198 
MET CE  HE1  sing N N 199 
MET CE  HE2  sing N N 200 
MET CE  HE3  sing N N 201 
MET OXT HXT  sing N N 202 
PHE N   CA   sing N N 203 
PHE N   H    sing N N 204 
PHE N   H2   sing N N 205 
PHE CA  C    sing N N 206 
PHE CA  CB   sing N N 207 
PHE CA  HA   sing N N 208 
PHE C   O    doub N N 209 
PHE C   OXT  sing N N 210 
PHE CB  CG   sing N N 211 
PHE CB  HB2  sing N N 212 
PHE CB  HB3  sing N N 213 
PHE CG  CD1  doub Y N 214 
PHE CG  CD2  sing Y N 215 
PHE CD1 CE1  sing Y N 216 
PHE CD1 HD1  sing N N 217 
PHE CD2 CE2  doub Y N 218 
PHE CD2 HD2  sing N N 219 
PHE CE1 CZ   doub Y N 220 
PHE CE1 HE1  sing N N 221 
PHE CE2 CZ   sing Y N 222 
PHE CE2 HE2  sing N N 223 
PHE CZ  HZ   sing N N 224 
PHE OXT HXT  sing N N 225 
PRO N   CA   sing N N 226 
PRO N   CD   sing N N 227 
PRO N   H    sing N N 228 
PRO CA  C    sing N N 229 
PRO CA  CB   sing N N 230 
PRO CA  HA   sing N N 231 
PRO C   O    doub N N 232 
PRO C   OXT  sing N N 233 
PRO CB  CG   sing N N 234 
PRO CB  HB2  sing N N 235 
PRO CB  HB3  sing N N 236 
PRO CG  CD   sing N N 237 
PRO CG  HG2  sing N N 238 
PRO CG  HG3  sing N N 239 
PRO CD  HD2  sing N N 240 
PRO CD  HD3  sing N N 241 
PRO OXT HXT  sing N N 242 
SER N   CA   sing N N 243 
SER N   H    sing N N 244 
SER N   H2   sing N N 245 
SER CA  C    sing N N 246 
SER CA  CB   sing N N 247 
SER CA  HA   sing N N 248 
SER C   O    doub N N 249 
SER C   OXT  sing N N 250 
SER CB  OG   sing N N 251 
SER CB  HB2  sing N N 252 
SER CB  HB3  sing N N 253 
SER OG  HG   sing N N 254 
SER OXT HXT  sing N N 255 
THR N   CA   sing N N 256 
THR N   H    sing N N 257 
THR N   H2   sing N N 258 
THR CA  C    sing N N 259 
THR CA  CB   sing N N 260 
THR CA  HA   sing N N 261 
THR C   O    doub N N 262 
THR C   OXT  sing N N 263 
THR CB  OG1  sing N N 264 
THR CB  CG2  sing N N 265 
THR CB  HB   sing N N 266 
THR OG1 HG1  sing N N 267 
THR CG2 HG21 sing N N 268 
THR CG2 HG22 sing N N 269 
THR CG2 HG23 sing N N 270 
THR OXT HXT  sing N N 271 
TYR N   CA   sing N N 272 
TYR N   H    sing N N 273 
TYR N   H2   sing N N 274 
TYR CA  C    sing N N 275 
TYR CA  CB   sing N N 276 
TYR CA  HA   sing N N 277 
TYR C   O    doub N N 278 
TYR C   OXT  sing N N 279 
TYR CB  CG   sing N N 280 
TYR CB  HB2  sing N N 281 
TYR CB  HB3  sing N N 282 
TYR CG  CD1  doub Y N 283 
TYR CG  CD2  sing Y N 284 
TYR CD1 CE1  sing Y N 285 
TYR CD1 HD1  sing N N 286 
TYR CD2 CE2  doub Y N 287 
TYR CD2 HD2  sing N N 288 
TYR CE1 CZ   doub Y N 289 
TYR CE1 HE1  sing N N 290 
TYR CE2 CZ   sing Y N 291 
TYR CE2 HE2  sing N N 292 
TYR CZ  OH   sing N N 293 
TYR OH  HH   sing N N 294 
TYR OXT HXT  sing N N 295 
VAL N   CA   sing N N 296 
VAL N   H    sing N N 297 
VAL N   H2   sing N N 298 
VAL CA  C    sing N N 299 
VAL CA  CB   sing N N 300 
VAL CA  HA   sing N N 301 
VAL C   O    doub N N 302 
VAL C   OXT  sing N N 303 
VAL CB  CG1  sing N N 304 
VAL CB  CG2  sing N N 305 
VAL CB  HB   sing N N 306 
VAL CG1 HG11 sing N N 307 
VAL CG1 HG12 sing N N 308 
VAL CG1 HG13 sing N N 309 
VAL CG2 HG21 sing N N 310 
VAL CG2 HG22 sing N N 311 
VAL CG2 HG23 sing N N 312 
VAL OXT HXT  sing N N 313 
# 
_em_admin.entry_id           7ROE 
_em_admin.current_status     REL 
_em_admin.deposition_date    2021-07-30 
_em_admin.deposition_site    RCSB 
_em_admin.last_update        2025-05-14 
_em_admin.map_release_date   2022-03-30 
_em_admin.title              'Cryo-EM reconstruction of Sulfolobus monocaudavirus SMV1, symmetry 9' 
# 
_em_ctf_correction.id                       1 
_em_ctf_correction.em_image_processing_id   1 
_em_ctf_correction.type                     'PHASE FLIPPING AND AMPLITUDE CORRECTION' 
_em_ctf_correction.details                  ? 
# 
_em_entity_assembly_naturalsource.id                   1 
_em_entity_assembly_naturalsource.entity_assembly_id   1 
_em_entity_assembly_naturalsource.cell                 ? 
_em_entity_assembly_naturalsource.cellular_location    ? 
_em_entity_assembly_naturalsource.ncbi_tax_id          1351702 
_em_entity_assembly_naturalsource.organ                ? 
_em_entity_assembly_naturalsource.organelle            ? 
_em_entity_assembly_naturalsource.organism             'Sulfolobus monocaudavirus SMV1' 
_em_entity_assembly_naturalsource.strain               ? 
_em_entity_assembly_naturalsource.tissue               ? 
# 
_em_helical_entity.id                             1 
_em_helical_entity.image_processing_id            1 
_em_helical_entity.angular_rotation_per_subunit   50.35 
_em_helical_entity.axial_rise_per_subunit         0.611 
_em_helical_entity.axial_symmetry                 C1 
_em_helical_entity.details                        ? 
# 
_em_image_processing.id                   1 
_em_image_processing.image_recording_id   1 
_em_image_processing.details              ? 
# 
_em_image_recording.id                            1 
_em_image_recording.imaging_id                    1 
_em_image_recording.avg_electron_dose_per_image   50 
_em_image_recording.average_exposure_time         ? 
_em_image_recording.details                       ? 
_em_image_recording.detector_mode                 ? 
_em_image_recording.film_or_detector_model        'GATAN K3 (6k x 4k)' 
_em_image_recording.num_diffraction_images        ? 
_em_image_recording.num_grids_imaged              ? 
_em_image_recording.num_real_images               ? 
# 
loop_
_em_software.id 
_em_software.category 
_em_software.details 
_em_software.name 
_em_software.version 
_em_software.image_processing_id 
_em_software.fitting_id 
_em_software.imaging_id 
1  'PARTICLE SELECTION'       ? ?      ? 1 ? ? 
2  'IMAGE ACQUISITION'        ? ?      ? ? ? 1 
3  MASKING                    ? ?      ? ? ? ? 
4  'CTF CORRECTION'           ? ?      ? 1 ? ? 
5  'LAYERLINE INDEXING'       ? ?      ? ? ? ? 
6  'DIFFRACTION INDEXING'     ? ?      ? ? ? ? 
7  'MODEL FITTING'            ? ?      ? ? ? ? 
8  'MODEL REFINEMENT'         ? PHENIX ? ? ? ? 
9  OTHER                      ? ?      ? ? ? ? 
10 'INITIAL EULER ASSIGNMENT' ? ?      ? 1 ? ? 
11 'FINAL EULER ASSIGNMENT'   ? ?      ? 1 ? ? 
12 CLASSIFICATION             ? ?      ? 1 ? ? 
13 RECONSTRUCTION             ? ?      ? 1 ? ? 
# 
_em_specimen.id                      1 
_em_specimen.experiment_id           1 
_em_specimen.concentration           ? 
_em_specimen.details                 ? 
_em_specimen.embedding_applied       NO 
_em_specimen.shadowing_applied       NO 
_em_specimen.staining_applied        NO 
_em_specimen.vitrification_applied   YES 
# 
loop_
_pdbx_audit_support.funding_organization 
_pdbx_audit_support.country 
_pdbx_audit_support.grant_number 
_pdbx_audit_support.ordinal 
'National Institutes of Health/National Institute of General Medical Sciences (NIH/NIGMS)' 'United States' R35GM122510 1 
'National Institutes of Health/National Institute of General Medical Sciences (NIH/NIGMS)' 'United States' K99GM138756 2 
# 
_atom_sites.entry_id                    7ROE 
_atom_sites.Cartn_transf_matrix[1][1]   ? 
_atom_sites.Cartn_transf_matrix[1][2]   ? 
_atom_sites.Cartn_transf_matrix[1][3]   ? 
_atom_sites.Cartn_transf_matrix[2][1]   ? 
_atom_sites.Cartn_transf_matrix[2][2]   ? 
_atom_sites.Cartn_transf_matrix[2][3]   ? 
_atom_sites.Cartn_transf_matrix[3][1]   ? 
_atom_sites.Cartn_transf_matrix[3][2]   ? 
_atom_sites.Cartn_transf_matrix[3][3]   ? 
_atom_sites.Cartn_transf_vector[1]      ? 
_atom_sites.Cartn_transf_vector[2]      ? 
_atom_sites.Cartn_transf_vector[3]      ? 
_atom_sites.fract_transf_matrix[1][1]   1.000000 
_atom_sites.fract_transf_matrix[1][2]   0.000000 
_atom_sites.fract_transf_matrix[1][3]   0.000000 
_atom_sites.fract_transf_matrix[2][1]   0.000000 
_atom_sites.fract_transf_matrix[2][2]   1.000000 
_atom_sites.fract_transf_matrix[2][3]   0.000000 
_atom_sites.fract_transf_matrix[3][1]   0.000000 
_atom_sites.fract_transf_matrix[3][2]   0.000000 
_atom_sites.fract_transf_matrix[3][3]   1.000000 
_atom_sites.fract_transf_vector[1]      0.00000 
_atom_sites.fract_transf_vector[2]      0.00000 
_atom_sites.fract_transf_vector[3]      0.00000 
_atom_sites.solution_primary            ? 
_atom_sites.solution_secondary          ? 
_atom_sites.solution_hydrogens          ? 
_atom_sites.special_details             ? 
# 
loop_
_atom_type.symbol 
C 
N 
O 
S 
# 
loop_
_atom_site.group_PDB 
_atom_site.id 
_atom_site.type_symbol 
_atom_site.label_atom_id 
_atom_site.label_alt_id 
_atom_site.label_comp_id 
_atom_site.label_asym_id 
_atom_site.label_entity_id 
_atom_site.label_seq_id 
_atom_site.pdbx_PDB_ins_code 
_atom_site.Cartn_x 
_atom_site.Cartn_y 
_atom_site.Cartn_z 
_atom_site.occupancy 
_atom_site.B_iso_or_equiv 
_atom_site.pdbx_formal_charge 
_atom_site.auth_seq_id 
_atom_site.auth_comp_id 
_atom_site.auth_asym_id 
_atom_site.auth_atom_id 
_atom_site.pdbx_PDB_model_num 
ATOM 1   N N   . PHE A 1 62  ? 1.914   -18.915 -23.510 1.00 94.72  ? 3  PHE A N   1 
ATOM 2   C CA  . PHE A 1 62  ? 0.519   -19.203 -23.201 1.00 94.72  ? 3  PHE A CA  1 
ATOM 3   C C   . PHE A 1 62  ? -0.303  -17.920 -23.185 1.00 94.72  ? 3  PHE A C   1 
ATOM 4   O O   . PHE A 1 62  ? -0.645  -17.393 -22.126 1.00 94.72  ? 3  PHE A O   1 
ATOM 5   C CB  . PHE A 1 62  ? 0.409   -19.932 -21.865 1.00 94.72  ? 3  PHE A CB  1 
ATOM 6   C CG  . PHE A 1 62  ? -0.859  -20.711 -21.705 1.00 94.72  ? 3  PHE A CG  1 
ATOM 7   C CD1 . PHE A 1 62  ? -1.314  -21.530 -22.722 1.00 94.72  ? 3  PHE A CD1 1 
ATOM 8   C CD2 . PHE A 1 62  ? -1.577  -20.653 -20.526 1.00 94.72  ? 3  PHE A CD2 1 
ATOM 9   C CE1 . PHE A 1 62  ? -2.479  -22.254 -22.574 1.00 94.72  ? 3  PHE A CE1 1 
ATOM 10  C CE2 . PHE A 1 62  ? -2.740  -21.379 -20.372 1.00 94.72  ? 3  PHE A CE2 1 
ATOM 11  C CZ  . PHE A 1 62  ? -3.190  -22.181 -21.396 1.00 94.72  ? 3  PHE A CZ  1 
ATOM 12  N N   . GLY A 1 63  ? -0.611  -17.426 -24.377 1.00 116.20 ? 4  GLY A N   1 
ATOM 13  C CA  . GLY A 1 63  ? -1.314  -16.167 -24.513 1.00 116.20 ? 4  GLY A CA  1 
ATOM 14  C C   . GLY A 1 63  ? -1.430  -15.797 -25.973 1.00 116.20 ? 4  GLY A C   1 
ATOM 15  O O   . GLY A 1 63  ? -1.210  -16.626 -26.858 1.00 116.20 ? 4  GLY A O   1 
ATOM 16  N N   . THR A 1 64  ? -1.784  -14.537 -26.223 1.00 125.52 ? 5  THR A N   1 
ATOM 17  C CA  . THR A 1 64  ? -1.962  -14.063 -27.589 1.00 125.52 ? 5  THR A CA  1 
ATOM 18  C C   . THR A 1 64  ? -0.950  -12.993 -27.988 1.00 125.52 ? 5  THR A C   1 
ATOM 19  O O   . THR A 1 64  ? -0.163  -13.210 -28.914 1.00 125.52 ? 5  THR A O   1 
ATOM 20  C CB  . THR A 1 64  ? -3.402  -13.553 -27.780 1.00 125.52 ? 5  THR A CB  1 
ATOM 21  O OG1 . THR A 1 64  ? -3.513  -12.865 -29.032 1.00 125.52 ? 5  THR A OG1 1 
ATOM 22  C CG2 . THR A 1 64  ? -3.835  -12.644 -26.629 1.00 125.52 ? 5  THR A CG2 1 
ATOM 23  N N   . ASN A 1 65  ? -0.944  -11.839 -27.326 1.00 129.48 ? 6  ASN A N   1 
ATOM 24  C CA  . ASN A 1 65  ? -0.017  -10.767 -27.676 1.00 129.48 ? 6  ASN A CA  1 
ATOM 25  C C   . ASN A 1 65  ? 0.877   -10.372 -26.511 1.00 129.48 ? 6  ASN A C   1 
ATOM 26  O O   . ASN A 1 65  ? 2.105   -10.386 -26.648 1.00 129.48 ? 6  ASN A O   1 
ATOM 27  C CB  . ASN A 1 65  ? -0.804  -9.552  -28.183 1.00 129.48 ? 6  ASN A CB  1 
ATOM 28  C CG  . ASN A 1 65  ? -1.994  -9.220  -27.302 1.00 129.48 ? 6  ASN A CG  1 
ATOM 29  O OD1 . ASN A 1 65  ? -1.950  -9.399  -26.085 1.00 129.48 ? 6  ASN A OD1 1 
ATOM 30  N ND2 . ASN A 1 65  ? -3.068  -8.737  -27.916 1.00 129.48 ? 6  ASN A ND2 1 
ATOM 31  N N   . GLY A 1 66  ? 0.297   -10.020 -25.370 1.00 123.27 ? 7  GLY A N   1 
ATOM 32  C CA  . GLY A 1 66  ? 1.064   -9.571  -24.228 1.00 123.27 ? 7  GLY A CA  1 
ATOM 33  C C   . GLY A 1 66  ? 0.521   -10.129 -22.933 1.00 123.27 ? 7  GLY A C   1 
ATOM 34  O O   . GLY A 1 66  ? 1.086   -9.899  -21.858 1.00 123.27 ? 7  GLY A O   1 
ATOM 35  N N   . PHE A 1 67  ? -0.586  -10.860 -23.021 1.00 107.75 ? 8  PHE A N   1 
ATOM 36  C CA  . PHE A 1 67  ? -1.181  -11.499 -21.856 1.00 107.75 ? 8  PHE A CA  1 
ATOM 37  C C   . PHE A 1 67  ? -0.565  -12.883 -21.692 1.00 107.75 ? 8  PHE A C   1 
ATOM 38  O O   . PHE A 1 67  ? -0.758  -13.762 -22.537 1.00 107.75 ? 8  PHE A O   1 
ATOM 39  C CB  . PHE A 1 67  ? -2.697  -11.585 -21.989 1.00 107.75 ? 8  PHE A CB  1 
ATOM 40  C CG  . PHE A 1 67  ? -3.387  -11.864 -20.694 1.00 107.75 ? 8  PHE A CG  1 
ATOM 41  C CD1 . PHE A 1 67  ? -3.251  -10.995 -19.628 1.00 107.75 ? 8  PHE A CD1 1 
ATOM 42  C CD2 . PHE A 1 67  ? -4.147  -13.004 -20.529 1.00 107.75 ? 8  PHE A CD2 1 
ATOM 43  C CE1 . PHE A 1 67  ? -3.873  -11.250 -18.430 1.00 107.75 ? 8  PHE A CE1 1 
ATOM 44  C CE2 . PHE A 1 67  ? -4.772  -13.264 -19.330 1.00 107.75 ? 8  PHE A CE2 1 
ATOM 45  C CZ  . PHE A 1 67  ? -4.634  -12.385 -18.280 1.00 107.75 ? 8  PHE A CZ  1 
ATOM 46  N N   . ASP A 1 68  ? 0.177   -13.073 -20.605 1.00 100.28 ? 9  ASP A N   1 
ATOM 47  C CA  . ASP A 1 68  ? 0.829   -14.339 -20.301 1.00 100.28 ? 9  ASP A CA  1 
ATOM 48  C C   . ASP A 1 68  ? 0.492   -14.726 -18.871 1.00 100.28 ? 9  ASP A C   1 
ATOM 49  O O   . ASP A 1 68  ? 0.842   -14.003 -17.933 1.00 100.28 ? 9  ASP A O   1 
ATOM 50  C CB  . ASP A 1 68  ? 2.342   -14.232 -20.492 1.00 100.28 ? 9  ASP A CB  1 
ATOM 51  C CG  . ASP A 1 68  ? 3.058   -15.527 -20.194 1.00 100.28 ? 9  ASP A CG  1 
ATOM 52  O OD1 . ASP A 1 68  ? 2.958   -16.467 -21.010 1.00 100.28 ? 9  ASP A OD1 1 
ATOM 53  O OD2 . ASP A 1 68  ? 3.726   -15.600 -19.142 1.00 100.28 ? 9  ASP A OD2 1 
ATOM 54  N N   . ILE A 1 69  ? -0.182  -15.866 -18.708 1.00 91.69  ? 10 ILE A N   1 
ATOM 55  C CA  . ILE A 1 69  ? -0.575  -16.310 -17.370 1.00 91.69  ? 10 ILE A CA  1 
ATOM 56  C C   . ILE A 1 69  ? 0.627   -16.488 -16.453 1.00 91.69  ? 10 ILE A C   1 
ATOM 57  O O   . ILE A 1 69  ? 0.569   -16.029 -15.296 1.00 91.69  ? 10 ILE A O   1 
ATOM 58  C CB  . ILE A 1 69  ? -1.442  -17.576 -17.466 1.00 91.69  ? 10 ILE A CB  1 
ATOM 59  C CG1 . ILE A 1 69  ? -2.762  -17.280 -18.173 1.00 91.69  ? 10 ILE A CG1 1 
ATOM 60  C CG2 . ILE A 1 69  ? -1.715  -18.143 -16.090 1.00 91.69  ? 10 ILE A CG2 1 
ATOM 61  C CD1 . ILE A 1 69  ? -2.728  -17.502 -19.661 1.00 91.69  ? 10 ILE A CD1 1 
ATOM 62  N N   . PRO A 1 70  ? 1.727   -17.132 -16.866 1.00 89.40  ? 11 PRO A N   1 
ATOM 63  C CA  . PRO A 1 70  ? 2.903   -17.174 -15.984 1.00 89.40  ? 11 PRO A CA  1 
ATOM 64  C C   . PRO A 1 70  ? 3.407   -15.798 -15.594 1.00 89.40  ? 11 PRO A C   1 
ATOM 65  O O   . PRO A 1 70  ? 3.769   -15.578 -14.431 1.00 89.40  ? 11 PRO A O   1 
ATOM 66  C CB  . PRO A 1 70  ? 3.934   -17.940 -16.819 1.00 89.40  ? 11 PRO A CB  1 
ATOM 67  C CG  . PRO A 1 70  ? 3.126   -18.782 -17.721 1.00 89.40  ? 11 PRO A CG  1 
ATOM 68  C CD  . PRO A 1 70  ? 1.924   -17.970 -18.065 1.00 89.40  ? 11 PRO A CD  1 
ATOM 69  N N   . THR A 1 71  ? 3.432   -14.859 -16.540 1.00 89.28  ? 12 THR A N   1 
ATOM 70  C CA  . THR A 1 71  ? 3.882   -13.509 -16.225 1.00 89.28  ? 12 THR A CA  1 
ATOM 71  C C   . THR A 1 71  ? 2.963   -12.852 -15.205 1.00 89.28  ? 12 THR A C   1 
ATOM 72  O O   . THR A 1 71  ? 3.426   -12.159 -14.293 1.00 89.28  ? 12 THR A O   1 
ATOM 73  C CB  . THR A 1 71  ? 3.952   -12.671 -17.496 1.00 89.28  ? 12 THR A CB  1 
ATOM 74  O OG1 . THR A 1 71  ? 4.694   -13.381 -18.494 1.00 89.28  ? 12 THR A OG1 1 
ATOM 75  C CG2 . THR A 1 71  ? 4.636   -11.351 -17.216 1.00 89.28  ? 12 THR A CG2 1 
ATOM 76  N N   . ILE A 1 72  ? 1.655   -13.071 -15.339 1.00 87.87  ? 13 ILE A N   1 
ATOM 77  C CA  . ILE A 1 72  ? 0.709   -12.505 -14.384 1.00 87.87  ? 13 ILE A CA  1 
ATOM 78  C C   . ILE A 1 72  ? 0.939   -13.091 -12.999 1.00 87.87  ? 13 ILE A C   1 
ATOM 79  O O   . ILE A 1 72  ? 0.914   -12.371 -11.992 1.00 87.87  ? 13 ILE A O   1 
ATOM 80  C CB  . ILE A 1 72  ? -0.732  -12.737 -14.864 1.00 87.87  ? 13 ILE A CB  1 
ATOM 81  C CG1 . ILE A 1 72  ? -0.946  -12.081 -16.224 1.00 87.87  ? 13 ILE A CG1 1 
ATOM 82  C CG2 . ILE A 1 72  ? -1.718  -12.187 -13.854 1.00 87.87  ? 13 ILE A CG2 1 
ATOM 83  C CD1 . ILE A 1 72  ? -0.725  -10.590 -16.218 1.00 87.87  ? 13 ILE A CD1 1 
ATOM 84  N N   . ALA A 1 73  ? 1.157   -14.404 -12.923 1.00 81.31  ? 14 ALA A N   1 
ATOM 85  C CA  . ALA A 1 73  ? 1.404   -15.025 -11.626 1.00 81.31  ? 14 ALA A CA  1 
ATOM 86  C C   . ALA A 1 73  ? 2.673   -14.476 -10.990 1.00 81.31  ? 14 ALA A C   1 
ATOM 87  O O   . ALA A 1 73  ? 2.709   -14.200 -9.783  1.00 81.31  ? 14 ALA A O   1 
ATOM 88  C CB  . ALA A 1 73  ? 1.489   -16.541 -11.781 1.00 81.31  ? 14 ALA A CB  1 
ATOM 89  N N   . ILE A 1 74  ? 3.725   -14.303 -11.792 1.00 83.37  ? 15 ILE A N   1 
ATOM 90  C CA  . ILE A 1 74  ? 4.967   -13.743 -11.272 1.00 83.37  ? 15 ILE A CA  1 
ATOM 91  C C   . ILE A 1 74  ? 4.741   -12.325 -10.766 1.00 83.37  ? 15 ILE A C   1 
ATOM 92  O O   . ILE A 1 74  ? 5.261   -11.933 -9.714  1.00 83.37  ? 15 ILE A O   1 
ATOM 93  C CB  . ILE A 1 74  ? 6.061   -13.791 -12.353 1.00 83.37  ? 15 ILE A CB  1 
ATOM 94  C CG1 . ILE A 1 74  ? 6.377   -15.237 -12.723 1.00 83.37  ? 15 ILE A CG1 1 
ATOM 95  C CG2 . ILE A 1 74  ? 7.313   -13.087 -11.875 1.00 83.37  ? 15 ILE A CG2 1 
ATOM 96  C CD1 . ILE A 1 74  ? 7.171   -15.371 -13.995 1.00 83.37  ? 15 ILE A CD1 1 
ATOM 97  N N   . ALA A 1 75  ? 3.960   -11.535 -11.505 1.00 85.97  ? 16 ALA A N   1 
ATOM 98  C CA  . ALA A 1 75  ? 3.693   -10.163 -11.086 1.00 85.97  ? 16 ALA A CA  1 
ATOM 99  C C   . ALA A 1 75  ? 2.925   -10.132 -9.773  1.00 85.97  ? 16 ALA A C   1 
ATOM 100 O O   . ALA A 1 75  ? 3.196   -9.295  -8.902  1.00 85.97  ? 16 ALA A O   1 
ATOM 101 C CB  . ALA A 1 75  ? 2.929   -9.424  -12.178 1.00 85.97  ? 16 ALA A CB  1 
ATOM 102 N N   . LEU A 1 76  ? 1.954   -11.035 -9.618  1.00 81.72  ? 17 LEU A N   1 
ATOM 103 C CA  . LEU A 1 76  ? 1.240   -11.137 -8.351  1.00 81.72  ? 17 LEU A CA  1 
ATOM 104 C C   . LEU A 1 76  ? 2.189   -11.489 -7.215  1.00 81.72  ? 17 LEU A C   1 
ATOM 105 O O   . LEU A 1 76  ? 2.101   -10.921 -6.119  1.00 81.72  ? 17 LEU A O   1 
ATOM 106 C CB  . LEU A 1 76  ? 0.128   -12.177 -8.457  1.00 81.72  ? 17 LEU A CB  1 
ATOM 107 C CG  . LEU A 1 76  ? -1.278  -11.668 -8.774  1.00 81.72  ? 17 LEU A CG  1 
ATOM 108 C CD1 . LEU A 1 76  ? -1.355  -11.139 -10.185 1.00 81.72  ? 17 LEU A CD1 1 
ATOM 109 C CD2 . LEU A 1 76  ? -2.290  -12.778 -8.567  1.00 81.72  ? 17 LEU A CD2 1 
ATOM 110 N N   . LEU A 1 77  ? 3.107   -12.424 -7.458  1.00 81.91  ? 18 LEU A N   1 
ATOM 111 C CA  . LEU A 1 77  ? 4.103   -12.759 -6.446  1.00 81.91  ? 18 LEU A CA  1 
ATOM 112 C C   . LEU A 1 77  ? 4.899   -11.522 -6.044  1.00 81.91  ? 18 LEU A C   1 
ATOM 113 O O   . LEU A 1 77  ? 5.089   -11.241 -4.852  1.00 81.91  ? 18 LEU A O   1 
ATOM 114 C CB  . LEU A 1 77  ? 5.033   -13.847 -6.982  1.00 81.91  ? 18 LEU A CB  1 
ATOM 115 C CG  . LEU A 1 77  ? 5.812   -14.739 -6.021  1.00 81.91  ? 18 LEU A CG  1 
ATOM 116 C CD1 . LEU A 1 77  ? 6.209   -16.009 -6.741  1.00 81.91  ? 18 LEU A CD1 1 
ATOM 117 C CD2 . LEU A 1 77  ? 7.039   -14.041 -5.478  1.00 81.91  ? 18 LEU A CD2 1 
ATOM 118 N N   . ILE A 1 78  ? 5.370   -10.771 -7.040  1.00 82.23  ? 19 ILE A N   1 
ATOM 119 C CA  . ILE A 1 78  ? 6.216   -9.613  -6.773  1.00 82.23  ? 19 ILE A CA  1 
ATOM 120 C C   . ILE A 1 78  ? 5.463   -8.573  -5.959  1.00 82.23  ? 19 ILE A C   1 
ATOM 121 O O   . ILE A 1 78  ? 5.986   -8.038  -4.972  1.00 82.23  ? 19 ILE A O   1 
ATOM 122 C CB  . ILE A 1 78  ? 6.735   -9.019  -8.092  1.00 82.23  ? 19 ILE A CB  1 
ATOM 123 C CG1 . ILE A 1 78  ? 7.599   -10.039 -8.824  1.00 82.23  ? 19 ILE A CG1 1 
ATOM 124 C CG2 . ILE A 1 78  ? 7.526   -7.760  -7.826  1.00 82.23  ? 19 ILE A CG2 1 
ATOM 125 C CD1 . ILE A 1 78  ? 7.895   -9.661  -10.247 1.00 82.23  ? 19 ILE A CD1 1 
ATOM 126 N N   . VAL A 1 79  ? 4.229   -8.263  -6.355  1.00 84.12  ? 20 VAL A N   1 
ATOM 127 C CA  . VAL A 1 79  ? 3.481   -7.227  -5.646  1.00 84.12  ? 20 VAL A CA  1 
ATOM 128 C C   . VAL A 1 79  ? 3.167   -7.675  -4.225  1.00 84.12  ? 20 VAL A C   1 
ATOM 129 O O   . VAL A 1 79  ? 3.250   -6.882  -3.279  1.00 84.12  ? 20 VAL A O   1 
ATOM 130 C CB  . VAL A 1 79  ? 2.215   -6.829  -6.426  1.00 84.12  ? 20 VAL A CB  1 
ATOM 131 C CG1 . VAL A 1 79  ? 2.590   -6.281  -7.781  1.00 84.12  ? 20 VAL A CG1 1 
ATOM 132 C CG2 . VAL A 1 79  ? 1.290   -7.997  -6.598  1.00 84.12  ? 20 VAL A CG2 1 
ATOM 133 N N   . GLY A 1 80  ? 2.825   -8.954  -4.043  1.00 82.70  ? 21 GLY A N   1 
ATOM 134 C CA  . GLY A 1 80  ? 2.568   -9.442  -2.700  1.00 82.70  ? 21 GLY A CA  1 
ATOM 135 C C   . GLY A 1 80  ? 3.777   -9.314  -1.796  1.00 82.70  ? 21 GLY A C   1 
ATOM 136 O O   . GLY A 1 80  ? 3.674   -8.818  -0.668  1.00 82.70  ? 21 GLY A O   1 
ATOM 137 N N   . VAL A 1 81  ? 4.943   -9.741  -2.281  1.00 89.17  ? 22 VAL A N   1 
ATOM 138 C CA  . VAL A 1 81  ? 6.122   -9.689  -1.426  1.00 89.17  ? 22 VAL A CA  1 
ATOM 139 C C   . VAL A 1 81  ? 6.522   -8.243  -1.156  1.00 89.17  ? 22 VAL A C   1 
ATOM 140 O O   . VAL A 1 81  ? 6.953   -7.908  -0.048  1.00 89.17  ? 22 VAL A O   1 
ATOM 141 C CB  . VAL A 1 81  ? 7.276   -10.512 -2.027  1.00 89.17  ? 22 VAL A CB  1 
ATOM 142 C CG1 . VAL A 1 81  ? 6.822   -11.935 -2.284  1.00 89.17  ? 22 VAL A CG1 1 
ATOM 143 C CG2 . VAL A 1 81  ? 7.794   -9.890  -3.299  1.00 89.17  ? 22 VAL A CG2 1 
ATOM 144 N N   . ILE A 1 82  ? 6.354   -7.356  -2.142  1.00 83.80  ? 23 ILE A N   1 
ATOM 145 C CA  . ILE A 1 82  ? 6.694   -5.952  -1.926  1.00 83.80  ? 23 ILE A CA  1 
ATOM 146 C C   . ILE A 1 82  ? 5.796   -5.346  -0.858  1.00 83.80  ? 23 ILE A C   1 
ATOM 147 O O   . ILE A 1 82  ? 6.261   -4.609  0.022   1.00 83.80  ? 23 ILE A O   1 
ATOM 148 C CB  . ILE A 1 82  ? 6.600   -5.166  -3.241  1.00 83.80  ? 23 ILE A CB  1 
ATOM 149 C CG1 . ILE A 1 82  ? 7.722   -5.569  -4.187  1.00 83.80  ? 23 ILE A CG1 1 
ATOM 150 C CG2 . ILE A 1 82  ? 6.689   -3.687  -2.969  1.00 83.80  ? 23 ILE A CG2 1 
ATOM 151 C CD1 . ILE A 1 82  ? 7.608   -4.934  -5.541  1.00 83.80  ? 23 ILE A CD1 1 
ATOM 152 N N   . ILE A 1 83  ? 4.499   -5.647  -0.913  1.00 85.04  ? 24 ILE A N   1 
ATOM 153 C CA  . ILE A 1 83  ? 3.584   -5.093  0.078   1.00 85.04  ? 24 ILE A CA  1 
ATOM 154 C C   . ILE A 1 83  ? 3.902   -5.645  1.459   1.00 85.04  ? 24 ILE A C   1 
ATOM 155 O O   . ILE A 1 83  ? 3.835   -4.924  2.465   1.00 85.04  ? 24 ILE A O   1 
ATOM 156 C CB  . ILE A 1 83  ? 2.130   -5.361  -0.336  1.00 85.04  ? 24 ILE A CB  1 
ATOM 157 C CG1 . ILE A 1 83  ? 1.836   -4.638  -1.642  1.00 85.04  ? 24 ILE A CG1 1 
ATOM 158 C CG2 . ILE A 1 83  ? 1.174   -4.874  0.719   1.00 85.04  ? 24 ILE A CG2 1 
ATOM 159 C CD1 . ILE A 1 83  ? 0.521   -5.011  -2.229  1.00 85.04  ? 24 ILE A CD1 1 
ATOM 160 N N   . GLY A 1 84  ? 4.273   -6.925  1.532   1.00 87.07  ? 25 GLY A N   1 
ATOM 161 C CA  . GLY A 1 84  ? 4.672   -7.491  2.810   1.00 87.07  ? 25 GLY A CA  1 
ATOM 162 C C   . GLY A 1 84  ? 5.886   -6.798  3.398   1.00 87.07  ? 25 GLY A C   1 
ATOM 163 O O   . GLY A 1 84  ? 5.906   -6.444  4.583   1.00 87.07  ? 25 GLY A O   1 
ATOM 164 N N   . LEU A 1 85  ? 6.919   -6.595  2.573   1.00 91.82  ? 26 LEU A N   1 
ATOM 165 C CA  . LEU A 1 85  ? 8.101   -5.871  3.032   1.00 91.82  ? 26 LEU A CA  1 
ATOM 166 C C   . LEU A 1 85  ? 7.740   -4.479  3.522   1.00 91.82  ? 26 LEU A C   1 
ATOM 167 O O   . LEU A 1 85  ? 8.247   -4.025  4.554   1.00 91.82  ? 26 LEU A O   1 
ATOM 168 C CB  . LEU A 1 85  ? 9.134   -5.753  1.913   1.00 91.82  ? 26 LEU A CB  1 
ATOM 169 C CG  . LEU A 1 85  ? 9.585   -6.967  1.108   1.00 91.82  ? 26 LEU A CG  1 
ATOM 170 C CD1 . LEU A 1 85  ? 10.577  -6.536  0.079   1.00 91.82  ? 26 LEU A CD1 1 
ATOM 171 C CD2 . LEU A 1 85  ? 10.245  -7.952  2.014   1.00 91.82  ? 26 LEU A CD2 1 
ATOM 172 N N   . SER A 1 86  ? 6.891   -3.775  2.771   1.00 89.53  ? 27 SER A N   1 
ATOM 173 C CA  . SER A 1 86  ? 6.540   -2.412  3.144   1.00 89.53  ? 27 SER A CA  1 
ATOM 174 C C   . SER A 1 86  ? 5.845   -2.383  4.494   1.00 89.53  ? 27 SER A C   1 
ATOM 175 O O   . SER A 1 86  ? 6.184   -1.573  5.362   1.00 89.53  ? 27 SER A O   1 
ATOM 176 C CB  . SER A 1 86  ? 5.651   -1.788  2.074   1.00 89.53  ? 27 SER A CB  1 
ATOM 177 O OG  . SER A 1 86  ? 4.625   -2.682  1.704   1.00 89.53  ? 27 SER A OG  1 
ATOM 178 N N   . GLY A 1 87  ? 4.859   -3.258  4.683   1.00 89.07  ? 28 GLY A N   1 
ATOM 179 C CA  . GLY A 1 87  ? 4.190   -3.321  5.971   1.00 89.07  ? 28 GLY A CA  1 
ATOM 180 C C   . GLY A 1 87  ? 5.149   -3.629  7.103   1.00 89.07  ? 28 GLY A C   1 
ATOM 181 O O   . GLY A 1 87  ? 5.113   -2.982  8.155   1.00 89.07  ? 28 GLY A O   1 
ATOM 182 N N   . LEU A 1 88  ? 6.034   -4.605  6.893   1.00 88.17  ? 29 LEU A N   1 
ATOM 183 C CA  . LEU A 1 88  ? 7.003   -4.968  7.921   1.00 88.17  ? 29 LEU A CA  1 
ATOM 184 C C   . LEU A 1 88  ? 7.874   -3.777  8.300   1.00 88.17  ? 29 LEU A C   1 
ATOM 185 O O   . LEU A 1 88  ? 8.019   -3.445  9.486   1.00 88.17  ? 29 LEU A O   1 
ATOM 186 C CB  . LEU A 1 88  ? 7.863   -6.125  7.421   1.00 88.17  ? 29 LEU A CB  1 
ATOM 187 C CG  . LEU A 1 88  ? 9.033   -6.565  8.294   1.00 88.17  ? 29 LEU A CG  1 
ATOM 188 C CD1 . LEU A 1 88  ? 8.524   -7.068  9.621   1.00 88.17  ? 29 LEU A CD1 1 
ATOM 189 C CD2 . LEU A 1 88  ? 9.829   -7.639  7.584   1.00 88.17  ? 29 LEU A CD2 1 
ATOM 190 N N   . ILE A 1 89  ? 8.448   -3.111  7.299   1.00 83.39  ? 30 ILE A N   1 
ATOM 191 C CA  . ILE A 1 89  ? 9.386   -2.026  7.559   1.00 83.39  ? 30 ILE A CA  1 
ATOM 192 C C   . ILE A 1 89  ? 8.678   -0.855  8.226   1.00 83.39  ? 30 ILE A C   1 
ATOM 193 O O   . ILE A 1 89  ? 9.194   -0.258  9.177   1.00 83.39  ? 30 ILE A O   1 
ATOM 194 C CB  . ILE A 1 89  ? 10.078  -1.597  6.256   1.00 83.39  ? 30 ILE A CB  1 
ATOM 195 C CG1 . ILE A 1 89  ? 10.911  -2.749  5.700   1.00 83.39  ? 30 ILE A CG1 1 
ATOM 196 C CG2 . ILE A 1 89  ? 10.948  -0.386  6.501   1.00 83.39  ? 30 ILE A CG2 1 
ATOM 197 C CD1 . ILE A 1 89  ? 11.403  -2.517  4.303   1.00 83.39  ? 30 ILE A CD1 1 
ATOM 198 N N   . LEU A 1 90  ? 7.481   -0.511  7.742   1.00 85.35  ? 31 LEU A N   1 
ATOM 199 C CA  . LEU A 1 90  ? 6.754   0.615   8.316   1.00 85.35  ? 31 LEU A CA  1 
ATOM 200 C C   . LEU A 1 90  ? 6.359   0.341   9.760   1.00 85.35  ? 31 LEU A C   1 
ATOM 201 O O   . LEU A 1 90  ? 6.439   1.234   10.609  1.00 85.35  ? 31 LEU A O   1 
ATOM 202 C CB  . LEU A 1 90  ? 5.520   0.937   7.475   1.00 85.35  ? 31 LEU A CB  1 
ATOM 203 C CG  . LEU A 1 90  ? 5.653   2.001   6.384   1.00 85.35  ? 31 LEU A CG  1 
ATOM 204 C CD1 . LEU A 1 90  ? 6.009   3.344   6.998   1.00 85.35  ? 31 LEU A CD1 1 
ATOM 205 C CD2 . LEU A 1 90  ? 6.673   1.607   5.345   1.00 85.35  ? 31 LEU A CD2 1 
ATOM 206 N N   . SER A 1 91  ? 5.928   -0.884  10.062  1.00 88.57  ? 32 SER A N   1 
ATOM 207 C CA  . SER A 1 91  ? 5.575   -1.214  11.437  1.00 88.57  ? 32 SER A CA  1 
ATOM 208 C C   . SER A 1 91  ? 6.791   -1.153  12.349  1.00 88.57  ? 32 SER A C   1 
ATOM 209 O O   . SER A 1 91  ? 6.732   -0.579  13.448  1.00 88.57  ? 32 SER A O   1 
ATOM 210 C CB  . SER A 1 91  ? 4.938   -2.597  11.467  1.00 88.57  ? 32 SER A CB  1 
ATOM 211 O OG  . SER A 1 91  ? 5.633   -3.466  10.587  1.00 88.57  ? 32 SER A OG  1 
ATOM 212 N N   . ILE A 1 92  ? 7.914   -1.718  11.896  1.00 90.76  ? 33 ILE A N   1 
ATOM 213 C CA  . ILE A 1 92  ? 9.127   -1.704  12.705  1.00 90.76  ? 33 ILE A CA  1 
ATOM 214 C C   . ILE A 1 92  ? 9.576   -0.275  12.958  1.00 90.76  ? 33 ILE A C   1 
ATOM 215 O O   . ILE A 1 92  ? 10.009  0.070   14.064  1.00 90.76  ? 33 ILE A O   1 
ATOM 216 C CB  . ILE A 1 92  ? 10.228  -2.532  12.023  1.00 90.76  ? 33 ILE A CB  1 
ATOM 217 C CG1 . ILE A 1 92  ? 9.892   -4.019  12.099  1.00 90.76  ? 33 ILE A CG1 1 
ATOM 218 C CG2 . ILE A 1 92  ? 11.571  -2.265  12.670  1.00 90.76  ? 33 ILE A CG2 1 
ATOM 219 C CD1 . ILE A 1 92  ? 10.835  -4.877  11.315  1.00 90.76  ? 33 ILE A CD1 1 
ATOM 220 N N   . PHE A 1 93  ? 9.469   0.583   11.944  1.00 93.75  ? 34 PHE A N   1 
ATOM 221 C CA  . PHE A 1 93  ? 9.883   1.965   12.127  1.00 93.75  ? 34 PHE A CA  1 
ATOM 222 C C   . PHE A 1 93  ? 8.919   2.713   13.038  1.00 93.75  ? 34 PHE A C   1 
ATOM 223 O O   . PHE A 1 93  ? 9.344   3.543   13.851  1.00 93.75  ? 34 PHE A O   1 
ATOM 224 C CB  . PHE A 1 93  ? 9.998   2.665   10.777  1.00 93.75  ? 34 PHE A CB  1 
ATOM 225 C CG  . PHE A 1 93  ? 10.807  3.908   10.838  1.00 93.75  ? 34 PHE A CG  1 
ATOM 226 C CD1 . PHE A 1 93  ? 10.326  5.024   11.492  1.00 93.75  ? 34 PHE A CD1 1 
ATOM 227 C CD2 . PHE A 1 93  ? 12.063  3.954   10.281  1.00 93.75  ? 34 PHE A CD2 1 
ATOM 228 C CE1 . PHE A 1 93  ? 11.070  6.159   11.583  1.00 93.75  ? 34 PHE A CE1 1 
ATOM 229 C CE2 . PHE A 1 93  ? 12.813  5.094   10.364  1.00 93.75  ? 34 PHE A CE2 1 
ATOM 230 C CZ  . PHE A 1 93  ? 12.312  6.199   11.019  1.00 93.75  ? 34 PHE A CZ  1 
ATOM 231 N N   . ALA A 1 94  ? 7.619   2.448   12.907  1.00 95.28  ? 35 ALA A N   1 
ATOM 232 C CA  . ALA A 1 94  ? 6.639   3.137   13.733  1.00 95.28  ? 35 ALA A CA  1 
ATOM 233 C C   . ALA A 1 94  ? 6.811   2.790   15.199  1.00 95.28  ? 35 ALA A C   1 
ATOM 234 O O   . ALA A 1 94  ? 6.566   3.635   16.065  1.00 95.28  ? 35 ALA A O   1 
ATOM 235 C CB  . ALA A 1 94  ? 5.226   2.794   13.272  1.00 95.28  ? 35 ALA A CB  1 
ATOM 236 N N   . THR A 1 95  ? 7.224   1.557   15.500  1.00 96.29  ? 36 THR A N   1 
ATOM 237 C CA  . THR A 1 95  ? 7.518   1.220   16.891  1.00 96.29  ? 36 THR A CA  1 
ATOM 238 C C   . THR A 1 95  ? 8.625   2.109   17.450  1.00 96.29  ? 36 THR A C   1 
ATOM 239 O O   . THR A 1 95  ? 8.496   2.661   18.553  1.00 96.29  ? 36 THR A O   1 
ATOM 240 C CB  . THR A 1 95  ? 7.905   -0.250  17.008  1.00 96.29  ? 36 THR A CB  1 
ATOM 241 O OG1 . THR A 1 95  ? 9.075   -0.500  16.217  1.00 96.29  ? 36 THR A OG1 1 
ATOM 242 C CG2 . THR A 1 95  ? 6.765   -1.141  16.545  1.00 96.29  ? 36 THR A CG2 1 
ATOM 243 N N   . ALA A 1 96  ? 9.714   2.276   16.694  1.00 97.34  ? 37 ALA A N   1 
ATOM 244 C CA  . ALA A 1 96  ? 10.809  3.126   17.151  1.00 97.34  ? 37 ALA A CA  1 
ATOM 245 C C   . ALA A 1 96  ? 10.359  4.575   17.279  1.00 97.34  ? 37 ALA A C   1 
ATOM 246 O O   . ALA A 1 96  ? 10.735  5.270   18.230  1.00 97.34  ? 37 ALA A O   1 
ATOM 247 C CB  . ALA A 1 96  ? 11.996  3.013   16.196  1.00 97.34  ? 37 ALA A CB  1 
ATOM 248 N N   . THR A 1 97  ? 9.552   5.043   16.329  1.00 101.10 ? 38 THR A N   1 
ATOM 249 C CA  . THR A 1 97  ? 9.047   6.410   16.394  1.00 101.10 ? 38 THR A CA  1 
ATOM 250 C C   . THR A 1 97  ? 8.211   6.618   17.648  1.00 101.10 ? 38 THR A C   1 
ATOM 251 O O   . THR A 1 97  ? 8.355   7.625   18.347  1.00 101.10 ? 38 THR A O   1 
ATOM 252 C CB  . THR A 1 97  ? 8.229   6.728   15.145  1.00 101.10 ? 38 THR A CB  1 
ATOM 253 O OG1 . THR A 1 97  ? 8.897   6.204   13.993  1.00 101.10 ? 38 THR A OG1 1 
ATOM 254 C CG2 . THR A 1 97  ? 8.077   8.227   14.993  1.00 101.10 ? 38 THR A CG2 1 
ATOM 255 N N   . ALA A 1 98  ? 7.331   5.665   17.953  1.00 101.74 ? 39 ALA A N   1 
ATOM 256 C CA  . ALA A 1 98  ? 6.537   5.760   19.170  1.00 101.74 ? 39 ALA A CA  1 
ATOM 257 C C   . ALA A 1 98  ? 7.425   5.781   20.404  1.00 101.74 ? 39 ALA A C   1 
ATOM 258 O O   . ALA A 1 98  ? 7.175   6.542   21.346  1.00 101.74 ? 39 ALA A O   1 
ATOM 259 C CB  . ALA A 1 98  ? 5.547   4.600   19.238  1.00 101.74 ? 39 ALA A CB  1 
ATOM 260 N N   . SER A 1 99  ? 8.474   4.958   20.414  1.00 105.01 ? 40 SER A N   1 
ATOM 261 C CA  . SER A 1 99  ? 9.344   4.912   21.585  1.00 105.01 ? 40 SER A CA  1 
ATOM 262 C C   . SER A 1 99  ? 10.088  6.227   21.775  1.00 105.01 ? 40 SER A C   1 
ATOM 263 O O   . SER A 1 99  ? 10.273  6.685   22.908  1.00 105.01 ? 40 SER A O   1 
ATOM 264 C CB  . SER A 1 99  ? 10.333  3.758   21.462  1.00 105.01 ? 40 SER A CB  1 
ATOM 265 O OG  . SER A 1 99  ? 10.938  3.748   20.185  1.00 105.01 ? 40 SER A OG  1 
ATOM 266 N N   . ALA A 1 100 ? 10.522  6.851   20.680  1.00 101.87 ? 41 ALA A N   1 
ATOM 267 C CA  . ALA A 1 100 ? 11.374  8.032   20.792  1.00 101.87 ? 41 ALA A CA  1 
ATOM 268 C C   . ALA A 1 100 ? 10.615  9.223   21.366  1.00 101.87 ? 41 ALA A C   1 
ATOM 269 O O   . ALA A 1 100 ? 11.067  9.849   22.331  1.00 101.87 ? 41 ALA A O   1 
ATOM 270 C CB  . ALA A 1 100 ? 11.966  8.378   19.428  1.00 101.87 ? 41 ALA A CB  1 
ATOM 271 N N   . ILE A 1 101 ? 9.463   9.557   20.785  1.00 105.54 ? 42 ILE A N   1 
ATOM 272 C CA  . ILE A 1 101 ? 8.717   10.733  21.217  1.00 105.54 ? 42 ILE A CA  1 
ATOM 273 C C   . ILE A 1 101 ? 8.045   10.455  22.554  1.00 105.54 ? 42 ILE A C   1 
ATOM 274 O O   . ILE A 1 101 ? 7.489   9.372   22.775  1.00 105.54 ? 42 ILE A O   1 
ATOM 275 C CB  . ILE A 1 101 ? 7.688   11.139  20.153  1.00 105.54 ? 42 ILE A CB  1 
ATOM 276 C CG1 . ILE A 1 101 ? 8.385   11.646  18.896  1.00 105.54 ? 42 ILE A CG1 1 
ATOM 277 C CG2 . ILE A 1 101 ? 6.744   12.207  20.688  1.00 105.54 ? 42 ILE A CG2 1 
ATOM 278 C CD1 . ILE A 1 101 ? 8.599   10.606  17.837  1.00 105.54 ? 42 ILE A CD1 1 
ATOM 279 N N   . SER A 1 102 ? 8.098   11.432  23.453  1.00 114.80 ? 43 SER A N   1 
ATOM 280 C CA  . SER A 1 102 ? 7.420   11.375  24.740  1.00 114.80 ? 43 SER A CA  1 
ATOM 281 C C   . SER A 1 102 ? 6.234   12.334  24.743  1.00 114.80 ? 43 SER A C   1 
ATOM 282 O O   . SER A 1 102 ? 5.969   13.037  23.766  1.00 114.80 ? 43 SER A O   1 
ATOM 283 C CB  . SER A 1 102 ? 8.395   11.700  25.871  1.00 114.80 ? 43 SER A CB  1 
ATOM 284 O OG  . SER A 1 102 ? 9.173   12.839  25.551  1.00 114.80 ? 43 SER A OG  1 
ATOM 285 N N   . ASN A 1 103 ? 5.512   12.356  25.863  1.00 126.34 ? 44 ASN A N   1 
ATOM 286 C CA  . ASN A 1 103 ? 4.393   13.274  26.060  1.00 126.34 ? 44 ASN A CA  1 
ATOM 287 C C   . ASN A 1 103 ? 4.753   14.228  27.187  1.00 126.34 ? 44 ASN A C   1 
ATOM 288 O O   . ASN A 1 103 ? 4.639   13.863  28.365  1.00 126.34 ? 44 ASN A O   1 
ATOM 289 C CB  . ASN A 1 103 ? 3.101   12.523  26.396  1.00 126.34 ? 44 ASN A CB  1 
ATOM 290 C CG  . ASN A 1 103 ? 3.081   11.111  25.856  1.00 126.34 ? 44 ASN A CG  1 
ATOM 291 O OD1 . ASN A 1 103 ? 2.747   10.173  26.578  1.00 126.34 ? 44 ASN A OD1 1 
ATOM 292 N ND2 . ASN A 1 103 ? 3.407   10.952  24.579  1.00 126.34 ? 44 ASN A ND2 1 
ATOM 293 N N   . PRO A 1 104 ? 5.193   15.448  26.891  1.00 125.53 ? 45 PRO A N   1 
ATOM 294 C CA  . PRO A 1 104 ? 5.708   16.324  27.953  1.00 125.53 ? 45 PRO A CA  1 
ATOM 295 C C   . PRO A 1 104 ? 4.670   16.691  29.000  1.00 125.53 ? 45 PRO A C   1 
ATOM 296 O O   . PRO A 1 104 ? 4.864   16.425  30.190  1.00 125.53 ? 45 PRO A O   1 
ATOM 297 C CB  . PRO A 1 104 ? 6.178   17.565  27.184  1.00 125.53 ? 45 PRO A CB  1 
ATOM 298 C CG  . PRO A 1 104 ? 6.325   17.110  25.771  1.00 125.53 ? 45 PRO A CG  1 
ATOM 299 C CD  . PRO A 1 104 ? 5.262   16.088  25.570  1.00 125.53 ? 45 PRO A CD  1 
ATOM 300 N N   . SER A 1 105 ? 3.562   17.283  28.563  1.00 116.07 ? 46 SER A N   1 
ATOM 301 C CA  . SER A 1 105 ? 2.511   17.758  29.452  1.00 116.07 ? 46 SER A CA  1 
ATOM 302 C C   . SER A 1 105 ? 1.355   18.295  28.622  1.00 116.07 ? 46 SER A C   1 
ATOM 303 O O   . SER A 1 105 ? 1.559   18.722  27.483  1.00 116.07 ? 46 SER A O   1 
ATOM 304 C CB  . SER A 1 105 ? 3.034   18.849  30.390  1.00 116.07 ? 46 SER A CB  1 
ATOM 305 O OG  . SER A 1 105 ? 1.976   19.455  31.110  1.00 116.07 ? 46 SER A OG  1 
ATOM 306 N N   . PRO A 1 106 ? 0.139   18.287  29.144  1.00 113.29 ? 47 PRO A N   1 
ATOM 307 C CA  . PRO A 1 106 ? -0.990  18.886  28.403  1.00 113.29 ? 47 PRO A CA  1 
ATOM 308 C C   . PRO A 1 106 ? -1.145  20.382  28.667  1.00 113.29 ? 47 PRO A C   1 
ATOM 309 O O   . PRO A 1 106 ? -1.981  20.834  29.457  1.00 113.29 ? 47 PRO A O   1 
ATOM 310 C CB  . PRO A 1 106 ? -2.184  18.082  28.917  1.00 113.29 ? 47 PRO A CB  1 
ATOM 311 C CG  . PRO A 1 106 ? -1.800  17.698  30.301  1.00 113.29 ? 47 PRO A CG  1 
ATOM 312 C CD  . PRO A 1 106 ? -0.314  17.478  30.287  1.00 113.29 ? 47 PRO A CD  1 
ATOM 313 N N   . GLY A 1 107 ? -0.323  21.191  28.000  1.00 109.68 ? 48 GLY A N   1 
ATOM 314 C CA  . GLY A 1 107 ? -0.505  22.628  28.075  1.00 109.68 ? 48 GLY A CA  1 
ATOM 315 C C   . GLY A 1 107 ? 0.751   23.474  28.128  1.00 109.68 ? 48 GLY A C   1 
ATOM 316 O O   . GLY A 1 107 ? 0.663   24.704  28.139  1.00 109.68 ? 48 GLY A O   1 
ATOM 317 N N   . THR A 1 108 ? 1.920   22.846  28.166  1.00 102.44 ? 49 THR A N   1 
ATOM 318 C CA  . THR A 1 108 ? 3.172   23.584  28.158  1.00 102.44 ? 49 THR A CA  1 
ATOM 319 C C   . THR A 1 108 ? 3.649   23.804  26.725  1.00 102.44 ? 49 THR A C   1 
ATOM 320 O O   . THR A 1 108 ? 2.977   23.449  25.755  1.00 102.44 ? 49 THR A O   1 
ATOM 321 C CB  . THR A 1 108 ? 4.229   22.859  28.987  1.00 102.44 ? 49 THR A CB  1 
ATOM 322 O OG1 . THR A 1 108 ? 4.744   21.750  28.241  1.00 102.44 ? 49 THR A OG1 1 
ATOM 323 C CG2 . THR A 1 108 ? 3.628   22.363  30.290  1.00 102.44 ? 49 THR A CG2 1 
ATOM 324 N N   . LEU A 1 109 ? 4.837   24.397  26.591  1.00 94.44  ? 50 LEU A N   1 
ATOM 325 C CA  . LEU A 1 109 ? 5.319   24.807  25.277  1.00 94.44  ? 50 LEU A CA  1 
ATOM 326 C C   . LEU A 1 109 ? 5.540   23.614  24.358  1.00 94.44  ? 50 LEU A C   1 
ATOM 327 O O   . LEU A 1 109 ? 5.159   23.648  23.182  1.00 94.44  ? 50 LEU A O   1 
ATOM 328 C CB  . LEU A 1 109 ? 6.609   25.608  25.421  1.00 94.44  ? 50 LEU A CB  1 
ATOM 329 C CG  . LEU A 1 109 ? 7.079   26.297  24.145  1.00 94.44  ? 50 LEU A CG  1 
ATOM 330 C CD1 . LEU A 1 109 ? 5.987   27.201  23.619  1.00 94.44  ? 50 LEU A CD1 1 
ATOM 331 C CD2 . LEU A 1 109 ? 8.344   27.088  24.398  1.00 94.44  ? 50 LEU A CD2 1 
ATOM 332 N N   . ALA A 1 110 ? 6.156   22.550  24.873  1.00 90.89  ? 51 ALA A N   1 
ATOM 333 C CA  . ALA A 1 110 ? 6.485   21.413  24.023  1.00 90.89  ? 51 ALA A CA  1 
ATOM 334 C C   . ALA A 1 110 ? 5.230   20.766  23.454  1.00 90.89  ? 51 ALA A C   1 
ATOM 335 O O   . ALA A 1 110 ? 5.238   20.268  22.323  1.00 90.89  ? 51 ALA A O   1 
ATOM 336 C CB  . ALA A 1 110 ? 7.306   20.396  24.806  1.00 90.89  ? 51 ALA A CB  1 
ATOM 337 N N   . TYR A 1 111 ? 4.136   20.768  24.217  1.00 94.35  ? 52 TYR A N   1 
ATOM 338 C CA  . TYR A 1 111 ? 2.891   20.212  23.704  1.00 94.35  ? 52 TYR A CA  1 
ATOM 339 C C   . TYR A 1 111 ? 2.400   21.004  22.501  1.00 94.35  ? 52 TYR A C   1 
ATOM 340 O O   . TYR A 1 111 ? 2.054   20.430  21.461  1.00 94.35  ? 52 TYR A O   1 
ATOM 341 C CB  . TYR A 1 111 ? 1.829   20.191  24.798  1.00 94.35  ? 52 TYR A CB  1 
ATOM 342 C CG  . TYR A 1 111 ? 0.509   19.645  24.321  1.00 94.35  ? 52 TYR A CG  1 
ATOM 343 C CD1 . TYR A 1 111 ? 0.374   18.306  23.995  1.00 94.35  ? 52 TYR A CD1 1 
ATOM 344 C CD2 . TYR A 1 111 ? -0.597  20.467  24.185  1.00 94.35  ? 52 TYR A CD2 1 
ATOM 345 C CE1 . TYR A 1 111 ? -0.825  17.799  23.551  1.00 94.35  ? 52 TYR A CE1 1 
ATOM 346 C CE2 . TYR A 1 111 ? -1.802  19.968  23.741  1.00 94.35  ? 52 TYR A CE2 1 
ATOM 347 C CZ  . TYR A 1 111 ? -1.910  18.633  23.424  1.00 94.35  ? 52 TYR A CZ  1 
ATOM 348 O OH  . TYR A 1 111 ? -3.107  18.126  22.980  1.00 94.35  ? 52 TYR A OH  1 
ATOM 349 N N   . ASN A 1 112 ? 2.366   22.333  22.627  1.00 87.10  ? 53 ASN A N   1 
ATOM 350 C CA  . ASN A 1 112 ? 1.963   23.175  21.509  1.00 87.10  ? 53 ASN A CA  1 
ATOM 351 C C   . ASN A 1 112 ? 2.884   22.974  20.320  1.00 87.10  ? 53 ASN A C   1 
ATOM 352 O O   . ASN A 1 112 ? 2.446   23.022  19.165  1.00 87.10  ? 53 ASN A O   1 
ATOM 353 C CB  . ASN A 1 112 ? 1.963   24.641  21.937  1.00 87.10  ? 53 ASN A CB  1 
ATOM 354 C CG  . ASN A 1 112 ? 0.892   24.951  22.958  1.00 87.10  ? 53 ASN A CG  1 
ATOM 355 O OD1 . ASN A 1 112 ? -0.134  24.281  23.015  1.00 87.10  ? 53 ASN A OD1 1 
ATOM 356 N ND2 . ASN A 1 112 ? 1.126   25.971  23.774  1.00 87.10  ? 53 ASN A ND2 1 
ATOM 357 N N   . LEU A 1 113 ? 4.165   22.732  20.584  1.00 84.81  ? 54 LEU A N   1 
ATOM 358 C CA  . LEU A 1 113 ? 5.136   22.589  19.507  1.00 84.81  ? 54 LEU A CA  1 
ATOM 359 C C   . LEU A 1 113 ? 5.013   21.247  18.794  1.00 84.81  ? 54 LEU A C   1 
ATOM 360 O O   . LEU A 1 113 ? 5.330   21.154  17.604  1.00 84.81  ? 54 LEU A O   1 
ATOM 361 C CB  . LEU A 1 113 ? 6.547   22.760  20.067  1.00 84.81  ? 54 LEU A CB  1 
ATOM 362 C CG  . LEU A 1 113 ? 7.194   24.150  20.105  1.00 84.81  ? 54 LEU A CG  1 
ATOM 363 C CD1 . LEU A 1 113 ? 7.646   24.562  18.735  1.00 84.81  ? 54 LEU A CD1 1 
ATOM 364 C CD2 . LEU A 1 113 ? 6.247   25.186  20.661  1.00 84.81  ? 54 LEU A CD2 1 
ATOM 365 N N   . THR A 1 114 ? 4.569   20.200  19.495  1.00 86.38  ? 55 THR A N   1 
ATOM 366 C CA  . THR A 1 114 ? 4.649   18.846  18.960  1.00 86.38  ? 55 THR A CA  1 
ATOM 367 C C   . THR A 1 114 ? 3.320   18.224  18.556  1.00 86.38  ? 55 THR A C   1 
ATOM 368 O O   . THR A 1 114 ? 3.321   17.331  17.704  1.00 86.38  ? 55 THR A O   1 
ATOM 369 C CB  . THR A 1 114 ? 5.313   17.911  19.977  1.00 86.38  ? 55 THR A CB  1 
ATOM 370 O OG1 . THR A 1 114 ? 4.545   17.903  21.185  1.00 86.38  ? 55 THR A OG1 1 
ATOM 371 C CG2 . THR A 1 114 ? 6.724   18.368  20.280  1.00 86.38  ? 55 THR A CG2 1 
ATOM 372 N N   . HIS A 1 115 ? 2.202   18.650  19.140  1.00 88.08  ? 56 HIS A N   1 
ATOM 373 C CA  . HIS A 1 115 ? 0.937   17.953  18.914  1.00 88.08  ? 56 HIS A CA  1 
ATOM 374 C C   . HIS A 1 115 ? 0.514   17.897  17.447  1.00 88.08  ? 56 HIS A C   1 
ATOM 375 O O   . HIS A 1 115 ? 0.155   16.802  16.969  1.00 88.08  ? 56 HIS A O   1 
ATOM 376 C CB  . HIS A 1 115 ? -0.141  18.602  19.786  1.00 88.08  ? 56 HIS A CB  1 
ATOM 377 C CG  . HIS A 1 115 ? -1.353  17.753  19.981  1.00 88.08  ? 56 HIS A CG  1 
ATOM 378 N ND1 . HIS A 1 115 ? -1.328  16.573  20.690  1.00 88.08  ? 56 HIS A ND1 1 
ATOM 379 C CD2 . HIS A 1 115 ? -2.632  17.918  19.569  1.00 88.08  ? 56 HIS A CD2 1 
ATOM 380 C CE1 . HIS A 1 115 ? -2.537  16.043  20.701  1.00 88.08  ? 56 HIS A CE1 1 
ATOM 381 N NE2 . HIS A 1 115 ? -3.347  16.840  20.028  1.00 88.08  ? 56 HIS A NE2 1 
ATOM 382 N N   . PRO A 1 116 ? 0.523   18.993  16.684  1.00 82.29  ? 57 PRO A N   1 
ATOM 383 C CA  . PRO A 1 116 ? 0.061   18.897  15.292  1.00 82.29  ? 57 PRO A CA  1 
ATOM 384 C C   . PRO A 1 116 ? 0.885   17.953  14.437  1.00 82.29  ? 57 PRO A C   1 
ATOM 385 O O   . PRO A 1 116 ? 0.356   17.376  13.479  1.00 82.29  ? 57 PRO A O   1 
ATOM 386 C CB  . PRO A 1 116 ? 0.161   20.342  14.795  1.00 82.29  ? 57 PRO A CB  1 
ATOM 387 C CG  . PRO A 1 116 ? 0.111   21.164  16.023  1.00 82.29  ? 57 PRO A CG  1 
ATOM 388 C CD  . PRO A 1 116 ? 0.852   20.383  17.041  1.00 82.29  ? 57 PRO A CD  1 
ATOM 389 N N   . LEU A 1 117 ? 2.165   17.768  14.757  1.00 83.79  ? 58 LEU A N   1 
ATOM 390 C CA  . LEU A 1 117 ? 2.987   16.838  13.994  1.00 83.79  ? 58 LEU A CA  1 
ATOM 391 C C   . LEU A 1 117 ? 2.454   15.415  14.109  1.00 83.79  ? 58 LEU A C   1 
ATOM 392 O O   . LEU A 1 117 ? 2.272   14.719  13.100  1.00 83.79  ? 58 LEU A O   1 
ATOM 393 C CB  . LEU A 1 117 ? 4.430   16.916  14.477  1.00 83.79  ? 58 LEU A CB  1 
ATOM 394 C CG  . LEU A 1 117 ? 5.056   18.291  14.283  1.00 83.79  ? 58 LEU A CG  1 
ATOM 395 C CD1 . LEU A 1 117 ? 6.316   18.421  15.103  1.00 83.79  ? 58 LEU A CD1 1 
ATOM 396 C CD2 . LEU A 1 117 ? 5.351   18.508  12.817  1.00 83.79  ? 58 LEU A CD2 1 
ATOM 397 N N   . ILE A 1 118 ? 2.185   14.969  15.337  1.00 85.31  ? 59 ILE A N   1 
ATOM 398 C CA  . ILE A 1 118 ? 1.645   13.628  15.505  1.00 85.31  ? 59 ILE A CA  1 
ATOM 399 C C   . ILE A 1 118 ? 0.243   13.546  14.921  1.00 85.31  ? 59 ILE A C   1 
ATOM 400 O O   . ILE A 1 118 ? -0.171  12.485  14.435  1.00 85.31  ? 59 ILE A O   1 
ATOM 401 C CB  . ILE A 1 118 ? 1.681   13.216  16.988  1.00 85.31  ? 59 ILE A CB  1 
ATOM 402 C CG1 . ILE A 1 118 ? 0.499   13.810  17.750  1.00 85.31  ? 59 ILE A CG1 1 
ATOM 403 C CG2 . ILE A 1 118 ? 2.985   13.657  17.624  1.00 85.31  ? 59 ILE A CG2 1 
ATOM 404 C CD1 . ILE A 1 118 ? 0.335   13.259  19.142  1.00 85.31  ? 59 ILE A CD1 1 
ATOM 405 N N   . ASN A 1 119 ? -0.499  14.656  14.922  1.00 85.90  ? 60 ASN A N   1 
ATOM 406 C CA  . ASN A 1 119 ? -1.806  14.639  14.269  1.00 85.90  ? 60 ASN A CA  1 
ATOM 407 C C   . ASN A 1 119 ? -1.673  14.380  12.772  1.00 85.90  ? 60 ASN A C   1 
ATOM 408 O O   . ASN A 1 119 ? -2.435  13.590  12.195  1.00 85.90  ? 60 ASN A O   1 
ATOM 409 C CB  . ASN A 1 119 ? -2.536  15.949  14.534  1.00 85.90  ? 60 ASN A CB  1 
ATOM 410 C CG  . ASN A 1 119 ? -3.157  15.988  15.907  1.00 85.90  ? 60 ASN A CG  1 
ATOM 411 O OD1 . ASN A 1 119 ? -3.475  14.951  16.482  1.00 85.90  ? 60 ASN A OD1 1 
ATOM 412 N ND2 . ASN A 1 119 ? -3.329  17.187  16.448  1.00 85.90  ? 60 ASN A ND2 1 
ATOM 413 N N   . GLY A 1 120 ? -0.702  15.027  12.128  1.00 81.59  ? 61 GLY A N   1 
ATOM 414 C CA  . GLY A 1 120 ? -0.471  14.775  10.715  1.00 81.59  ? 61 GLY A CA  1 
ATOM 415 C C   . GLY A 1 120 ? -0.020  13.352  10.445  1.00 81.59  ? 61 GLY A C   1 
ATOM 416 O O   . GLY A 1 120 ? -0.447  12.724  9.465   1.00 81.59  ? 61 GLY A O   1 
ATOM 417 N N   . MET A 1 121 ? 0.861   12.832  11.303  1.00 82.91  ? 62 MET A N   1 
ATOM 418 C CA  . MET A 1 121 ? 1.237   11.424  11.233  1.00 82.91  ? 62 MET A CA  1 
ATOM 419 C C   . MET A 1 121 ? 0.001   10.535  11.197  1.00 82.91  ? 62 MET A C   1 
ATOM 420 O O   . MET A 1 121 ? -0.173  9.706   10.290  1.00 82.91  ? 62 MET A O   1 
ATOM 421 C CB  . MET A 1 121 ? 2.103   11.061  12.442  1.00 82.91  ? 62 MET A CB  1 
ATOM 422 C CG  . MET A 1 121 ? 3.399   11.837  12.573  1.00 82.91  ? 62 MET A CG  1 
ATOM 423 S SD  . MET A 1 121 ? 4.128   12.241  10.986  1.00 82.91  ? 62 MET A SD  1 
ATOM 424 C CE  . MET A 1 121 ? 4.792   10.635  10.564  1.00 82.91  ? 62 MET A CE  1 
ATOM 425 N N   . VAL A 1 122 ? -0.868  10.706  12.194  1.00 73.95  ? 63 VAL A N   1 
ATOM 426 C CA  . VAL A 1 122 ? -2.046  9.859   12.322  1.00 73.95  ? 63 VAL A CA  1 
ATOM 427 C C   . VAL A 1 122 ? -2.922  9.972   11.084  1.00 73.95  ? 63 VAL A C   1 
ATOM 428 O O   . VAL A 1 122 ? -3.415  8.966   10.563  1.00 73.95  ? 63 VAL A O   1 
ATOM 429 C CB  . VAL A 1 122 ? -2.814  10.226  13.603  1.00 73.95  ? 63 VAL A CB  1 
ATOM 430 C CG1 . VAL A 1 122 ? -4.197  9.611   13.592  1.00 73.95  ? 63 VAL A CG1 1 
ATOM 431 C CG2 . VAL A 1 122 ? -2.035  9.780   14.824  1.00 73.95  ? 63 VAL A CG2 1 
ATOM 432 N N   . SER A 1 123 ? -3.111  11.193  10.578  1.00 72.86  ? 64 SER A N   1 
ATOM 433 C CA  . SER A 1 123 ? -3.991  11.378  9.425   1.00 72.86  ? 64 SER A CA  1 
ATOM 434 C C   . SER A 1 123 ? -3.460  10.657  8.191   1.00 72.86  ? 64 SER A C   1 
ATOM 435 O O   . SER A 1 123 ? -4.187  9.893   7.543   1.00 72.86  ? 64 SER A O   1 
ATOM 436 C CB  . SER A 1 123 ? -4.178  12.864  9.139   1.00 72.86  ? 64 SER A CB  1 
ATOM 437 O OG  . SER A 1 123 ? -3.017  13.581  9.496   1.00 72.86  ? 64 SER A OG  1 
ATOM 438 N N   . PHE A 1 124 ? -2.192  10.889  7.841   1.00 67.89  ? 65 PHE A N   1 
ATOM 439 C CA  . PHE A 1 124 ? -1.642  10.231  6.657   1.00 67.89  ? 65 PHE A CA  1 
ATOM 440 C C   . PHE A 1 124 ? -1.718  8.711   6.781   1.00 67.89  ? 65 PHE A C   1 
ATOM 441 O O   . PHE A 1 124 ? -2.101  8.001   5.827   1.00 67.89  ? 65 PHE A O   1 
ATOM 442 C CB  . PHE A 1 124 ? -0.199  10.676  6.445   1.00 67.89  ? 65 PHE A CB  1 
ATOM 443 C CG  . PHE A 1 124 ? 0.316   10.403  5.070   1.00 67.89  ? 65 PHE A CG  1 
ATOM 444 C CD1 . PHE A 1 124 ? 0.293   11.383  4.106   1.00 67.89  ? 65 PHE A CD1 1 
ATOM 445 C CD2 . PHE A 1 124 ? 0.820   9.163   4.740   1.00 67.89  ? 65 PHE A CD2 1 
ATOM 446 C CE1 . PHE A 1 124 ? 0.768   11.133  2.840   1.00 67.89  ? 65 PHE A CE1 1 
ATOM 447 C CE2 . PHE A 1 124 ? 1.293   8.908   3.476   1.00 67.89  ? 65 PHE A CE2 1 
ATOM 448 C CZ  . PHE A 1 124 ? 1.268   9.892   2.525   1.00 67.89  ? 65 PHE A CZ  1 
ATOM 449 N N   . PHE A 1 125 ? -1.358  8.187   7.952   1.00 72.76  ? 66 PHE A N   1 
ATOM 450 C CA  . PHE A 1 125 ? -1.405  6.744   8.103   1.00 72.76  ? 66 PHE A CA  1 
ATOM 451 C C   . PHE A 1 125 ? -2.833  6.231   8.051   1.00 72.76  ? 66 PHE A C   1 
ATOM 452 O O   . PHE A 1 125 ? -3.061  5.092   7.636   1.00 72.76  ? 66 PHE A O   1 
ATOM 453 C CB  . PHE A 1 125 ? -0.692  6.347   9.386   1.00 72.76  ? 66 PHE A CB  1 
ATOM 454 C CG  . PHE A 1 125 ? 0.788   6.546   9.311   1.00 72.76  ? 66 PHE A CG  1 
ATOM 455 C CD1 . PHE A 1 125 ? 1.439   6.422   8.101   1.00 72.76  ? 66 PHE A CD1 1 
ATOM 456 C CD2 . PHE A 1 125 ? 1.519   6.901   10.421  1.00 72.76  ? 66 PHE A CD2 1 
ATOM 457 C CE1 . PHE A 1 125 ? 2.793   6.614   8.002   1.00 72.76  ? 66 PHE A CE1 1 
ATOM 458 C CE2 . PHE A 1 125 ? 2.879   7.099   10.323  1.00 72.76  ? 66 PHE A CE2 1 
ATOM 459 C CZ  . PHE A 1 125 ? 3.514   6.954   9.114   1.00 72.76  ? 66 PHE A CZ  1 
ATOM 460 N N   . SER A 1 126 ? -3.807  7.066   8.408   1.00 69.86  ? 67 SER A N   1 
ATOM 461 C CA  . SER A 1 126 ? -5.197  6.681   8.211   1.00 69.86  ? 67 SER A CA  1 
ATOM 462 C C   . SER A 1 126 ? -5.580  6.703   6.739   1.00 69.86  ? 67 SER A C   1 
ATOM 463 O O   . SER A 1 126 ? -6.519  6.012   6.336   1.00 69.86  ? 67 SER A O   1 
ATOM 464 C CB  . SER A 1 126 ? -6.116  7.602   9.009   1.00 69.86  ? 67 SER A CB  1 
ATOM 465 O OG  . SER A 1 126 ? -5.461  8.075   10.168  1.00 69.86  ? 67 SER A OG  1 
ATOM 466 N N   . PHE A 1 127 ? -4.882  7.496   5.930   1.00 71.09  ? 68 PHE A N   1 
ATOM 467 C CA  . PHE A 1 127 ? -5.164  7.472   4.496   1.00 71.09  ? 68 PHE A CA  1 
ATOM 468 C C   . PHE A 1 127 ? -4.626  6.221   3.814   1.00 71.09  ? 68 PHE A C   1 
ATOM 469 O O   . PHE A 1 127 ? -5.153  5.828   2.768   1.00 71.09  ? 68 PHE A O   1 
ATOM 470 C CB  . PHE A 1 127 ? -4.595  8.705   3.801   1.00 71.09  ? 68 PHE A CB  1 
ATOM 471 C CG  . PHE A 1 127 ? -5.379  9.950   4.050   1.00 71.09  ? 68 PHE A CG  1 
ATOM 472 C CD1 . PHE A 1 127 ? -6.576  10.166  3.396   1.00 71.09  ? 68 PHE A CD1 1 
ATOM 473 C CD2 . PHE A 1 127 ? -4.916  10.915  4.919   1.00 71.09  ? 68 PHE A CD2 1 
ATOM 474 C CE1 . PHE A 1 127 ? -7.302  11.311  3.626   1.00 71.09  ? 68 PHE A CE1 1 
ATOM 475 C CE2 . PHE A 1 127 ? -5.638  12.061  5.151   1.00 71.09  ? 68 PHE A CE2 1 
ATOM 476 C CZ  . PHE A 1 127 ? -6.831  12.261  4.502   1.00 71.09  ? 68 PHE A CZ  1 
ATOM 477 N N   . PHE A 1 128 ? -3.570  5.614   4.354   1.00 69.34  ? 69 PHE A N   1 
ATOM 478 C CA  . PHE A 1 128 ? -3.013  4.405   3.726   1.00 69.34  ? 69 PHE A CA  1 
ATOM 479 C C   . PHE A 1 128 ? -4.027  3.324   3.330   1.00 69.34  ? 69 PHE A C   1 
ATOM 480 O O   . PHE A 1 128 ? -3.935  2.817   2.195   1.00 69.34  ? 69 PHE A O   1 
ATOM 481 C CB  . PHE A 1 128 ? -1.937  3.767   4.615   1.00 69.34  ? 69 PHE A CB  1 
ATOM 482 C CG  . PHE A 1 128 ? -0.554  4.261   4.344   1.00 69.34  ? 69 PHE A CG  1 
ATOM 483 C CD1 . PHE A 1 128 ? 0.150   3.788   3.254   1.00 69.34  ? 69 PHE A CD1 1 
ATOM 484 C CD2 . PHE A 1 128 ? 0.054   5.173   5.182   1.00 69.34  ? 69 PHE A CD2 1 
ATOM 485 C CE1 . PHE A 1 128 ? 1.422   4.227   2.993   1.00 69.34  ? 69 PHE A CE1 1 
ATOM 486 C CE2 . PHE A 1 128 ? 1.329   5.615   4.926   1.00 69.34  ? 69 PHE A CE2 1 
ATOM 487 C CZ  . PHE A 1 128 ? 2.014   5.144   3.831   1.00 69.34  ? 69 PHE A CZ  1 
ATOM 488 N N   . PRO A 1 129 ? -4.970  2.899   4.191   1.00 66.93  ? 70 PRO A N   1 
ATOM 489 C CA  . PRO A 1 129 ? -5.812  1.737   3.838   1.00 66.93  ? 70 PRO A CA  1 
ATOM 490 C C   . PRO A 1 129 ? -6.534  1.843   2.505   1.00 66.93  ? 70 PRO A C   1 
ATOM 491 O O   . PRO A 1 129 ? -6.539  0.875   1.731   1.00 66.93  ? 70 PRO A O   1 
ATOM 492 C CB  . PRO A 1 129 ? -6.818  1.658   4.994   1.00 66.93  ? 70 PRO A CB  1 
ATOM 493 C CG  . PRO A 1 129 ? -6.326  2.539   6.051   1.00 66.93  ? 70 PRO A CG  1 
ATOM 494 C CD  . PRO A 1 129 ? -5.107  3.263   5.610   1.00 66.93  ? 70 PRO A CD  1 
ATOM 495 N N   . THR A 1 130 ? -7.162  2.983   2.213   1.00 69.14  ? 71 THR A N   1 
ATOM 496 C CA  . THR A 1 130 ? -7.889  3.099   0.956   1.00 69.14  ? 71 THR A CA  1 
ATOM 497 C C   . THR A 1 130 ? -6.948  3.086   -0.239  1.00 69.14  ? 71 THR A C   1 
ATOM 498 O O   . THR A 1 130 ? -7.317  2.590   -1.311  1.00 69.14  ? 71 THR A O   1 
ATOM 499 C CB  . THR A 1 130 ? -8.744  4.364   0.951   1.00 69.14  ? 71 THR A CB  1 
ATOM 500 O OG1 . THR A 1 130 ? -9.377  4.505   -0.325  1.00 69.14  ? 71 THR A OG1 1 
ATOM 501 C CG2 . THR A 1 130 ? -7.902  5.583   1.234   1.00 69.14  ? 71 THR A CG2 1 
ATOM 502 N N   . LEU A 1 131 ? -5.733  3.609   -0.072  1.00 65.29  ? 72 LEU A N   1 
ATOM 503 C CA  . LEU A 1 131 ? -4.724  3.478   -1.115  1.00 65.29  ? 72 LEU A CA  1 
ATOM 504 C C   . LEU A 1 131 ? -4.466  2.013   -1.421  1.00 65.29  ? 72 LEU A C   1 
ATOM 505 O O   . LEU A 1 131 ? -4.441  1.602   -2.589  1.00 65.29  ? 72 LEU A O   1 
ATOM 506 C CB  . LEU A 1 131 ? -3.434  4.166   -0.680  1.00 65.29  ? 72 LEU A CB  1 
ATOM 507 C CG  . LEU A 1 131 ? -3.507  5.674   -0.486  1.00 65.29  ? 72 LEU A CG  1 
ATOM 508 C CD1 . LEU A 1 131 ? -2.394  6.151   0.420   1.00 65.29  ? 72 LEU A CD1 1 
ATOM 509 C CD2 . LEU A 1 131 ? -3.415  6.356   -1.832  1.00 65.29  ? 72 LEU A CD2 1 
ATOM 510 N N   . TYR A 1 132 ? -4.289  1.205   -0.374  1.00 70.74  ? 73 TYR A N   1 
ATOM 511 C CA  . TYR A 1 132 ? -4.052  -0.219  -0.592  1.00 70.74  ? 73 TYR A CA  1 
ATOM 512 C C   . TYR A 1 132 ? -5.244  -0.882  -1.267  1.00 70.74  ? 73 TYR A C   1 
ATOM 513 O O   . TYR A 1 132 ? -5.076  -1.744  -2.138  1.00 70.74  ? 73 TYR A O   1 
ATOM 514 C CB  . TYR A 1 132 ? -3.731  -0.902  0.732   1.00 70.74  ? 73 TYR A CB  1 
ATOM 515 C CG  . TYR A 1 132 ? -2.281  -0.777  1.110   1.00 70.74  ? 73 TYR A CG  1 
ATOM 516 C CD1 . TYR A 1 132 ? -1.871  -0.944  2.420   1.00 70.74  ? 73 TYR A CD1 1 
ATOM 517 C CD2 . TYR A 1 132 ? -1.320  -0.503  0.152   1.00 70.74  ? 73 TYR A CD2 1 
ATOM 518 C CE1 . TYR A 1 132 ? -0.548  -0.826  2.767   1.00 70.74  ? 73 TYR A CE1 1 
ATOM 519 C CE2 . TYR A 1 132 ? 0.006   -0.387  0.488   1.00 70.74  ? 73 TYR A CE2 1 
ATOM 520 C CZ  . TYR A 1 132 ? 0.387   -0.549  1.797   1.00 70.74  ? 73 TYR A CZ  1 
ATOM 521 O OH  . TYR A 1 132 ? 1.711   -0.435  2.141   1.00 70.74  ? 73 TYR A OH  1 
ATOM 522 N N   . VAL A 1 133 ? -6.457  -0.486  -0.885  1.00 67.89  ? 74 VAL A N   1 
ATOM 523 C CA  . VAL A 1 133 ? -7.652  -1.096  -1.463  1.00 67.89  ? 74 VAL A CA  1 
ATOM 524 C C   . VAL A 1 133 ? -7.737  -0.801  -2.957  1.00 67.89  ? 74 VAL A C   1 
ATOM 525 O O   . VAL A 1 133 ? -8.006  -1.692  -3.771  1.00 67.89  ? 74 VAL A O   1 
ATOM 526 C CB  . VAL A 1 133 ? -8.912  -0.622  -0.723  1.00 67.89  ? 74 VAL A CB  1 
ATOM 527 C CG1 . VAL A 1 133 ? -10.146 -1.114  -1.438  1.00 67.89  ? 74 VAL A CG1 1 
ATOM 528 C CG2 . VAL A 1 133 ? -8.895  -1.114  0.710   1.00 67.89  ? 74 VAL A CG2 1 
ATOM 529 N N   . LEU A 1 134 ? -7.513  0.459   -3.341  1.00 71.63  ? 75 LEU A N   1 
ATOM 530 C CA  . LEU A 1 134 ? -7.527  0.809   -4.761  1.00 71.63  ? 75 LEU A CA  1 
ATOM 531 C C   . LEU A 1 134 ? -6.434  0.070   -5.522  1.00 71.63  ? 75 LEU A C   1 
ATOM 532 O O   . LEU A 1 134 ? -6.648  -0.401  -6.653  1.00 71.63  ? 75 LEU A O   1 
ATOM 533 C CB  . LEU A 1 134 ? -7.356  2.317   -4.931  1.00 71.63  ? 75 LEU A CB  1 
ATOM 534 C CG  . LEU A 1 134 ? -8.585  3.225   -4.945  1.00 71.63  ? 75 LEU A CG  1 
ATOM 535 C CD1 . LEU A 1 134 ? -9.445  2.898   -6.145  1.00 71.63  ? 75 LEU A CD1 1 
ATOM 536 C CD2 . LEU A 1 134 ? -9.384  3.106   -3.668  1.00 71.63  ? 75 LEU A CD2 1 
ATOM 537 N N   . LEU A 1 135 ? -5.246  -0.028  -4.921  1.00 72.96  ? 76 LEU A N   1 
ATOM 538 C CA  . LEU A 1 135 ? -4.160  -0.755  -5.559  1.00 72.96  ? 76 LEU A CA  1 
ATOM 539 C C   . LEU A 1 135 ? -4.554  -2.202  -5.807  1.00 72.96  ? 76 LEU A C   1 
ATOM 540 O O   . LEU A 1 135 ? -4.240  -2.770  -6.858  1.00 72.96  ? 76 LEU A O   1 
ATOM 541 C CB  . LEU A 1 135 ? -2.907  -0.671  -4.694  1.00 72.96  ? 76 LEU A CB  1 
ATOM 542 C CG  . LEU A 1 135 ? -1.599  -1.099  -5.346  1.00 72.96  ? 76 LEU A CG  1 
ATOM 543 C CD1 . LEU A 1 135 ? -1.314  -0.228  -6.548  1.00 72.96  ? 76 LEU A CD1 1 
ATOM 544 C CD2 . LEU A 1 135 ? -0.476  -1.003  -4.341  1.00 72.96  ? 76 LEU A CD2 1 
ATOM 545 N N   . GLY A 1 136 ? -5.259  -2.810  -4.855  1.00 72.24  ? 77 GLY A N   1 
ATOM 546 C CA  . GLY A 1 136 ? -5.751  -4.159  -5.070  1.00 72.24  ? 77 GLY A CA  1 
ATOM 547 C C   . GLY A 1 136 ? -6.784  -4.231  -6.176  1.00 72.24  ? 77 GLY A C   1 
ATOM 548 O O   . GLY A 1 136 ? -6.772  -5.158  -6.989  1.00 72.24  ? 77 GLY A O   1 
ATOM 549 N N   . VAL A 1 137 ? -7.680  -3.243  -6.234  1.00 68.83  ? 78 VAL A N   1 
ATOM 550 C CA  . VAL A 1 137 ? -8.732  -3.236  -7.248  1.00 68.83  ? 78 VAL A CA  1 
ATOM 551 C C   . VAL A 1 137 ? -8.148  -3.183  -8.654  1.00 68.83  ? 78 VAL A C   1 
ATOM 552 O O   . VAL A 1 137 ? -8.716  -3.753  -9.594  1.00 68.83  ? 78 VAL A O   1 
ATOM 553 C CB  . VAL A 1 137 ? -9.695  -2.060  -6.993  1.00 68.83  ? 78 VAL A CB  1 
ATOM 554 C CG1 . VAL A 1 137 ? -10.685 -1.921  -8.127  1.00 68.83  ? 78 VAL A CG1 1 
ATOM 555 C CG2 . VAL A 1 137 ? -10.430 -2.263  -5.686  1.00 68.83  ? 78 VAL A CG2 1 
ATOM 556 N N   . THR A 1 138 ? -7.009  -2.510  -8.822  1.00 70.24  ? 79 THR A N   1 
ATOM 557 C CA  . THR A 1 138 ? -6.436  -2.340  -10.160 1.00 70.24  ? 79 THR A CA  1 
ATOM 558 C C   . THR A 1 138 ? -6.169  -3.680  -10.857 1.00 70.24  ? 79 THR A C   1 
ATOM 559 O O   . THR A 1 138 ? -6.330  -3.802  -12.085 1.00 70.24  ? 79 THR A O   1 
ATOM 560 C CB  . THR A 1 138 ? -5.149  -1.529  -10.058 1.00 70.24  ? 79 THR A CB  1 
ATOM 561 O OG1 . THR A 1 138 ? -5.373  -0.376  -9.237  1.00 70.24  ? 79 THR A OG1 1 
ATOM 562 C CG2 . THR A 1 138 ? -4.699  -1.083  -11.427 1.00 70.24  ? 79 THR A CG2 1 
ATOM 563 N N   . GLY A 1 139 ? -5.756  -4.696  -10.095 1.00 68.37  ? 80 GLY A N   1 
ATOM 564 C CA  . GLY A 1 139 ? -5.401  -5.967  -10.702 1.00 68.37  ? 80 GLY A CA  1 
ATOM 565 C C   . GLY A 1 139 ? -6.574  -6.682  -11.339 1.00 68.37  ? 80 GLY A C   1 
ATOM 566 O O   . GLY A 1 139 ? -6.423  -7.308  -12.396 1.00 68.37  ? 80 GLY A O   1 
ATOM 567 N N   . ILE A 1 140 ? -7.749  -6.608  -10.711 1.00 64.80  ? 81 ILE A N   1 
ATOM 568 C CA  . ILE A 1 140 ? -8.939  -7.221  -11.288 1.00 64.80  ? 81 ILE A CA  1 
ATOM 569 C C   . ILE A 1 140 ? -9.252  -6.590  -12.632 1.00 64.80  ? 81 ILE A C   1 
ATOM 570 O O   . ILE A 1 140 ? -9.616  -7.279  -13.593 1.00 64.80  ? 81 ILE A O   1 
ATOM 571 C CB  . ILE A 1 140 ? -10.121 -7.092  -10.315 1.00 64.80  ? 81 ILE A CB  1 
ATOM 572 C CG1 . ILE A 1 140 ? -9.813  -7.815  -9.007  1.00 64.80  ? 81 ILE A CG1 1 
ATOM 573 C CG2 . ILE A 1 140 ? -11.388 -7.647  -10.940 1.00 64.80  ? 81 ILE A CG2 1 
ATOM 574 C CD1 . ILE A 1 140 ? -10.717 -7.419  -7.869  1.00 64.80  ? 81 ILE A CD1 1 
ATOM 575 N N   . VAL A 1 141 ? -9.105  -5.266  -12.722 1.00 68.59  ? 82 VAL A N   1 
ATOM 576 C CA  . VAL A 1 141 ? -9.313  -4.575  -13.988 1.00 68.59  ? 82 VAL A CA  1 
ATOM 577 C C   . VAL A 1 141 ? -8.349  -5.101  -15.036 1.00 68.59  ? 82 VAL A C   1 
ATOM 578 O O   . VAL A 1 141 ? -8.737  -5.373  -16.179 1.00 68.59  ? 82 VAL A O   1 
ATOM 579 C CB  . VAL A 1 141 ? -9.150  -3.058  -13.796 1.00 68.59  ? 82 VAL A CB  1 
ATOM 580 C CG1 . VAL A 1 141 ? -9.257  -2.359  -15.132 1.00 68.59  ? 82 VAL A CG1 1 
ATOM 581 C CG2 . VAL A 1 141 ? -10.177 -2.531  -12.823 1.00 68.59  ? 82 VAL A CG2 1 
ATOM 582 N N   . LEU A 1 142 ? -7.076  -5.243  -14.663 1.00 73.65  ? 83 LEU A N   1 
ATOM 583 C CA  . LEU A 1 142 ? -6.092  -5.716  -15.634 1.00 73.65  ? 83 LEU A CA  1 
ATOM 584 C C   . LEU A 1 142 ? -6.424  -7.117  -16.137 1.00 73.65  ? 83 LEU A C   1 
ATOM 585 O O   . LEU A 1 142 ? -6.381  -7.383  -17.347 1.00 73.65  ? 83 LEU A O   1 
ATOM 586 C CB  . LEU A 1 142 ? -4.703  -5.680  -15.017 1.00 73.65  ? 83 LEU A CB  1 
ATOM 587 C CG  . LEU A 1 142 ? -4.074  -4.288  -14.977 1.00 73.65  ? 83 LEU A CG  1 
ATOM 588 C CD1 . LEU A 1 142 ? -2.870  -4.286  -14.067 1.00 73.65  ? 83 LEU A CD1 1 
ATOM 589 C CD2 . LEU A 1 142 ? -3.681  -3.847  -16.375 1.00 73.65  ? 83 LEU A CD2 1 
ATOM 590 N N   . ILE A 1 143 ? -6.766  -8.027  -15.225 1.00 72.20  ? 84 ILE A N   1 
ATOM 591 C CA  . ILE A 1 143 ? -7.042  -9.402  -15.634 1.00 72.20  ? 84 ILE A CA  1 
ATOM 592 C C   . ILE A 1 143 ? -8.287  -9.462  -16.508 1.00 72.20  ? 84 ILE A C   1 
ATOM 593 O O   . ILE A 1 143 ? -8.345  -10.216 -17.489 1.00 72.20  ? 84 ILE A O   1 
ATOM 594 C CB  . ILE A 1 143 ? -7.179  -10.311 -14.404 1.00 72.20  ? 84 ILE A CB  1 
ATOM 595 C CG1 . ILE A 1 143 ? -5.846  -10.416 -13.681 1.00 72.20  ? 84 ILE A CG1 1 
ATOM 596 C CG2 . ILE A 1 143 ? -7.643  -11.689 -14.818 1.00 72.20  ? 84 ILE A CG2 1 
ATOM 597 C CD1 . ILE A 1 143 ? -5.943  -11.140 -12.375 1.00 72.20  ? 84 ILE A CD1 1 
ATOM 598 N N   . ALA A 1 144 ? -9.307  -8.673  -16.165 1.00 72.90  ? 85 ALA A N   1 
ATOM 599 C CA  . ALA A 1 144 ? -10.523 -8.650  -16.965 1.00 72.90  ? 85 ALA A CA  1 
ATOM 600 C C   . ALA A 1 144 ? -10.254 -8.113  -18.363 1.00 72.90  ? 85 ALA A C   1 
ATOM 601 O O   . ALA A 1 144 ? -10.794 -8.626  -19.353 1.00 72.90  ? 85 ALA A O   1 
ATOM 602 C CB  . ALA A 1 144 ? -11.577 -7.806  -16.260 1.00 72.90  ? 85 ALA A CB  1 
ATOM 603 N N   . ALA A 1 145 ? -9.430  -7.068  -18.460 1.00 76.89  ? 86 ALA A N   1 
ATOM 604 C CA  . ALA A 1 145 ? -9.048  -6.551  -19.765 1.00 76.89  ? 86 ALA A CA  1 
ATOM 605 C C   . ALA A 1 145 ? -8.346  -7.621  -20.582 1.00 76.89  ? 86 ALA A C   1 
ATOM 606 O O   . ALA A 1 145 ? -8.580  -7.750  -21.790 1.00 76.89  ? 86 ALA A O   1 
ATOM 607 C CB  . ALA A 1 145 ? -8.148  -5.331  -19.596 1.00 76.89  ? 86 ALA A CB  1 
ATOM 608 N N   . GLY A 1 146 ? -7.487  -8.404  -19.930 1.00 83.19  ? 87 GLY A N   1 
ATOM 609 C CA  . GLY A 1 146 ? -6.837  -9.501  -20.627 1.00 83.19  ? 87 GLY A CA  1 
ATOM 610 C C   . GLY A 1 146 ? -7.825  -10.529 -21.142 1.00 83.19  ? 87 GLY A C   1 
ATOM 611 O O   . GLY A 1 146 ? -7.708  -11.007 -22.275 1.00 83.19  ? 87 GLY A O   1 
ATOM 612 N N   . ILE A 1 147 ? -8.810  -10.884 -20.318 1.00 78.71  ? 88 ILE A N   1 
ATOM 613 C CA  . ILE A 1 147 ? -9.812  -11.866 -20.733 1.00 78.71  ? 88 ILE A CA  1 
ATOM 614 C C   . ILE A 1 147 ? -10.574 -11.360 -21.951 1.00 78.71  ? 88 ILE A C   1 
ATOM 615 O O   . ILE A 1 147 ? -10.802 -12.095 -22.922 1.00 78.71  ? 88 ILE A O   1 
ATOM 616 C CB  . ILE A 1 147 ? -10.766 -12.182 -19.570 1.00 78.71  ? 88 ILE A CB  1 
ATOM 617 C CG1 . ILE A 1 147 ? -10.048 -12.982 -18.492 1.00 78.71  ? 88 ILE A CG1 1 
ATOM 618 C CG2 . ILE A 1 147 ? -11.959 -12.962 -20.069 1.00 78.71  ? 88 ILE A CG2 1 
ATOM 619 C CD1 . ILE A 1 147 ? -10.889 -13.211 -17.268 1.00 78.71  ? 88 ILE A CD1 1 
ATOM 620 N N   . ILE A 1 148 ? -10.983 -10.091 -21.913 1.00 84.29  ? 89 ILE A N   1 
ATOM 621 C CA  . ILE A 1 148 ? -11.728 -9.522  -23.033 1.00 84.29  ? 89 ILE A CA  1 
ATOM 622 C C   . ILE A 1 148 ? -10.871 -9.501  -24.289 1.00 84.29  ? 89 ILE A C   1 
ATOM 623 O O   . ILE A 1 148 ? -11.345 -9.821  -25.387 1.00 84.29  ? 89 ILE A O   1 
ATOM 624 C CB  . ILE A 1 148 ? -12.240 -8.116  -22.678 1.00 84.29  ? 89 ILE A CB  1 
ATOM 625 C CG1 . ILE A 1 148 ? -13.489 -8.209  -21.814 1.00 84.29  ? 89 ILE A CG1 1 
ATOM 626 C CG2 . ILE A 1 148 ? -12.521 -7.308  -23.926 1.00 84.29  ? 89 ILE A CG2 1 
ATOM 627 C CD1 . ILE A 1 148 ? -13.922 -6.881  -21.297 1.00 84.29  ? 89 ILE A CD1 1 
ATOM 628 N N   . SER A 1 149 ? -9.600  -9.123  -24.151 1.00 85.63  ? 90 SER A N   1 
ATOM 629 C CA  . SER A 1 149 ? -8.717  -9.086  -25.310 1.00 85.63  ? 90 SER A CA  1 
ATOM 630 C C   . SER A 1 149 ? -8.529  -10.474 -25.901 1.00 85.63  ? 90 SER A C   1 
ATOM 631 O O   . SER A 1 149 ? -8.442  -10.627 -27.122 1.00 85.63  ? 90 SER A O   1 
ATOM 632 C CB  . SER A 1 149 ? -7.372  -8.480  -24.923 1.00 85.63  ? 90 SER A CB  1 
ATOM 633 O OG  . SER A 1 149 ? -6.928  -9.001  -23.686 1.00 85.63  ? 90 SER A OG  1 
ATOM 634 N N   . ILE A 1 150 ? -8.460  -11.498 -25.054 1.00 88.08  ? 91 ILE A N   1 
ATOM 635 C CA  . ILE A 1 150 ? -8.363  -12.864 -25.563 1.00 88.08  ? 91 ILE A CA  1 
ATOM 636 C C   . ILE A 1 150 ? -9.613  -13.216 -26.357 1.00 88.08  ? 91 ILE A C   1 
ATOM 637 O O   . ILE A 1 150 ? -9.537  -13.679 -27.504 1.00 88.08  ? 91 ILE A O   1 
ATOM 638 C CB  . ILE A 1 150 ? -8.138  -13.855 -24.409 1.00 88.08  ? 91 ILE A CB  1 
ATOM 639 C CG1 . ILE A 1 150 ? -6.670  -13.870 -23.999 1.00 88.08  ? 91 ILE A CG1 1 
ATOM 640 C CG2 . ILE A 1 150 ? -8.574  -15.249 -24.815 1.00 88.08  ? 91 ILE A CG2 1 
ATOM 641 C CD1 . ILE A 1 150 ? -6.393  -14.753 -22.814 1.00 88.08  ? 91 ILE A CD1 1 
ATOM 642 N N   . ILE A 1 151 ? -10.785 -12.984 -25.760 1.00 88.00  ? 92 ILE A N   1 
ATOM 643 C CA  . ILE A 1 151 ? -12.033 -13.401 -26.391 1.00 88.00  ? 92 ILE A CA  1 
ATOM 644 C C   . ILE A 1 151 ? -12.254 -12.663 -27.702 1.00 88.00  ? 92 ILE A C   1 
ATOM 645 O O   . ILE A 1 151 ? -12.823 -13.219 -28.648 1.00 88.00  ? 92 ILE A O   1 
ATOM 646 C CB  . ILE A 1 151 ? -13.215 -13.192 -25.427 1.00 88.00  ? 92 ILE A CB  1 
ATOM 647 C CG1 . ILE A 1 151 ? -13.127 -14.159 -24.255 1.00 88.00  ? 92 ILE A CG1 1 
ATOM 648 C CG2 . ILE A 1 151 ? -14.531 -13.414 -26.132 1.00 88.00  ? 92 ILE A CG2 1 
ATOM 649 C CD1 . ILE A 1 151 ? -14.128 -13.867 -23.177 1.00 88.00  ? 92 ILE A CD1 1 
ATOM 650 N N   . MET A 1 152 ? -11.796 -11.414 -27.792 1.00 102.55 ? 93 MET A N   1 
ATOM 651 C CA  . MET A 1 152 ? -12.126 -10.590 -28.950 1.00 102.55 ? 93 MET A CA  1 
ATOM 652 C C   . MET A 1 152 ? -11.612 -11.202 -30.249 1.00 102.55 ? 93 MET A C   1 
ATOM 653 O O   . MET A 1 152 ? -12.359 -11.316 -31.227 1.00 102.55 ? 93 MET A O   1 
ATOM 654 C CB  . MET A 1 152 ? -11.570 -9.180  -28.765 1.00 102.55 ? 93 MET A CB  1 
ATOM 655 C CG  . MET A 1 152 ? -12.439 -8.105  -29.383 1.00 102.55 ? 93 MET A CG  1 
ATOM 656 S SD  . MET A 1 152 ? -13.879 -7.727  -28.372 1.00 102.55 ? 93 MET A SD  1 
ATOM 657 C CE  . MET A 1 152 ? -13.261 -6.340  -27.425 1.00 102.55 ? 93 MET A CE  1 
ATOM 658 N N   . GLU A 1 153 ? -10.343 -11.607 -30.284 1.00 103.69 ? 94 GLU A N   1 
ATOM 659 C CA  . GLU A 1 153 ? -9.748  -12.083 -31.527 1.00 103.69 ? 94 GLU A CA  1 
ATOM 660 C C   . GLU A 1 153 ? -9.304  -13.537 -31.474 1.00 103.69 ? 94 GLU A C   1 
ATOM 661 O O   . GLU A 1 153 ? -8.679  -14.010 -32.429 1.00 103.69 ? 94 GLU A O   1 
ATOM 662 C CB  . GLU A 1 153 ? -8.559  -11.211 -31.932 1.00 103.69 ? 94 GLU A CB  1 
ATOM 663 C CG  . GLU A 1 153 ? -7.370  -11.339 -31.012 1.00 103.69 ? 94 GLU A CG  1 
ATOM 664 C CD  . GLU A 1 153 ? -7.432  -10.353 -29.876 1.00 103.69 ? 94 GLU A CD  1 
ATOM 665 O OE1 . GLU A 1 153 ? -8.510  -9.756  -29.672 1.00 103.69 ? 94 GLU A OE1 1 
ATOM 666 O OE2 . GLU A 1 153 ? -6.407  -10.170 -29.186 1.00 103.69 ? 94 GLU A OE2 1 
ATOM 667 N N   . LYS A 1 154 ? -9.610  -14.269 -30.402 1.00 99.37  ? 95 LYS A N   1 
ATOM 668 C CA  . LYS A 1 154 ? -9.373  -15.704 -30.462 1.00 99.37  ? 95 LYS A CA  1 
ATOM 669 C C   . LYS A 1 154 ? -10.378 -16.390 -31.377 1.00 99.37  ? 95 LYS A C   1 
ATOM 670 O O   . LYS A 1 154 ? -10.067 -17.429 -31.970 1.00 99.37  ? 95 LYS A O   1 
ATOM 671 C CB  . LYS A 1 154 ? -9.417  -16.307 -29.062 1.00 99.37  ? 95 LYS A CB  1 
ATOM 672 C CG  . LYS A 1 154 ? -8.069  -16.324 -28.363 1.00 99.37  ? 95 LYS A CG  1 
ATOM 673 C CD  . LYS A 1 154 ? -6.946  -16.642 -29.340 1.00 99.37  ? 95 LYS A CD  1 
ATOM 674 C CE  . LYS A 1 154 ? -5.598  -16.683 -28.641 1.00 99.37  ? 95 LYS A CE  1 
ATOM 675 N NZ  . LYS A 1 154 ? -4.476  -16.447 -29.589 1.00 99.37  ? 95 LYS A NZ  1 
ATOM 676 N N   . PHE A 1 155 ? -11.571 -15.822 -31.516 1.00 89.65  ? 96 PHE A N   1 
ATOM 677 C CA  . PHE A 1 155 ? -12.599 -16.370 -32.391 1.00 89.65  ? 96 PHE A CA  1 
ATOM 678 C C   . PHE A 1 155 ? -12.663 -15.595 -33.702 1.00 89.65  ? 96 PHE A C   1 
ATOM 679 O O   . PHE A 1 155 ? -13.400 -15.960 -34.617 1.00 89.65  ? 96 PHE A O   1 
ATOM 680 C CB  . PHE A 1 155 ? -13.957 -16.341 -31.699 1.00 89.65  ? 96 PHE A CB  1 
ATOM 681 C CG  . PHE A 1 155 ? -13.928 -16.849 -30.290 1.00 89.65  ? 96 PHE A CG  1 
ATOM 682 C CD1 . PHE A 1 155 ? -14.082 -18.195 -30.020 1.00 89.65  ? 96 PHE A CD1 1 
ATOM 683 C CD2 . PHE A 1 155 ? -13.739 -15.982 -29.233 1.00 89.65  ? 96 PHE A CD2 1 
ATOM 684 C CE1 . PHE A 1 155 ? -14.056 -18.660 -28.722 1.00 89.65  ? 96 PHE A CE1 1 
ATOM 685 C CE2 . PHE A 1 155 ? -13.709 -16.443 -27.936 1.00 89.65  ? 96 PHE A CE2 1 
ATOM 686 C CZ  . PHE A 1 155 ? -13.868 -17.785 -27.681 1.00 89.65  ? 96 PHE A CZ  1 
# 
